data_2DG1
#
_entry.id   2DG1
#
_cell.length_a   76.527
_cell.length_b   181.978
_cell.length_c   81.803
_cell.angle_alpha   90.00
_cell.angle_beta   115.41
_cell.angle_gamma   90.00
#
_symmetry.space_group_name_H-M   'P 1 21 1'
#
loop_
_entity.id
_entity.type
_entity.pdbx_description
1 polymer DrP35
2 non-polymer 'CALCIUM ION'
3 non-polymer GLYCEROL
4 water water
#
_entity_poly.entity_id   1
_entity_poly.type   'polypeptide(L)'
_entity_poly.pdbx_seq_one_letter_code
;MAMSQQDLPTLFYSGKSNSAVPIISESELQTITAEPWLEISKKGLQLEGLNFDRQGQLFLLDVFEGNIFKINPETKEIKR
PFVSHKANPAAIKIHKDGRLFVCYLGDFKSTGGIFAATENGDNLQDIIEDLSTAYCIDDMVFDSKGGFYFTDFRGYSTNP
LGGVYYVSPDFRTVTPIIQNISVANGIALSTDEKVLWVTETTANRLHRIALEDDGVTIQPFGATIPYYFTGHEGPDSCCI
DSDDNLYVAMYGQGRVLVFNKRGYPIGQILIPGRDEGHMLRSTHPQFIPGTNQLIICSNDIEMGGGSMLYTVNGFAKGHQ
SFQFQLEHHHHHH
;
_entity_poly.pdbx_strand_id   A,B,C,D,E,F
#
loop_
_chem_comp.id
_chem_comp.type
_chem_comp.name
_chem_comp.formula
CA non-polymer 'CALCIUM ION' 'Ca 2'
GOL non-polymer GLYCEROL 'C3 H8 O3'
#
# COMPACT_ATOMS: atom_id res chain seq x y z
N GLN A 6 -47.91 -50.44 12.63
CA GLN A 6 -46.80 -51.16 11.94
C GLN A 6 -47.22 -51.64 10.56
N ASP A 7 -48.27 -51.02 10.02
CA ASP A 7 -48.80 -51.36 8.70
C ASP A 7 -47.82 -50.91 7.61
N LEU A 8 -46.53 -50.95 7.94
CA LEU A 8 -45.48 -50.54 7.01
C LEU A 8 -45.23 -51.61 5.96
N PRO A 9 -44.67 -51.22 4.81
CA PRO A 9 -44.38 -52.19 3.75
C PRO A 9 -43.52 -53.25 4.42
N THR A 10 -43.77 -54.52 4.11
CA THR A 10 -43.04 -55.60 4.76
C THR A 10 -42.43 -56.64 3.83
N LEU A 11 -41.30 -57.19 4.24
CA LEU A 11 -40.61 -58.23 3.47
C LEU A 11 -40.95 -59.58 4.10
N PHE A 12 -41.41 -60.51 3.27
CA PHE A 12 -41.80 -61.83 3.73
C PHE A 12 -40.98 -62.94 3.08
N TYR A 13 -40.94 -64.10 3.73
CA TYR A 13 -40.21 -65.24 3.20
C TYR A 13 -41.11 -65.99 2.19
N SER A 14 -41.41 -65.33 1.08
CA SER A 14 -42.25 -65.91 0.05
C SER A 14 -41.44 -66.08 -1.23
N GLY A 15 -41.90 -66.95 -2.12
CA GLY A 15 -41.21 -67.18 -3.36
C GLY A 15 -39.72 -67.46 -3.20
N LYS A 16 -38.92 -66.93 -4.10
CA LYS A 16 -37.47 -67.15 -4.05
C LYS A 16 -36.78 -66.49 -2.87
N SER A 17 -37.50 -65.67 -2.10
CA SER A 17 -36.92 -65.04 -0.92
C SER A 17 -36.79 -66.08 0.18
N ASN A 18 -37.44 -67.24 -0.02
CA ASN A 18 -37.39 -68.31 0.97
C ASN A 18 -36.42 -69.42 0.61
N SER A 19 -35.72 -69.27 -0.53
CA SER A 19 -34.76 -70.28 -0.97
C SER A 19 -33.38 -70.02 -0.36
N ALA A 20 -32.62 -71.09 -0.15
CA ALA A 20 -31.28 -70.97 0.41
C ALA A 20 -30.32 -70.35 -0.61
N VAL A 21 -30.54 -70.69 -1.88
CA VAL A 21 -29.69 -70.22 -2.96
C VAL A 21 -30.50 -69.80 -4.20
N PRO A 22 -31.32 -68.75 -4.07
CA PRO A 22 -32.15 -68.28 -5.17
C PRO A 22 -31.40 -67.78 -6.40
N ILE A 23 -31.87 -68.21 -7.57
CA ILE A 23 -31.32 -67.79 -8.85
C ILE A 23 -32.29 -66.72 -9.31
N ILE A 24 -31.89 -65.46 -9.16
CA ILE A 24 -32.79 -64.38 -9.48
C ILE A 24 -32.06 -63.08 -9.86
N SER A 25 -32.76 -62.20 -10.56
CA SER A 25 -32.21 -60.91 -10.99
C SER A 25 -32.79 -59.81 -10.10
N GLU A 26 -32.10 -58.69 -10.00
CA GLU A 26 -32.57 -57.61 -9.13
C GLU A 26 -33.98 -57.11 -9.47
N SER A 27 -34.30 -57.05 -10.76
CA SER A 27 -35.61 -56.58 -11.18
C SER A 27 -36.74 -57.52 -10.73
N GLU A 28 -36.38 -58.78 -10.43
CA GLU A 28 -37.36 -59.78 -10.02
C GLU A 28 -37.44 -59.97 -8.50
N LEU A 29 -36.54 -59.33 -7.77
CA LEU A 29 -36.52 -59.44 -6.31
C LEU A 29 -37.81 -58.95 -5.66
N GLN A 30 -38.17 -59.55 -4.51
CA GLN A 30 -39.34 -59.11 -3.77
C GLN A 30 -38.99 -57.67 -3.44
N THR A 31 -39.82 -56.72 -3.89
CA THR A 31 -39.54 -55.31 -3.68
C THR A 31 -40.66 -54.52 -3.02
N ILE A 32 -40.27 -53.60 -2.14
CA ILE A 32 -41.23 -52.74 -1.45
C ILE A 32 -40.65 -51.33 -1.47
N THR A 33 -41.50 -50.33 -1.27
CA THR A 33 -41.05 -48.94 -1.24
C THR A 33 -41.17 -48.43 0.19
N ALA A 34 -40.08 -47.87 0.69
CA ALA A 34 -40.02 -47.35 2.05
C ALA A 34 -40.96 -46.17 2.26
N GLU A 35 -41.42 -46.02 3.50
CA GLU A 35 -42.33 -44.93 3.88
C GLU A 35 -41.55 -43.86 4.62
N PRO A 36 -41.91 -42.57 4.42
CA PRO A 36 -41.19 -41.51 5.13
C PRO A 36 -41.42 -41.71 6.62
N TRP A 37 -40.38 -41.53 7.43
CA TRP A 37 -40.53 -41.74 8.86
C TRP A 37 -40.27 -40.47 9.66
N LEU A 38 -39.20 -39.77 9.33
CA LEU A 38 -38.85 -38.54 10.03
C LEU A 38 -37.88 -37.69 9.24
N GLU A 39 -38.25 -36.43 9.01
CA GLU A 39 -37.38 -35.53 8.28
C GLU A 39 -36.43 -34.89 9.29
N ILE A 40 -35.13 -35.09 9.06
CA ILE A 40 -34.12 -34.54 9.96
C ILE A 40 -33.95 -33.05 9.69
N SER A 41 -34.09 -32.66 8.43
CA SER A 41 -33.94 -31.26 8.05
C SER A 41 -34.37 -31.03 6.61
N LYS A 42 -34.79 -29.81 6.31
CA LYS A 42 -35.20 -29.47 4.96
C LYS A 42 -33.97 -29.09 4.14
N LYS A 43 -32.84 -28.92 4.84
CA LYS A 43 -31.60 -28.60 4.16
C LYS A 43 -30.87 -29.91 3.88
N GLY A 44 -30.02 -29.91 2.85
CA GLY A 44 -29.30 -31.12 2.50
C GLY A 44 -28.16 -31.47 3.42
N LEU A 45 -28.26 -32.62 4.08
CA LEU A 45 -27.24 -33.10 5.00
C LEU A 45 -26.88 -34.54 4.62
N GLN A 46 -25.58 -34.84 4.60
CA GLN A 46 -25.13 -36.19 4.25
C GLN A 46 -25.33 -37.12 5.44
N LEU A 47 -26.56 -37.56 5.67
CA LEU A 47 -26.88 -38.45 6.78
C LEU A 47 -26.13 -39.78 6.71
N GLU A 48 -25.72 -40.28 7.87
CA GLU A 48 -25.00 -41.54 7.99
C GLU A 48 -24.90 -41.97 9.45
N GLY A 49 -24.36 -43.16 9.67
CA GLY A 49 -24.13 -43.66 11.02
C GLY A 49 -25.24 -44.00 11.98
N LEU A 50 -26.35 -44.56 11.48
CA LEU A 50 -27.46 -44.93 12.35
C LEU A 50 -27.02 -45.93 13.42
N ASN A 51 -27.46 -45.70 14.66
CA ASN A 51 -27.12 -46.61 15.75
C ASN A 51 -27.98 -46.30 16.96
N PHE A 52 -28.62 -47.32 17.53
CA PHE A 52 -29.47 -47.15 18.69
C PHE A 52 -28.75 -47.46 20.00
N ASP A 53 -29.03 -46.69 21.04
CA ASP A 53 -28.39 -46.93 22.32
C ASP A 53 -29.20 -47.97 23.11
N ARG A 54 -28.69 -48.36 24.27
CA ARG A 54 -29.33 -49.35 25.11
C ARG A 54 -30.78 -48.99 25.45
N GLN A 55 -31.10 -47.70 25.41
CA GLN A 55 -32.46 -47.27 25.74
C GLN A 55 -33.34 -47.12 24.50
N GLY A 56 -32.86 -47.63 23.37
CA GLY A 56 -33.62 -47.56 22.14
C GLY A 56 -33.70 -46.22 21.46
N GLN A 57 -32.82 -45.29 21.85
CA GLN A 57 -32.82 -43.97 21.22
C GLN A 57 -31.90 -44.00 20.00
N LEU A 58 -32.31 -43.32 18.94
CA LEU A 58 -31.53 -43.31 17.70
C LEU A 58 -30.49 -42.21 17.58
N PHE A 59 -29.27 -42.61 17.27
CA PHE A 59 -28.17 -41.67 17.08
C PHE A 59 -27.74 -41.76 15.63
N LEU A 60 -27.34 -40.63 15.06
CA LEU A 60 -26.87 -40.59 13.69
C LEU A 60 -26.10 -39.29 13.51
N LEU A 61 -25.61 -39.04 12.30
CA LEU A 61 -24.84 -37.84 12.04
C LEU A 61 -24.87 -37.47 10.56
N ASP A 62 -24.21 -36.38 10.22
CA ASP A 62 -24.11 -35.96 8.83
C ASP A 62 -22.62 -35.75 8.63
N VAL A 63 -22.12 -36.22 7.49
CA VAL A 63 -20.70 -36.17 7.19
C VAL A 63 -20.02 -34.80 7.08
N PHE A 64 -20.56 -33.97 6.20
CA PHE A 64 -19.96 -32.66 5.92
C PHE A 64 -20.00 -31.59 7.01
N GLU A 65 -21.02 -31.61 7.87
CA GLU A 65 -21.09 -30.63 8.96
C GLU A 65 -20.68 -31.28 10.28
N GLY A 66 -20.80 -32.60 10.35
CA GLY A 66 -20.41 -33.30 11.56
C GLY A 66 -21.37 -33.25 12.73
N ASN A 67 -22.63 -32.88 12.48
CA ASN A 67 -23.62 -32.81 13.54
C ASN A 67 -23.94 -34.21 14.05
N ILE A 68 -24.13 -34.33 15.36
CA ILE A 68 -24.50 -35.60 15.97
C ILE A 68 -25.95 -35.43 16.42
N PHE A 69 -26.83 -36.28 15.93
CA PHE A 69 -28.25 -36.20 16.27
C PHE A 69 -28.68 -37.36 17.16
N LYS A 70 -29.67 -37.09 18.02
CA LYS A 70 -30.24 -38.11 18.88
C LYS A 70 -31.75 -37.98 18.73
N ILE A 71 -32.38 -39.04 18.25
CA ILE A 71 -33.82 -39.04 18.01
C ILE A 71 -34.56 -39.98 18.94
N ASN A 72 -35.76 -39.54 19.35
CA ASN A 72 -36.62 -40.34 20.21
C ASN A 72 -37.59 -41.02 19.24
N PRO A 73 -37.45 -42.33 19.03
CA PRO A 73 -38.31 -43.09 18.11
C PRO A 73 -39.81 -42.90 18.35
N GLU A 74 -40.20 -42.79 19.63
CA GLU A 74 -41.60 -42.62 19.98
C GLU A 74 -42.14 -41.22 19.69
N THR A 75 -41.54 -40.22 20.34
CA THR A 75 -41.96 -38.83 20.18
C THR A 75 -41.48 -38.16 18.91
N LYS A 76 -40.41 -38.69 18.31
CA LYS A 76 -39.84 -38.13 17.08
C LYS A 76 -39.06 -36.86 17.37
N GLU A 77 -38.76 -36.60 18.64
CA GLU A 77 -38.01 -35.41 19.01
C GLU A 77 -36.57 -35.52 18.54
N ILE A 78 -36.06 -34.46 17.92
CA ILE A 78 -34.69 -34.45 17.43
C ILE A 78 -33.81 -33.52 18.26
N LYS A 79 -32.69 -34.04 18.73
CA LYS A 79 -31.74 -33.26 19.52
C LYS A 79 -30.40 -33.30 18.81
N ARG A 80 -29.58 -32.27 19.03
CA ARG A 80 -28.25 -32.20 18.44
C ARG A 80 -27.30 -31.93 19.60
N PRO A 81 -26.98 -32.99 20.37
CA PRO A 81 -26.08 -32.94 21.53
C PRO A 81 -24.73 -32.29 21.29
N PHE A 82 -24.01 -32.72 20.25
CA PHE A 82 -22.73 -32.12 19.96
C PHE A 82 -22.34 -32.21 18.49
N VAL A 83 -21.18 -31.66 18.17
CA VAL A 83 -20.68 -31.67 16.79
C VAL A 83 -19.28 -32.26 16.79
N SER A 84 -19.00 -33.11 15.81
CA SER A 84 -17.71 -33.76 15.69
C SER A 84 -16.57 -32.74 15.56
N HIS A 85 -15.51 -32.95 16.33
CA HIS A 85 -14.35 -32.06 16.29
C HIS A 85 -13.39 -32.58 15.21
N LYS A 86 -13.73 -33.74 14.64
CA LYS A 86 -12.93 -34.36 13.59
C LYS A 86 -13.71 -34.27 12.29
N ALA A 87 -13.00 -34.01 11.20
CA ALA A 87 -13.63 -33.86 9.89
C ALA A 87 -14.23 -35.11 9.26
N ASN A 88 -15.39 -34.91 8.64
CA ASN A 88 -16.11 -35.96 7.93
C ASN A 88 -16.37 -37.29 8.64
N PRO A 89 -17.08 -37.25 9.77
CA PRO A 89 -17.39 -38.49 10.50
C PRO A 89 -18.40 -39.23 9.63
N ALA A 90 -18.36 -40.55 9.63
CA ALA A 90 -19.27 -41.32 8.78
C ALA A 90 -20.07 -42.42 9.48
N ALA A 91 -19.73 -42.73 10.71
CA ALA A 91 -20.46 -43.77 11.43
C ALA A 91 -20.37 -43.65 12.94
N ILE A 92 -21.41 -44.16 13.60
CA ILE A 92 -21.47 -44.16 15.05
C ILE A 92 -21.79 -45.58 15.50
N LYS A 93 -20.92 -46.15 16.32
CA LYS A 93 -21.14 -47.48 16.86
C LYS A 93 -21.01 -47.33 18.37
N ILE A 94 -22.09 -47.67 19.08
CA ILE A 94 -22.10 -47.53 20.53
C ILE A 94 -21.49 -48.74 21.22
N HIS A 95 -20.65 -48.45 22.22
CA HIS A 95 -19.97 -49.49 22.98
C HIS A 95 -20.92 -50.04 24.05
N LYS A 96 -20.57 -51.20 24.57
CA LYS A 96 -21.37 -51.82 25.61
C LYS A 96 -21.43 -50.89 26.83
N ASP A 97 -20.36 -50.11 27.02
CA ASP A 97 -20.31 -49.19 28.17
C ASP A 97 -21.00 -47.84 27.93
N GLY A 98 -21.70 -47.72 26.81
CA GLY A 98 -22.42 -46.49 26.53
C GLY A 98 -21.72 -45.43 25.70
N ARG A 99 -20.40 -45.53 25.56
CA ARG A 99 -19.65 -44.54 24.77
C ARG A 99 -20.00 -44.63 23.30
N LEU A 100 -19.97 -43.49 22.62
CA LEU A 100 -20.22 -43.45 21.19
C LEU A 100 -18.87 -43.46 20.50
N PHE A 101 -18.66 -44.43 19.61
CA PHE A 101 -17.43 -44.52 18.85
C PHE A 101 -17.76 -43.94 17.49
N VAL A 102 -17.03 -42.91 17.09
CA VAL A 102 -17.28 -42.22 15.83
C VAL A 102 -16.14 -42.40 14.82
N CYS A 103 -16.46 -43.02 13.69
CA CYS A 103 -15.49 -43.22 12.62
C CYS A 103 -15.49 -41.99 11.73
N TYR A 104 -14.31 -41.52 11.33
CA TYR A 104 -14.27 -40.35 10.45
C TYR A 104 -13.23 -40.49 9.35
N LEU A 105 -13.51 -39.83 8.22
CA LEU A 105 -12.66 -39.91 7.05
C LEU A 105 -11.56 -38.85 6.94
N GLY A 106 -11.63 -37.81 7.77
CA GLY A 106 -10.61 -36.78 7.71
C GLY A 106 -10.55 -36.10 6.35
N ASP A 107 -9.35 -36.01 5.79
CA ASP A 107 -9.17 -35.37 4.48
C ASP A 107 -9.37 -36.32 3.31
N PHE A 108 -9.90 -37.51 3.59
CA PHE A 108 -10.17 -38.52 2.56
C PHE A 108 -8.90 -39.15 2.00
N LYS A 109 -7.74 -38.71 2.49
CA LYS A 109 -6.47 -39.25 2.01
C LYS A 109 -5.75 -40.06 3.08
N SER A 110 -5.71 -39.55 4.30
CA SER A 110 -5.03 -40.29 5.37
C SER A 110 -5.33 -39.82 6.79
N THR A 111 -5.95 -38.66 6.95
CA THR A 111 -6.20 -38.14 8.29
C THR A 111 -7.49 -38.57 8.97
N GLY A 112 -7.99 -39.74 8.62
CA GLY A 112 -9.20 -40.25 9.25
C GLY A 112 -8.80 -41.00 10.51
N GLY A 113 -9.78 -41.55 11.22
CA GLY A 113 -9.49 -42.28 12.45
C GLY A 113 -10.78 -42.60 13.18
N ILE A 114 -10.67 -42.83 14.49
CA ILE A 114 -11.86 -43.12 15.30
C ILE A 114 -11.71 -42.50 16.68
N PHE A 115 -12.72 -41.75 17.11
CA PHE A 115 -12.67 -41.18 18.45
C PHE A 115 -13.90 -41.67 19.20
N ALA A 116 -13.86 -41.57 20.52
CA ALA A 116 -14.98 -41.99 21.35
C ALA A 116 -15.36 -40.79 22.22
N ALA A 117 -16.60 -40.80 22.70
CA ALA A 117 -17.08 -39.71 23.55
C ALA A 117 -18.40 -40.12 24.17
N THR A 118 -18.85 -39.36 25.16
CA THR A 118 -20.13 -39.65 25.80
C THR A 118 -21.16 -39.13 24.81
N GLU A 119 -22.42 -39.47 25.03
CA GLU A 119 -23.49 -39.02 24.13
C GLU A 119 -23.65 -37.50 24.17
N ASN A 120 -22.98 -36.84 25.10
CA ASN A 120 -23.07 -35.40 25.22
C ASN A 120 -21.83 -34.71 24.65
N GLY A 121 -20.90 -35.51 24.16
CA GLY A 121 -19.69 -34.95 23.57
C GLY A 121 -18.56 -34.71 24.57
N ASP A 122 -18.65 -35.34 25.73
CA ASP A 122 -17.62 -35.19 26.75
C ASP A 122 -16.61 -36.34 26.66
N ASN A 123 -15.48 -36.15 27.32
CA ASN A 123 -14.41 -37.14 27.35
C ASN A 123 -13.97 -37.64 25.98
N LEU A 124 -13.59 -36.71 25.10
CA LEU A 124 -13.15 -37.07 23.77
C LEU A 124 -11.91 -37.93 23.88
N GLN A 125 -11.94 -39.10 23.26
CA GLN A 125 -10.82 -40.04 23.29
C GLN A 125 -10.42 -40.45 21.88
N ASP A 126 -9.11 -40.48 21.60
CA ASP A 126 -8.66 -40.91 20.29
C ASP A 126 -8.42 -42.42 20.31
N ILE A 127 -9.41 -43.18 19.87
CA ILE A 127 -9.30 -44.63 19.84
C ILE A 127 -8.27 -45.03 18.79
N ILE A 128 -8.40 -44.44 17.60
CA ILE A 128 -7.45 -44.65 16.52
C ILE A 128 -7.04 -43.22 16.16
N GLU A 129 -5.83 -42.85 16.54
CA GLU A 129 -5.31 -41.51 16.30
C GLU A 129 -5.30 -41.24 14.78
N ASP A 130 -5.61 -40.01 14.41
CA ASP A 130 -5.72 -39.63 12.99
C ASP A 130 -4.48 -39.38 12.13
N LEU A 131 -3.49 -38.68 12.67
CA LEU A 131 -2.30 -38.35 11.89
C LEU A 131 -1.17 -39.38 11.84
N SER A 132 -1.07 -40.23 12.86
CA SER A 132 0.00 -41.22 12.91
C SER A 132 -0.19 -42.42 11.96
N THR A 133 -1.43 -42.65 11.53
CA THR A 133 -1.70 -43.76 10.61
C THR A 133 -2.43 -43.24 9.38
N ALA A 134 -2.35 -43.99 8.29
CA ALA A 134 -2.96 -43.58 7.03
C ALA A 134 -4.43 -43.89 6.85
N TYR A 135 -5.07 -44.48 7.85
CA TYR A 135 -6.49 -44.83 7.73
C TYR A 135 -7.46 -43.67 7.63
N CYS A 136 -8.52 -43.89 6.84
CA CYS A 136 -9.65 -42.96 6.70
C CYS A 136 -10.75 -43.99 6.96
N ILE A 137 -11.27 -43.97 8.18
CA ILE A 137 -12.25 -44.95 8.62
C ILE A 137 -13.71 -44.59 8.43
N ASP A 138 -14.42 -45.44 7.67
CA ASP A 138 -15.82 -45.20 7.37
C ASP A 138 -16.84 -45.88 8.28
N ASP A 139 -16.51 -47.06 8.78
CA ASP A 139 -17.45 -47.78 9.63
C ASP A 139 -16.74 -48.83 10.47
N MET A 140 -17.47 -49.45 11.38
CA MET A 140 -16.89 -50.46 12.26
C MET A 140 -18.00 -51.33 12.83
N VAL A 141 -17.60 -52.44 13.46
CA VAL A 141 -18.53 -53.34 14.11
C VAL A 141 -17.81 -54.03 15.24
N PHE A 142 -18.39 -53.98 16.44
CA PHE A 142 -17.81 -54.58 17.64
C PHE A 142 -18.07 -56.07 17.73
N ASP A 143 -17.09 -56.84 18.19
CA ASP A 143 -17.35 -58.26 18.38
C ASP A 143 -17.77 -58.38 19.86
N SER A 144 -18.17 -59.56 20.29
CA SER A 144 -18.63 -59.78 21.65
C SER A 144 -17.58 -59.53 22.73
N LYS A 145 -16.31 -59.43 22.33
CA LYS A 145 -15.22 -59.22 23.28
C LYS A 145 -14.87 -57.75 23.47
N GLY A 146 -15.48 -56.88 22.68
CA GLY A 146 -15.18 -55.46 22.81
C GLY A 146 -14.16 -55.02 21.78
N GLY A 147 -13.68 -55.97 20.97
CA GLY A 147 -12.75 -55.61 19.93
C GLY A 147 -13.61 -55.18 18.76
N PHE A 148 -13.01 -54.72 17.67
CA PHE A 148 -13.82 -54.32 16.53
C PHE A 148 -13.10 -54.34 15.20
N TYR A 149 -13.87 -54.51 14.12
CA TYR A 149 -13.34 -54.52 12.77
C TYR A 149 -13.74 -53.19 12.16
N PHE A 150 -12.85 -52.56 11.40
CA PHE A 150 -13.21 -51.29 10.78
C PHE A 150 -12.83 -51.26 9.31
N THR A 151 -13.50 -50.41 8.55
CA THR A 151 -13.24 -50.29 7.12
C THR A 151 -12.39 -49.08 6.79
N ASP A 152 -11.35 -49.32 6.00
CA ASP A 152 -10.43 -48.27 5.56
C ASP A 152 -10.99 -47.80 4.21
N PHE A 153 -11.60 -46.62 4.24
CA PHE A 153 -12.26 -45.98 3.11
C PHE A 153 -11.27 -45.18 2.27
N ARG A 154 -10.41 -45.87 1.53
CA ARG A 154 -9.41 -45.20 0.70
C ARG A 154 -9.27 -45.80 -0.70
N GLY A 155 -8.78 -44.97 -1.63
CA GLY A 155 -8.57 -45.42 -3.01
C GLY A 155 -9.75 -45.20 -3.93
N TYR A 156 -9.79 -46.00 -5.00
CA TYR A 156 -10.86 -45.95 -5.97
C TYR A 156 -10.83 -47.23 -6.79
N SER A 157 -11.69 -47.32 -7.81
CA SER A 157 -11.79 -48.53 -8.64
C SER A 157 -10.54 -49.38 -8.83
N THR A 158 -9.56 -48.85 -9.57
CA THR A 158 -8.34 -49.60 -9.85
C THR A 158 -7.17 -49.32 -8.91
N ASN A 159 -7.45 -48.62 -7.81
CA ASN A 159 -6.42 -48.29 -6.83
C ASN A 159 -6.94 -48.76 -5.46
N PRO A 160 -6.86 -50.07 -5.20
CA PRO A 160 -7.34 -50.69 -3.97
C PRO A 160 -6.52 -50.42 -2.70
N LEU A 161 -6.52 -49.17 -2.25
CA LEU A 161 -5.77 -48.79 -1.06
C LEU A 161 -6.47 -49.20 0.23
N GLY A 162 -7.78 -49.42 0.13
CA GLY A 162 -8.57 -49.79 1.30
C GLY A 162 -8.42 -51.20 1.83
N GLY A 163 -9.21 -51.50 2.85
CA GLY A 163 -9.15 -52.81 3.46
C GLY A 163 -9.91 -52.84 4.77
N VAL A 164 -9.75 -53.94 5.51
CA VAL A 164 -10.42 -54.13 6.79
C VAL A 164 -9.37 -54.53 7.82
N TYR A 165 -9.46 -53.93 9.00
CA TYR A 165 -8.52 -54.19 10.08
C TYR A 165 -9.24 -54.51 11.38
N TYR A 166 -8.59 -55.27 12.26
CA TYR A 166 -9.19 -55.63 13.54
C TYR A 166 -8.43 -55.01 14.69
N VAL A 167 -9.16 -54.35 15.59
CA VAL A 167 -8.56 -53.73 16.76
C VAL A 167 -8.86 -54.58 17.97
N SER A 168 -7.82 -54.95 18.71
CA SER A 168 -7.96 -55.79 19.89
C SER A 168 -8.85 -55.09 20.93
N PRO A 169 -9.49 -55.87 21.81
CA PRO A 169 -10.38 -55.32 22.85
C PRO A 169 -9.74 -54.22 23.71
N ASP A 170 -8.42 -54.30 23.90
CA ASP A 170 -7.74 -53.29 24.69
C ASP A 170 -7.33 -52.09 23.83
N PHE A 171 -7.70 -52.15 22.56
CA PHE A 171 -7.41 -51.06 21.62
C PHE A 171 -5.92 -50.77 21.42
N ARG A 172 -5.06 -51.71 21.81
CA ARG A 172 -3.63 -51.47 21.67
C ARG A 172 -2.99 -52.02 20.40
N THR A 173 -3.70 -52.90 19.70
CA THR A 173 -3.14 -53.47 18.48
C THR A 173 -4.11 -53.43 17.31
N VAL A 174 -3.56 -53.31 16.11
CA VAL A 174 -4.37 -53.28 14.89
C VAL A 174 -3.81 -54.38 13.99
N THR A 175 -4.68 -55.28 13.56
CA THR A 175 -4.26 -56.39 12.71
C THR A 175 -5.01 -56.37 11.37
N PRO A 176 -4.26 -56.42 10.26
CA PRO A 176 -4.92 -56.41 8.94
C PRO A 176 -5.72 -57.70 8.78
N ILE A 177 -6.95 -57.60 8.27
CA ILE A 177 -7.78 -58.79 8.05
C ILE A 177 -7.76 -59.10 6.55
N ILE A 178 -8.11 -58.11 5.75
CA ILE A 178 -8.12 -58.26 4.30
C ILE A 178 -7.81 -56.91 3.68
N GLN A 179 -6.93 -56.90 2.68
CA GLN A 179 -6.54 -55.66 2.04
C GLN A 179 -6.80 -55.69 0.54
N ASN A 180 -6.32 -54.66 -0.16
CA ASN A 180 -6.51 -54.56 -1.60
C ASN A 180 -8.00 -54.46 -1.94
N ILE A 181 -8.68 -53.57 -1.22
CA ILE A 181 -10.09 -53.32 -1.43
C ILE A 181 -10.26 -51.87 -1.89
N SER A 182 -10.99 -51.69 -2.98
CA SER A 182 -11.23 -50.37 -3.55
C SER A 182 -12.31 -49.61 -2.79
N VAL A 183 -11.91 -49.03 -1.66
CA VAL A 183 -12.77 -48.27 -0.77
C VAL A 183 -13.71 -49.20 0.00
N ALA A 184 -13.23 -49.68 1.15
CA ALA A 184 -14.03 -50.56 2.00
C ALA A 184 -15.03 -49.62 2.66
N ASN A 185 -16.29 -50.03 2.72
CA ASN A 185 -17.33 -49.16 3.25
C ASN A 185 -18.14 -49.82 4.35
N GLY A 186 -19.10 -50.65 3.95
CA GLY A 186 -19.93 -51.31 4.93
C GLY A 186 -19.26 -52.53 5.52
N ILE A 187 -19.63 -52.86 6.75
CA ILE A 187 -19.06 -54.03 7.41
C ILE A 187 -20.06 -54.55 8.44
N ALA A 188 -20.09 -55.87 8.59
CA ALA A 188 -21.00 -56.49 9.55
C ALA A 188 -20.54 -57.89 9.88
N LEU A 189 -20.82 -58.32 11.10
CA LEU A 189 -20.47 -59.65 11.57
C LEU A 189 -21.75 -60.49 11.62
N SER A 190 -21.63 -61.76 11.26
CA SER A 190 -22.76 -62.67 11.33
C SER A 190 -23.06 -62.83 12.81
N THR A 191 -24.21 -63.41 13.14
CA THR A 191 -24.57 -63.59 14.54
C THR A 191 -23.56 -64.43 15.31
N ASP A 192 -22.95 -65.43 14.66
CA ASP A 192 -21.96 -66.26 15.34
C ASP A 192 -20.58 -65.64 15.24
N GLU A 193 -20.52 -64.51 14.55
CA GLU A 193 -19.27 -63.76 14.38
C GLU A 193 -18.14 -64.53 13.68
N LYS A 194 -18.51 -65.52 12.87
CA LYS A 194 -17.52 -66.31 12.15
C LYS A 194 -17.49 -65.90 10.67
N VAL A 195 -18.37 -64.99 10.31
CA VAL A 195 -18.44 -64.48 8.94
C VAL A 195 -18.45 -62.96 8.98
N LEU A 196 -17.62 -62.35 8.16
CA LEU A 196 -17.53 -60.91 8.10
C LEU A 196 -17.98 -60.49 6.71
N TRP A 197 -18.93 -59.55 6.65
CA TRP A 197 -19.43 -59.03 5.40
C TRP A 197 -18.83 -57.66 5.19
N VAL A 198 -18.35 -57.39 3.97
CA VAL A 198 -17.75 -56.09 3.66
C VAL A 198 -18.19 -55.61 2.28
N THR A 199 -18.50 -54.32 2.16
CA THR A 199 -18.90 -53.80 0.85
C THR A 199 -17.76 -52.95 0.30
N GLU A 200 -17.56 -53.05 -1.01
CA GLU A 200 -16.51 -52.34 -1.71
C GLU A 200 -17.21 -51.41 -2.68
N THR A 201 -17.29 -50.14 -2.30
CA THR A 201 -18.02 -49.15 -3.08
C THR A 201 -17.62 -48.88 -4.51
N THR A 202 -16.35 -48.54 -4.74
CA THR A 202 -15.92 -48.18 -6.08
C THR A 202 -15.69 -49.31 -7.08
N ALA A 203 -15.92 -50.55 -6.65
CA ALA A 203 -15.77 -51.69 -7.55
C ALA A 203 -17.09 -52.49 -7.56
N ASN A 204 -18.07 -52.00 -6.82
CA ASN A 204 -19.38 -52.66 -6.76
C ASN A 204 -19.33 -54.15 -6.41
N ARG A 205 -18.68 -54.50 -5.31
CA ARG A 205 -18.59 -55.90 -4.91
C ARG A 205 -18.96 -56.14 -3.45
N LEU A 206 -19.51 -57.32 -3.19
CA LEU A 206 -19.87 -57.75 -1.84
C LEU A 206 -18.84 -58.80 -1.45
N HIS A 207 -18.25 -58.64 -0.27
CA HIS A 207 -17.25 -59.57 0.23
C HIS A 207 -17.80 -60.38 1.39
N ARG A 208 -17.53 -61.69 1.37
CA ARG A 208 -17.96 -62.56 2.46
C ARG A 208 -16.66 -63.20 2.94
N ILE A 209 -16.32 -63.00 4.21
CA ILE A 209 -15.08 -63.54 4.73
C ILE A 209 -15.30 -64.48 5.91
N ALA A 210 -14.95 -65.75 5.70
CA ALA A 210 -15.08 -66.78 6.72
C ALA A 210 -13.83 -66.73 7.59
N LEU A 211 -14.01 -66.48 8.88
CA LEU A 211 -12.91 -66.38 9.82
C LEU A 211 -12.67 -67.62 10.67
N GLU A 212 -11.41 -67.81 11.05
CA GLU A 212 -11.04 -68.93 11.92
C GLU A 212 -11.49 -68.50 13.32
N ASP A 213 -11.36 -69.40 14.29
CA ASP A 213 -11.78 -69.08 15.65
C ASP A 213 -11.06 -67.90 16.28
N ASP A 214 -9.84 -67.62 15.82
CA ASP A 214 -9.09 -66.49 16.38
C ASP A 214 -9.65 -65.14 15.93
N GLY A 215 -10.61 -65.19 15.02
CA GLY A 215 -11.24 -63.98 14.51
C GLY A 215 -10.39 -63.07 13.64
N VAL A 216 -9.16 -63.49 13.33
CA VAL A 216 -8.27 -62.67 12.50
C VAL A 216 -7.71 -63.40 11.29
N THR A 217 -7.67 -64.72 11.35
CA THR A 217 -7.16 -65.52 10.23
C THR A 217 -8.31 -65.94 9.32
N ILE A 218 -8.13 -65.76 8.01
CA ILE A 218 -9.16 -66.14 7.06
C ILE A 218 -9.06 -67.63 6.80
N GLN A 219 -10.20 -68.32 6.83
CA GLN A 219 -10.22 -69.76 6.57
C GLN A 219 -9.67 -69.98 5.17
N PRO A 220 -9.13 -71.18 4.89
CA PRO A 220 -8.60 -71.40 3.54
C PRO A 220 -9.64 -71.07 2.47
N PHE A 221 -9.23 -70.26 1.49
CA PHE A 221 -10.10 -69.86 0.40
C PHE A 221 -11.40 -69.30 0.98
N GLY A 222 -11.30 -68.72 2.17
CA GLY A 222 -12.46 -68.18 2.86
C GLY A 222 -12.99 -66.79 2.56
N ALA A 223 -12.23 -65.99 1.81
CA ALA A 223 -12.69 -64.66 1.46
C ALA A 223 -13.15 -64.75 0.01
N THR A 224 -14.44 -64.51 -0.22
CA THR A 224 -14.99 -64.62 -1.55
C THR A 224 -15.84 -63.42 -1.96
N ILE A 225 -16.30 -63.45 -3.21
CA ILE A 225 -17.15 -62.39 -3.75
C ILE A 225 -18.45 -63.06 -4.16
N PRO A 226 -19.40 -63.18 -3.22
CA PRO A 226 -20.69 -63.81 -3.52
C PRO A 226 -21.60 -62.99 -4.41
N TYR A 227 -21.35 -61.69 -4.50
CA TYR A 227 -22.21 -60.83 -5.30
C TYR A 227 -21.52 -59.64 -5.92
N TYR A 228 -21.89 -59.34 -7.16
CA TYR A 228 -21.37 -58.18 -7.85
C TYR A 228 -22.57 -57.24 -7.95
N PHE A 229 -22.46 -56.07 -7.32
CA PHE A 229 -23.52 -55.08 -7.35
C PHE A 229 -23.50 -54.41 -8.72
N THR A 230 -24.48 -53.54 -8.96
CA THR A 230 -24.54 -52.81 -10.22
C THR A 230 -25.14 -51.43 -9.99
N GLY A 231 -24.80 -50.49 -10.87
CA GLY A 231 -25.32 -49.14 -10.76
C GLY A 231 -24.43 -48.16 -10.03
N HIS A 232 -24.54 -46.88 -10.40
CA HIS A 232 -23.76 -45.83 -9.76
C HIS A 232 -24.51 -45.48 -8.48
N GLU A 233 -23.80 -45.28 -7.36
CA GLU A 233 -22.34 -45.33 -7.28
C GLU A 233 -21.81 -46.70 -6.83
N GLY A 234 -22.41 -47.26 -5.79
CA GLY A 234 -21.97 -48.56 -5.28
C GLY A 234 -22.55 -48.87 -3.91
N PRO A 235 -22.21 -50.03 -3.34
CA PRO A 235 -22.73 -50.39 -2.02
C PRO A 235 -22.16 -49.51 -0.91
N ASP A 236 -22.98 -49.24 0.10
CA ASP A 236 -22.57 -48.41 1.23
C ASP A 236 -22.63 -49.24 2.51
N SER A 237 -23.16 -48.65 3.57
CA SER A 237 -23.24 -49.31 4.88
C SER A 237 -24.21 -50.49 4.93
N CYS A 238 -24.00 -51.36 5.91
CA CYS A 238 -24.85 -52.53 6.06
C CYS A 238 -25.05 -52.94 7.52
N CYS A 239 -26.06 -53.78 7.74
CA CYS A 239 -26.36 -54.31 9.06
C CYS A 239 -27.06 -55.63 8.81
N ILE A 240 -27.17 -56.48 9.82
CA ILE A 240 -27.83 -57.77 9.67
C ILE A 240 -29.07 -57.83 10.55
N ASP A 241 -29.85 -58.89 10.40
CA ASP A 241 -31.01 -59.08 11.26
C ASP A 241 -30.74 -60.38 12.01
N SER A 242 -31.62 -60.77 12.92
CA SER A 242 -31.41 -61.98 13.70
C SER A 242 -31.39 -63.28 12.90
N ASP A 243 -31.84 -63.24 11.65
CA ASP A 243 -31.83 -64.43 10.80
C ASP A 243 -30.57 -64.45 9.94
N ASP A 244 -29.65 -63.54 10.26
CA ASP A 244 -28.39 -63.40 9.55
C ASP A 244 -28.50 -62.88 8.12
N ASN A 245 -29.60 -62.19 7.81
CA ASN A 245 -29.76 -61.60 6.49
C ASN A 245 -28.95 -60.32 6.53
N LEU A 246 -28.46 -59.88 5.38
CA LEU A 246 -27.66 -58.66 5.32
C LEU A 246 -28.40 -57.57 4.56
N TYR A 247 -28.47 -56.39 5.16
CA TYR A 247 -29.15 -55.26 4.53
C TYR A 247 -28.07 -54.28 4.09
N VAL A 248 -28.02 -54.00 2.79
CA VAL A 248 -27.00 -53.10 2.26
C VAL A 248 -27.57 -51.85 1.60
N ALA A 249 -27.24 -50.68 2.16
CA ALA A 249 -27.71 -49.43 1.58
C ALA A 249 -26.86 -49.22 0.33
N MET A 250 -27.51 -48.82 -0.76
CA MET A 250 -26.81 -48.59 -2.02
C MET A 250 -26.66 -47.10 -2.27
N TYR A 251 -25.43 -46.60 -2.10
CA TYR A 251 -25.16 -45.18 -2.28
C TYR A 251 -25.38 -44.69 -3.71
N GLY A 252 -26.20 -43.66 -3.85
CA GLY A 252 -26.49 -43.07 -5.15
C GLY A 252 -27.53 -43.82 -5.94
N GLN A 253 -28.09 -44.88 -5.35
CA GLN A 253 -29.09 -45.69 -6.04
C GLN A 253 -30.49 -45.61 -5.44
N GLY A 254 -30.62 -44.90 -4.32
CA GLY A 254 -31.92 -44.76 -3.69
C GLY A 254 -32.59 -46.10 -3.40
N ARG A 255 -31.83 -47.02 -2.81
CA ARG A 255 -32.38 -48.33 -2.47
C ARG A 255 -31.49 -49.09 -1.49
N VAL A 256 -32.04 -50.17 -0.96
CA VAL A 256 -31.35 -51.05 -0.04
C VAL A 256 -31.58 -52.47 -0.54
N LEU A 257 -30.50 -53.23 -0.69
CA LEU A 257 -30.63 -54.62 -1.12
C LEU A 257 -30.46 -55.51 0.09
N VAL A 258 -31.21 -56.62 0.12
CA VAL A 258 -31.16 -57.55 1.23
C VAL A 258 -30.73 -58.92 0.74
N PHE A 259 -29.79 -59.52 1.47
CA PHE A 259 -29.24 -60.84 1.14
C PHE A 259 -29.46 -61.82 2.28
N ASN A 260 -29.56 -63.11 1.96
CA ASN A 260 -29.73 -64.10 3.01
C ASN A 260 -28.35 -64.44 3.58
N LYS A 261 -28.31 -65.34 4.55
CA LYS A 261 -27.05 -65.70 5.19
C LYS A 261 -25.97 -66.25 4.25
N ARG A 262 -26.37 -66.74 3.09
CA ARG A 262 -25.41 -67.27 2.13
C ARG A 262 -24.97 -66.23 1.10
N GLY A 263 -25.47 -65.00 1.22
CA GLY A 263 -25.07 -63.96 0.30
C GLY A 263 -25.87 -63.83 -0.98
N TYR A 264 -27.05 -64.45 -1.01
CA TYR A 264 -27.93 -64.39 -2.16
C TYR A 264 -29.00 -63.31 -1.93
N PRO A 265 -29.31 -62.53 -2.97
CA PRO A 265 -30.33 -61.46 -2.83
C PRO A 265 -31.74 -62.02 -2.62
N ILE A 266 -32.44 -61.48 -1.62
CA ILE A 266 -33.80 -61.93 -1.31
C ILE A 266 -34.79 -60.78 -1.11
N GLY A 267 -34.30 -59.55 -1.10
CA GLY A 267 -35.19 -58.41 -0.91
C GLY A 267 -34.65 -57.12 -1.48
N GLN A 268 -35.54 -56.17 -1.71
CA GLN A 268 -35.15 -54.89 -2.27
C GLN A 268 -36.10 -53.81 -1.73
N ILE A 269 -35.51 -52.74 -1.22
CA ILE A 269 -36.27 -51.63 -0.65
C ILE A 269 -35.97 -50.35 -1.41
N LEU A 270 -36.99 -49.76 -2.01
CA LEU A 270 -36.82 -48.55 -2.79
C LEU A 270 -37.11 -47.27 -2.00
N ILE A 271 -36.36 -46.22 -2.31
CA ILE A 271 -36.57 -44.93 -1.66
C ILE A 271 -37.39 -44.08 -2.61
N PRO A 272 -38.50 -43.50 -2.12
CA PRO A 272 -39.38 -42.66 -2.95
C PRO A 272 -38.64 -41.55 -3.70
N GLY A 273 -38.97 -41.40 -4.98
CA GLY A 273 -38.36 -40.35 -5.79
C GLY A 273 -37.09 -40.72 -6.52
N ARG A 274 -36.56 -41.91 -6.28
CA ARG A 274 -35.33 -42.34 -6.93
C ARG A 274 -35.38 -42.23 -8.46
N ASP A 275 -36.49 -42.63 -9.06
CA ASP A 275 -36.61 -42.57 -10.52
C ASP A 275 -36.43 -41.16 -11.07
N GLU A 276 -36.77 -40.16 -10.26
CA GLU A 276 -36.65 -38.77 -10.69
C GLU A 276 -35.31 -38.16 -10.27
N GLY A 277 -34.47 -38.98 -9.65
CA GLY A 277 -33.16 -38.51 -9.20
C GLY A 277 -33.13 -37.98 -7.78
N HIS A 278 -34.24 -38.13 -7.06
CA HIS A 278 -34.33 -37.66 -5.69
C HIS A 278 -33.97 -38.71 -4.64
N MET A 279 -33.43 -38.24 -3.51
CA MET A 279 -33.05 -39.10 -2.39
C MET A 279 -32.21 -40.31 -2.77
N LEU A 280 -31.30 -40.15 -3.72
CA LEU A 280 -30.45 -41.25 -4.16
C LEU A 280 -29.36 -41.62 -3.16
N ARG A 281 -29.04 -40.70 -2.27
CA ARG A 281 -27.99 -40.94 -1.29
C ARG A 281 -28.38 -41.75 -0.05
N SER A 282 -28.87 -42.96 -0.30
CA SER A 282 -29.28 -43.89 0.76
C SER A 282 -27.97 -44.48 1.28
N THR A 283 -27.63 -44.15 2.53
CA THR A 283 -26.36 -44.59 3.09
C THR A 283 -26.30 -45.62 4.21
N HIS A 284 -27.36 -45.75 5.00
CA HIS A 284 -27.27 -46.67 6.13
C HIS A 284 -28.61 -47.25 6.58
N PRO A 285 -28.63 -48.55 6.93
CA PRO A 285 -29.83 -49.25 7.39
C PRO A 285 -29.60 -49.69 8.84
N GLN A 286 -30.65 -49.67 9.67
CA GLN A 286 -30.51 -50.06 11.06
C GLN A 286 -31.89 -50.34 11.66
N PHE A 287 -31.98 -51.38 12.50
CA PHE A 287 -33.24 -51.77 13.13
C PHE A 287 -33.50 -51.12 14.49
N ILE A 288 -34.78 -50.86 14.76
CA ILE A 288 -35.17 -50.33 16.06
C ILE A 288 -35.03 -51.55 16.96
N PRO A 289 -34.22 -51.46 18.02
CA PRO A 289 -34.01 -52.55 18.97
C PRO A 289 -35.25 -53.34 19.34
N GLY A 290 -35.13 -54.67 19.31
CA GLY A 290 -36.24 -55.54 19.66
C GLY A 290 -37.37 -55.62 18.66
N THR A 291 -37.17 -55.09 17.46
CA THR A 291 -38.22 -55.11 16.44
C THR A 291 -37.63 -55.39 15.07
N ASN A 292 -38.51 -55.58 14.08
CA ASN A 292 -38.07 -55.81 12.72
C ASN A 292 -38.31 -54.55 11.90
N GLN A 293 -38.47 -53.42 12.57
CA GLN A 293 -38.69 -52.17 11.85
C GLN A 293 -37.34 -51.59 11.49
N LEU A 294 -37.12 -51.45 10.20
CA LEU A 294 -35.85 -50.92 9.69
C LEU A 294 -35.94 -49.43 9.40
N ILE A 295 -34.88 -48.71 9.74
CA ILE A 295 -34.80 -47.28 9.49
C ILE A 295 -33.69 -47.13 8.46
N ILE A 296 -33.90 -46.28 7.46
CA ILE A 296 -32.92 -46.04 6.41
C ILE A 296 -32.77 -44.54 6.18
N CYS A 297 -31.55 -44.03 6.31
CA CYS A 297 -31.34 -42.60 6.09
C CYS A 297 -30.89 -42.30 4.68
N SER A 298 -31.38 -41.19 4.13
CA SER A 298 -31.02 -40.75 2.80
C SER A 298 -31.12 -39.23 2.76
N ASN A 299 -30.63 -38.62 1.68
CA ASN A 299 -30.71 -37.16 1.56
C ASN A 299 -30.84 -36.76 0.11
N ASP A 300 -31.33 -35.55 -0.12
CA ASP A 300 -31.54 -35.06 -1.48
C ASP A 300 -30.63 -33.89 -1.84
N ILE A 301 -29.41 -33.90 -1.32
CA ILE A 301 -28.44 -32.84 -1.61
C ILE A 301 -28.29 -32.61 -3.11
N GLU A 302 -28.27 -33.68 -3.88
CA GLU A 302 -28.11 -33.59 -5.32
C GLU A 302 -29.21 -32.79 -6.02
N MET A 303 -30.40 -32.77 -5.42
CA MET A 303 -31.53 -32.03 -6.01
C MET A 303 -31.90 -30.80 -5.20
N GLY A 304 -31.05 -30.44 -4.24
CA GLY A 304 -31.32 -29.27 -3.41
C GLY A 304 -32.42 -29.54 -2.41
N GLY A 305 -32.65 -30.81 -2.11
CA GLY A 305 -33.69 -31.20 -1.17
C GLY A 305 -33.19 -31.41 0.25
N GLY A 306 -34.03 -32.05 1.06
CA GLY A 306 -33.69 -32.28 2.46
C GLY A 306 -33.04 -33.58 2.84
N SER A 307 -33.12 -33.88 4.14
CA SER A 307 -32.53 -35.10 4.72
C SER A 307 -33.66 -35.86 5.39
N MET A 308 -33.89 -37.09 4.94
CA MET A 308 -35.00 -37.89 5.46
C MET A 308 -34.68 -39.32 5.92
N LEU A 309 -35.40 -39.77 6.94
CA LEU A 309 -35.25 -41.14 7.43
C LEU A 309 -36.48 -41.87 6.92
N TYR A 310 -36.27 -43.06 6.35
CA TYR A 310 -37.38 -43.85 5.82
C TYR A 310 -37.52 -45.14 6.62
N THR A 311 -38.62 -45.87 6.41
CA THR A 311 -38.84 -47.10 7.16
C THR A 311 -39.67 -48.16 6.46
N VAL A 312 -39.39 -49.42 6.81
CA VAL A 312 -40.09 -50.60 6.31
C VAL A 312 -39.86 -51.69 7.36
N ASN A 313 -40.53 -52.83 7.19
CA ASN A 313 -40.34 -53.95 8.12
C ASN A 313 -39.47 -54.99 7.42
N GLY A 314 -38.40 -55.41 8.08
CA GLY A 314 -37.50 -56.40 7.52
C GLY A 314 -37.96 -57.83 7.73
N PHE A 315 -37.15 -58.79 7.27
CA PHE A 315 -37.49 -60.22 7.41
C PHE A 315 -37.54 -60.72 8.84
N ALA A 316 -36.72 -60.14 9.71
CA ALA A 316 -36.67 -60.56 11.11
C ALA A 316 -36.30 -59.41 12.01
N LYS A 317 -36.32 -59.66 13.32
CA LYS A 317 -35.97 -58.63 14.29
C LYS A 317 -34.48 -58.32 14.22
N GLY A 318 -34.12 -57.08 14.54
CA GLY A 318 -32.72 -56.70 14.51
C GLY A 318 -31.88 -57.54 15.44
N HIS A 319 -30.60 -57.66 15.12
CA HIS A 319 -29.66 -58.43 15.91
C HIS A 319 -29.21 -57.63 17.13
N GLN A 320 -29.02 -58.32 18.25
CA GLN A 320 -28.60 -57.65 19.48
C GLN A 320 -27.09 -57.46 19.45
N SER A 321 -26.67 -56.34 18.88
CA SER A 321 -25.25 -56.02 18.77
C SER A 321 -24.63 -55.68 20.11
N PHE A 322 -23.32 -55.40 20.08
CA PHE A 322 -22.54 -55.11 21.28
C PHE A 322 -23.10 -54.10 22.30
N GLN A 323 -23.72 -53.03 21.84
CA GLN A 323 -24.24 -52.04 22.78
C GLN A 323 -25.37 -52.57 23.66
N PHE A 324 -25.90 -53.73 23.31
CA PHE A 324 -26.99 -54.32 24.07
C PHE A 324 -26.53 -55.45 24.97
N GLN A 325 -25.25 -55.79 24.89
CA GLN A 325 -24.69 -56.87 25.70
C GLN A 325 -24.89 -56.62 27.19
N LEU A 326 -25.08 -57.70 27.95
CA LEU A 326 -25.29 -57.58 29.38
C LEU A 326 -24.04 -58.03 30.15
N GLN B 6 -34.29 -17.67 -22.32
CA GLN B 6 -34.40 -16.34 -22.98
C GLN B 6 -35.54 -15.51 -22.40
N ASP B 7 -36.22 -14.76 -23.25
CA ASP B 7 -37.32 -13.91 -22.80
C ASP B 7 -36.82 -12.88 -21.78
N LEU B 8 -35.50 -12.75 -21.70
CA LEU B 8 -34.88 -11.81 -20.77
C LEU B 8 -35.12 -10.36 -21.19
N PRO B 9 -35.11 -9.43 -20.23
CA PRO B 9 -35.32 -8.02 -20.58
C PRO B 9 -34.24 -7.70 -21.62
N THR B 10 -34.60 -6.99 -22.68
CA THR B 10 -33.66 -6.69 -23.74
C THR B 10 -33.61 -5.22 -24.13
N LEU B 11 -32.44 -4.78 -24.60
CA LEU B 11 -32.25 -3.41 -25.05
C LEU B 11 -32.33 -3.42 -26.57
N PHE B 12 -33.14 -2.53 -27.13
CA PHE B 12 -33.33 -2.45 -28.58
C PHE B 12 -32.89 -1.11 -29.14
N TYR B 13 -32.60 -1.07 -30.43
CA TYR B 13 -32.21 0.18 -31.06
C TYR B 13 -33.47 0.98 -31.42
N SER B 14 -34.25 1.28 -30.38
CA SER B 14 -35.49 2.04 -30.55
C SER B 14 -35.29 3.49 -30.08
N GLY B 15 -36.20 4.36 -30.51
CA GLY B 15 -36.12 5.76 -30.12
C GLY B 15 -34.73 6.38 -30.23
N LYS B 16 -34.39 7.20 -29.24
CA LYS B 16 -33.11 7.87 -29.22
C LYS B 16 -31.93 6.93 -28.97
N SER B 17 -32.22 5.65 -28.72
CA SER B 17 -31.14 4.69 -28.49
C SER B 17 -30.52 4.36 -29.84
N ASN B 18 -31.19 4.76 -30.91
CA ASN B 18 -30.69 4.50 -32.26
C ASN B 18 -30.07 5.72 -32.89
N SER B 19 -29.93 6.80 -32.11
CA SER B 19 -29.31 8.03 -32.62
C SER B 19 -27.82 8.03 -32.36
N ALA B 20 -27.07 8.65 -33.27
CA ALA B 20 -25.62 8.74 -33.13
C ALA B 20 -25.23 9.67 -31.98
N VAL B 21 -26.03 10.73 -31.81
CA VAL B 21 -25.76 11.73 -30.79
C VAL B 21 -27.04 12.17 -30.08
N PRO B 22 -27.68 11.24 -29.36
CA PRO B 22 -28.93 11.52 -28.64
C PRO B 22 -28.83 12.55 -27.53
N ILE B 23 -29.80 13.46 -27.51
CA ILE B 23 -29.92 14.51 -26.48
C ILE B 23 -30.97 13.93 -25.55
N ILE B 24 -30.52 13.41 -24.40
CA ILE B 24 -31.44 12.76 -23.49
C ILE B 24 -30.93 12.74 -22.06
N SER B 25 -31.85 12.69 -21.10
CA SER B 25 -31.52 12.64 -19.68
C SER B 25 -31.59 11.19 -19.21
N GLU B 26 -30.91 10.89 -18.10
CA GLU B 26 -30.90 9.52 -17.59
C GLU B 26 -32.29 8.97 -17.28
N SER B 27 -33.17 9.80 -16.74
CA SER B 27 -34.52 9.35 -16.41
C SER B 27 -35.35 8.98 -17.65
N GLU B 28 -34.95 9.45 -18.81
CA GLU B 28 -35.65 9.18 -20.06
C GLU B 28 -35.03 8.04 -20.88
N LEU B 29 -33.87 7.55 -20.45
CA LEU B 29 -33.20 6.48 -21.17
C LEU B 29 -34.03 5.20 -21.27
N GLN B 30 -33.84 4.45 -22.35
CA GLN B 30 -34.53 3.18 -22.51
C GLN B 30 -34.03 2.38 -21.31
N THR B 31 -34.94 1.96 -20.45
CA THR B 31 -34.55 1.25 -19.24
C THR B 31 -35.22 -0.12 -19.05
N ILE B 32 -34.44 -1.06 -18.52
CA ILE B 32 -34.93 -2.40 -18.23
C ILE B 32 -34.38 -2.81 -16.88
N THR B 33 -35.04 -3.77 -16.23
CA THR B 33 -34.61 -4.26 -14.93
C THR B 33 -34.03 -5.66 -15.09
N ALA B 34 -32.81 -5.84 -14.60
CA ALA B 34 -32.12 -7.12 -14.71
C ALA B 34 -32.83 -8.24 -13.97
N GLU B 35 -32.65 -9.46 -14.46
CA GLU B 35 -33.25 -10.64 -13.85
C GLU B 35 -32.18 -11.40 -13.07
N PRO B 36 -32.55 -12.00 -11.93
CA PRO B 36 -31.56 -12.75 -11.16
C PRO B 36 -31.10 -13.93 -12.02
N TRP B 37 -29.79 -14.17 -12.06
CA TRP B 37 -29.27 -15.26 -12.88
C TRP B 37 -28.67 -16.38 -12.04
N LEU B 38 -27.82 -16.02 -11.08
CA LEU B 38 -27.18 -17.01 -10.24
C LEU B 38 -26.64 -16.41 -8.95
N GLU B 39 -27.10 -16.94 -7.82
CA GLU B 39 -26.63 -16.44 -6.54
C GLU B 39 -25.29 -17.10 -6.23
N ILE B 40 -24.27 -16.28 -5.97
CA ILE B 40 -22.94 -16.81 -5.67
C ILE B 40 -22.86 -17.24 -4.21
N SER B 41 -23.51 -16.47 -3.34
CA SER B 41 -23.51 -16.77 -1.92
C SER B 41 -24.57 -15.99 -1.18
N LYS B 42 -25.04 -16.54 -0.06
CA LYS B 42 -26.03 -15.84 0.74
C LYS B 42 -25.27 -14.86 1.61
N LYS B 43 -23.96 -15.05 1.68
CA LYS B 43 -23.07 -14.18 2.45
C LYS B 43 -22.69 -13.02 1.56
N GLY B 44 -22.35 -11.89 2.17
CA GLY B 44 -21.98 -10.72 1.40
C GLY B 44 -20.54 -10.74 0.93
N LEU B 45 -20.36 -10.78 -0.39
CA LEU B 45 -19.03 -10.79 -0.98
C LEU B 45 -18.93 -9.67 -2.01
N GLN B 46 -17.80 -8.98 -2.04
CA GLN B 46 -17.60 -7.88 -2.97
C GLN B 46 -17.26 -8.43 -4.35
N LEU B 47 -18.26 -8.96 -5.05
CA LEU B 47 -18.05 -9.53 -6.37
C LEU B 47 -17.47 -8.52 -7.35
N GLU B 48 -16.55 -9.00 -8.20
CA GLU B 48 -15.88 -8.18 -9.19
C GLU B 48 -15.15 -9.06 -10.21
N GLY B 49 -14.61 -8.42 -11.24
CA GLY B 49 -13.82 -9.10 -12.25
C GLY B 49 -14.38 -10.20 -13.14
N LEU B 50 -15.58 -10.01 -13.65
CA LEU B 50 -16.18 -11.00 -14.55
C LEU B 50 -15.33 -11.16 -15.81
N ASN B 51 -15.10 -12.41 -16.20
CA ASN B 51 -14.33 -12.67 -17.41
C ASN B 51 -14.56 -14.12 -17.84
N PHE B 52 -14.86 -14.32 -19.12
CA PHE B 52 -15.09 -15.67 -19.64
C PHE B 52 -13.86 -16.20 -20.36
N ASP B 53 -13.59 -17.50 -20.23
CA ASP B 53 -12.44 -18.06 -20.91
C ASP B 53 -12.82 -18.44 -22.34
N ARG B 54 -11.85 -18.92 -23.10
CA ARG B 54 -12.08 -19.28 -24.49
C ARG B 54 -13.20 -20.30 -24.67
N GLN B 55 -13.44 -21.11 -23.64
CA GLN B 55 -14.48 -22.13 -23.71
C GLN B 55 -15.83 -21.65 -23.15
N GLY B 56 -15.93 -20.34 -22.94
CA GLY B 56 -17.17 -19.76 -22.43
C GLY B 56 -17.46 -19.96 -20.96
N GLN B 57 -16.47 -20.39 -20.18
CA GLN B 57 -16.70 -20.58 -18.74
C GLN B 57 -16.47 -19.25 -18.05
N LEU B 58 -17.28 -18.96 -17.04
CA LEU B 58 -17.20 -17.69 -16.32
C LEU B 58 -16.33 -17.66 -15.07
N PHE B 59 -15.41 -16.71 -15.04
CA PHE B 59 -14.53 -16.51 -13.90
C PHE B 59 -14.87 -15.17 -13.25
N LEU B 60 -14.69 -15.08 -11.94
CA LEU B 60 -14.91 -13.83 -11.21
C LEU B 60 -14.28 -14.01 -9.84
N LEU B 61 -14.34 -12.97 -9.02
CA LEU B 61 -13.76 -13.05 -7.69
C LEU B 61 -14.48 -12.11 -6.74
N ASP B 62 -14.06 -12.08 -5.49
CA ASP B 62 -14.64 -11.16 -4.52
C ASP B 62 -13.40 -10.47 -3.96
N VAL B 63 -13.48 -9.17 -3.80
CA VAL B 63 -12.34 -8.38 -3.35
C VAL B 63 -11.81 -8.61 -1.93
N PHE B 64 -12.68 -8.59 -0.94
CA PHE B 64 -12.25 -8.71 0.44
C PHE B 64 -11.76 -10.07 0.95
N GLU B 65 -12.21 -11.15 0.32
CA GLU B 65 -11.75 -12.48 0.73
C GLU B 65 -10.80 -13.03 -0.32
N GLY B 66 -10.89 -12.49 -1.54
CA GLY B 66 -10.01 -12.93 -2.62
C GLY B 66 -10.30 -14.27 -3.25
N ASN B 67 -11.52 -14.78 -3.08
CA ASN B 67 -11.87 -16.06 -3.68
C ASN B 67 -11.96 -15.92 -5.19
N ILE B 68 -11.50 -16.95 -5.90
CA ILE B 68 -11.58 -16.96 -7.36
C ILE B 68 -12.66 -18.00 -7.68
N PHE B 69 -13.64 -17.62 -8.48
CA PHE B 69 -14.73 -18.53 -8.84
C PHE B 69 -14.73 -18.89 -10.32
N LYS B 70 -15.13 -20.12 -10.63
CA LYS B 70 -15.26 -20.56 -12.01
C LYS B 70 -16.66 -21.16 -12.12
N ILE B 71 -17.45 -20.64 -13.06
CA ILE B 71 -18.81 -21.09 -13.22
C ILE B 71 -19.13 -21.59 -14.63
N ASN B 72 -19.86 -22.71 -14.71
CA ASN B 72 -20.28 -23.26 -15.99
C ASN B 72 -21.63 -22.56 -16.22
N PRO B 73 -21.71 -21.66 -17.20
CA PRO B 73 -22.95 -20.94 -17.50
C PRO B 73 -24.13 -21.83 -17.87
N GLU B 74 -23.86 -22.98 -18.45
CA GLU B 74 -24.92 -23.90 -18.86
C GLU B 74 -25.55 -24.65 -17.68
N THR B 75 -24.71 -25.20 -16.82
CA THR B 75 -25.19 -25.95 -15.66
C THR B 75 -25.33 -25.07 -14.42
N LYS B 76 -24.65 -23.94 -14.42
CA LYS B 76 -24.64 -22.99 -13.31
C LYS B 76 -23.93 -23.53 -12.07
N GLU B 77 -23.08 -24.53 -12.29
CA GLU B 77 -22.31 -25.11 -11.19
C GLU B 77 -21.19 -24.13 -10.84
N ILE B 78 -20.97 -23.91 -9.54
CA ILE B 78 -19.94 -22.99 -9.09
C ILE B 78 -18.80 -23.72 -8.39
N LYS B 79 -17.57 -23.38 -8.77
CA LYS B 79 -16.38 -23.96 -8.15
C LYS B 79 -15.51 -22.80 -7.68
N ARG B 80 -14.65 -23.08 -6.69
CA ARG B 80 -13.75 -22.08 -6.13
C ARG B 80 -12.34 -22.69 -6.25
N PRO B 81 -11.75 -22.61 -7.46
CA PRO B 81 -10.42 -23.15 -7.74
C PRO B 81 -9.31 -22.74 -6.79
N PHE B 82 -9.18 -21.44 -6.52
CA PHE B 82 -8.15 -20.98 -5.62
C PHE B 82 -8.47 -19.61 -5.01
N VAL B 83 -7.59 -19.17 -4.11
CA VAL B 83 -7.75 -17.89 -3.43
C VAL B 83 -6.53 -17.03 -3.70
N SER B 84 -6.75 -15.75 -3.98
CA SER B 84 -5.65 -14.83 -4.25
C SER B 84 -4.68 -14.75 -3.09
N HIS B 85 -3.39 -14.76 -3.40
CA HIS B 85 -2.33 -14.66 -2.39
C HIS B 85 -1.98 -13.19 -2.19
N LYS B 86 -2.61 -12.34 -2.98
CA LYS B 86 -2.41 -10.89 -2.92
C LYS B 86 -3.71 -10.27 -2.43
N ALA B 87 -3.60 -9.26 -1.57
CA ALA B 87 -4.76 -8.60 -1.02
C ALA B 87 -5.60 -7.76 -1.98
N ASN B 88 -6.91 -7.85 -1.78
CA ASN B 88 -7.90 -7.11 -2.54
C ASN B 88 -7.83 -7.13 -4.07
N PRO B 89 -7.95 -8.33 -4.66
CA PRO B 89 -7.92 -8.44 -6.12
C PRO B 89 -9.24 -7.84 -6.61
N ALA B 90 -9.24 -7.21 -7.77
CA ALA B 90 -10.46 -6.57 -8.25
C ALA B 90 -10.86 -6.89 -9.68
N ALA B 91 -10.03 -7.63 -10.40
CA ALA B 91 -10.36 -7.97 -11.78
C ALA B 91 -9.57 -9.17 -12.30
N ILE B 92 -10.19 -9.89 -13.22
CA ILE B 92 -9.57 -11.04 -13.87
C ILE B 92 -9.68 -10.83 -15.36
N LYS B 93 -8.56 -10.85 -16.06
CA LYS B 93 -8.55 -10.73 -17.51
C LYS B 93 -7.75 -11.92 -18.01
N ILE B 94 -8.36 -12.70 -18.88
CA ILE B 94 -7.71 -13.90 -19.41
C ILE B 94 -6.90 -13.62 -20.67
N HIS B 95 -5.69 -14.18 -20.68
CA HIS B 95 -4.74 -14.02 -21.80
C HIS B 95 -5.12 -14.97 -22.93
N LYS B 96 -4.69 -14.65 -24.14
CA LYS B 96 -4.97 -15.50 -25.28
C LYS B 96 -4.42 -16.91 -25.02
N ASP B 97 -3.38 -16.99 -24.20
CA ASP B 97 -2.77 -18.29 -23.90
C ASP B 97 -3.44 -19.03 -22.74
N GLY B 98 -4.55 -18.48 -22.24
CA GLY B 98 -5.28 -19.14 -21.17
C GLY B 98 -4.99 -18.72 -19.73
N ARG B 99 -3.88 -18.02 -19.52
CA ARG B 99 -3.56 -17.58 -18.17
C ARG B 99 -4.53 -16.54 -17.66
N LEU B 100 -4.76 -16.54 -16.35
CA LEU B 100 -5.63 -15.55 -15.73
C LEU B 100 -4.71 -14.46 -15.22
N PHE B 101 -5.00 -13.21 -15.59
CA PHE B 101 -4.22 -12.07 -15.10
C PHE B 101 -5.12 -11.43 -14.06
N VAL B 102 -4.62 -11.32 -12.83
CA VAL B 102 -5.39 -10.77 -11.73
C VAL B 102 -4.86 -9.43 -11.25
N CYS B 103 -5.69 -8.39 -11.35
CA CYS B 103 -5.32 -7.06 -10.89
C CYS B 103 -5.73 -6.98 -9.42
N TYR B 104 -4.86 -6.41 -8.58
CA TYR B 104 -5.19 -6.27 -7.16
C TYR B 104 -4.77 -4.90 -6.62
N LEU B 105 -5.50 -4.46 -5.60
CA LEU B 105 -5.29 -3.16 -4.98
C LEU B 105 -4.37 -3.15 -3.77
N GLY B 106 -4.04 -4.31 -3.24
CA GLY B 106 -3.17 -4.36 -2.07
C GLY B 106 -3.75 -3.58 -0.90
N ASP B 107 -2.93 -2.72 -0.30
CA ASP B 107 -3.37 -1.93 0.85
C ASP B 107 -4.15 -0.66 0.47
N PHE B 108 -4.55 -0.55 -0.80
CA PHE B 108 -5.30 0.60 -1.28
C PHE B 108 -4.48 1.88 -1.33
N LYS B 109 -3.20 1.79 -0.96
CA LYS B 109 -2.34 2.96 -0.97
C LYS B 109 -1.23 2.86 -2.01
N SER B 110 -0.55 1.71 -2.07
CA SER B 110 0.51 1.55 -3.05
C SER B 110 0.93 0.11 -3.31
N THR B 111 0.48 -0.83 -2.49
CA THR B 111 0.91 -2.22 -2.66
C THR B 111 0.10 -3.10 -3.61
N GLY B 112 -0.47 -2.49 -4.64
CA GLY B 112 -1.23 -3.25 -5.61
C GLY B 112 -0.32 -3.69 -6.74
N GLY B 113 -0.87 -4.46 -7.69
CA GLY B 113 -0.08 -4.92 -8.82
C GLY B 113 -0.90 -5.88 -9.66
N ILE B 114 -0.22 -6.74 -10.42
CA ILE B 114 -0.89 -7.73 -11.26
C ILE B 114 -0.10 -9.03 -11.28
N PHE B 115 -0.77 -10.14 -11.00
CA PHE B 115 -0.10 -11.44 -11.06
C PHE B 115 -0.86 -12.31 -12.05
N ALA B 116 -0.19 -13.35 -12.56
CA ALA B 116 -0.83 -14.27 -13.49
C ALA B 116 -0.75 -15.66 -12.90
N ALA B 117 -1.66 -16.54 -13.32
CA ALA B 117 -1.71 -17.90 -12.82
C ALA B 117 -2.58 -18.75 -13.72
N THR B 118 -2.54 -20.06 -13.54
CA THR B 118 -3.38 -20.94 -14.34
C THR B 118 -4.74 -20.87 -13.64
N GLU B 119 -5.78 -21.36 -14.31
CA GLU B 119 -7.12 -21.35 -13.74
C GLU B 119 -7.19 -22.12 -12.43
N ASN B 120 -6.16 -22.93 -12.16
CA ASN B 120 -6.13 -23.73 -10.93
C ASN B 120 -5.31 -23.07 -9.83
N GLY B 121 -4.73 -21.92 -10.14
CA GLY B 121 -3.93 -21.20 -9.17
C GLY B 121 -2.46 -21.57 -9.15
N ASP B 122 -2.00 -22.27 -10.19
CA ASP B 122 -0.61 -22.67 -10.27
C ASP B 122 0.21 -21.70 -11.11
N ASN B 123 1.53 -21.91 -11.11
CA ASN B 123 2.46 -21.08 -11.86
C ASN B 123 2.27 -19.60 -11.59
N LEU B 124 2.21 -19.23 -10.31
CA LEU B 124 2.03 -17.84 -9.93
C LEU B 124 3.21 -17.00 -10.40
N GLN B 125 2.92 -15.91 -11.10
CA GLN B 125 3.97 -15.05 -11.60
C GLN B 125 3.61 -13.58 -11.47
N ASP B 126 4.59 -12.76 -11.13
CA ASP B 126 4.38 -11.33 -11.00
C ASP B 126 4.55 -10.66 -12.35
N ILE B 127 3.49 -10.01 -12.83
CA ILE B 127 3.51 -9.30 -14.09
C ILE B 127 3.92 -7.87 -13.72
N ILE B 128 3.23 -7.31 -12.73
CA ILE B 128 3.53 -5.99 -12.20
C ILE B 128 3.70 -6.24 -10.70
N GLU B 129 4.91 -6.05 -10.19
CA GLU B 129 5.17 -6.29 -8.77
C GLU B 129 4.40 -5.33 -7.88
N ASP B 130 4.14 -5.75 -6.65
CA ASP B 130 3.38 -4.94 -5.72
C ASP B 130 4.16 -3.93 -4.86
N LEU B 131 5.20 -4.41 -4.19
CA LEU B 131 5.99 -3.53 -3.32
C LEU B 131 6.97 -2.61 -4.02
N SER B 132 7.39 -2.98 -5.22
CA SER B 132 8.35 -2.17 -5.97
C SER B 132 7.68 -1.13 -6.85
N THR B 133 6.35 -1.10 -6.82
CA THR B 133 5.60 -0.14 -7.62
C THR B 133 4.62 0.62 -6.73
N ALA B 134 4.26 1.83 -7.15
CA ALA B 134 3.32 2.64 -6.39
C ALA B 134 1.88 2.36 -6.79
N TYR B 135 1.69 1.54 -7.82
CA TYR B 135 0.34 1.24 -8.32
C TYR B 135 -0.55 0.36 -7.44
N CYS B 136 -1.84 0.62 -7.57
CA CYS B 136 -2.91 -0.15 -6.93
C CYS B 136 -3.75 -0.35 -8.19
N ILE B 137 -3.69 -1.53 -8.77
CA ILE B 137 -4.37 -1.80 -10.03
C ILE B 137 -5.75 -2.44 -9.91
N ASP B 138 -6.74 -1.75 -10.47
CA ASP B 138 -8.12 -2.21 -10.41
C ASP B 138 -8.61 -3.03 -11.59
N ASP B 139 -8.12 -2.72 -12.79
CA ASP B 139 -8.58 -3.44 -13.97
C ASP B 139 -7.58 -3.28 -15.11
N MET B 140 -7.83 -4.00 -16.20
CA MET B 140 -6.93 -3.96 -17.35
C MET B 140 -7.67 -4.42 -18.60
N VAL B 141 -7.04 -4.23 -19.75
CA VAL B 141 -7.60 -4.69 -21.02
C VAL B 141 -6.44 -4.95 -21.99
N PHE B 142 -6.43 -6.16 -22.55
CA PHE B 142 -5.40 -6.58 -23.49
C PHE B 142 -5.67 -6.07 -24.90
N ASP B 143 -4.61 -5.66 -25.62
CA ASP B 143 -4.80 -5.26 -27.00
C ASP B 143 -4.49 -6.54 -27.78
N SER B 144 -4.67 -6.52 -29.09
CA SER B 144 -4.43 -7.71 -29.91
C SER B 144 -2.99 -8.18 -29.95
N LYS B 145 -2.06 -7.35 -29.46
CA LYS B 145 -0.64 -7.71 -29.46
C LYS B 145 -0.21 -8.39 -28.16
N GLY B 146 -1.09 -8.44 -27.18
CA GLY B 146 -0.75 -9.05 -25.91
C GLY B 146 -0.29 -8.02 -24.90
N GLY B 147 -0.26 -6.76 -25.31
CA GLY B 147 0.11 -5.71 -24.38
C GLY B 147 -1.18 -5.36 -23.67
N PHE B 148 -1.13 -4.50 -22.65
CA PHE B 148 -2.37 -4.16 -21.97
C PHE B 148 -2.35 -2.82 -21.25
N TYR B 149 -3.52 -2.24 -21.10
CA TYR B 149 -3.68 -0.98 -20.40
C TYR B 149 -4.29 -1.31 -19.04
N PHE B 150 -3.81 -0.68 -17.98
CA PHE B 150 -4.39 -0.95 -16.67
C PHE B 150 -4.73 0.36 -15.97
N THR B 151 -5.65 0.29 -15.01
CA THR B 151 -6.06 1.47 -14.28
C THR B 151 -5.42 1.53 -12.91
N ASP B 152 -4.87 2.69 -12.59
CA ASP B 152 -4.23 2.91 -11.30
C ASP B 152 -5.32 3.54 -10.43
N PHE B 153 -5.83 2.72 -9.51
CA PHE B 153 -6.93 3.02 -8.60
C PHE B 153 -6.39 3.73 -7.35
N ARG B 154 -6.02 5.00 -7.49
CA ARG B 154 -5.49 5.76 -6.34
C ARG B 154 -6.02 7.18 -6.28
N GLY B 155 -5.98 7.76 -5.08
CA GLY B 155 -6.42 9.13 -4.88
C GLY B 155 -7.87 9.27 -4.48
N TYR B 156 -8.41 10.47 -4.72
CA TYR B 156 -9.81 10.77 -4.45
C TYR B 156 -10.20 12.03 -5.22
N SER B 157 -11.44 12.47 -5.07
CA SER B 157 -11.97 13.62 -5.80
C SER B 157 -10.97 14.69 -6.22
N THR B 158 -10.42 15.41 -5.24
CA THR B 158 -9.48 16.50 -5.55
C THR B 158 -8.01 16.12 -5.49
N ASN B 159 -7.71 14.83 -5.38
CA ASN B 159 -6.34 14.33 -5.32
C ASN B 159 -6.19 13.25 -6.38
N PRO B 160 -6.08 13.65 -7.65
CA PRO B 160 -5.95 12.76 -8.81
C PRO B 160 -4.63 12.02 -8.97
N LEU B 161 -4.37 11.08 -8.07
CA LEU B 161 -3.14 10.29 -8.10
C LEU B 161 -3.21 9.18 -9.13
N GLY B 162 -4.43 8.82 -9.52
CA GLY B 162 -4.63 7.74 -10.47
C GLY B 162 -4.30 8.04 -11.92
N GLY B 163 -4.51 7.05 -12.77
CA GLY B 163 -4.22 7.21 -14.18
C GLY B 163 -4.29 5.88 -14.92
N VAL B 164 -3.83 5.88 -16.17
CA VAL B 164 -3.84 4.68 -16.99
C VAL B 164 -2.46 4.49 -17.60
N TYR B 165 -2.00 3.24 -17.59
CA TYR B 165 -0.68 2.92 -18.11
C TYR B 165 -0.74 1.75 -19.10
N TYR B 166 0.21 1.73 -20.03
CA TYR B 166 0.28 0.66 -21.01
C TYR B 166 1.48 -0.21 -20.76
N VAL B 167 1.27 -1.52 -20.78
CA VAL B 167 2.35 -2.48 -20.58
C VAL B 167 2.59 -3.20 -21.90
N SER B 168 3.84 -3.20 -22.34
CA SER B 168 4.21 -3.85 -23.59
C SER B 168 3.95 -5.36 -23.55
N PRO B 169 3.78 -5.99 -24.72
CA PRO B 169 3.52 -7.43 -24.81
C PRO B 169 4.49 -8.30 -24.02
N ASP B 170 5.75 -7.88 -23.93
CA ASP B 170 6.73 -8.66 -23.18
C ASP B 170 6.75 -8.28 -21.70
N PHE B 171 5.85 -7.39 -21.31
CA PHE B 171 5.72 -6.93 -19.92
C PHE B 171 6.97 -6.28 -19.34
N ARG B 172 7.89 -5.85 -20.20
CA ARG B 172 9.12 -5.22 -19.72
C ARG B 172 9.08 -3.70 -19.67
N THR B 173 8.11 -3.11 -20.37
CA THR B 173 8.00 -1.66 -20.41
C THR B 173 6.62 -1.15 -20.01
N VAL B 174 6.59 -0.12 -19.17
CA VAL B 174 5.33 0.48 -18.73
C VAL B 174 5.38 1.94 -19.16
N THR B 175 4.36 2.37 -19.89
CA THR B 175 4.29 3.74 -20.39
C THR B 175 3.01 4.45 -19.94
N PRO B 176 3.16 5.63 -19.32
CA PRO B 176 1.96 6.36 -18.88
C PRO B 176 1.15 6.77 -20.10
N ILE B 177 -0.17 6.61 -20.03
CA ILE B 177 -1.03 7.00 -21.15
C ILE B 177 -1.71 8.31 -20.79
N ILE B 178 -2.35 8.34 -19.62
CA ILE B 178 -3.02 9.54 -19.15
C ILE B 178 -3.01 9.50 -17.63
N GLN B 179 -2.69 10.64 -17.01
CA GLN B 179 -2.62 10.72 -15.56
C GLN B 179 -3.55 11.80 -15.00
N ASN B 180 -3.43 12.06 -13.70
CA ASN B 180 -4.28 13.06 -13.05
C ASN B 180 -5.75 12.66 -13.11
N ILE B 181 -6.01 11.40 -12.80
CA ILE B 181 -7.36 10.87 -12.77
C ILE B 181 -7.67 10.51 -11.32
N SER B 182 -8.81 10.98 -10.83
CA SER B 182 -9.21 10.72 -9.45
C SER B 182 -9.79 9.32 -9.29
N VAL B 183 -8.88 8.34 -9.24
CA VAL B 183 -9.21 6.93 -9.10
C VAL B 183 -9.73 6.34 -10.41
N ALA B 184 -8.79 5.87 -11.23
CA ALA B 184 -9.14 5.24 -12.51
C ALA B 184 -9.70 3.89 -12.13
N ASN B 185 -10.80 3.50 -12.76
CA ASN B 185 -11.45 2.24 -12.41
C ASN B 185 -11.70 1.36 -13.64
N GLY B 186 -12.74 1.69 -14.39
CA GLY B 186 -13.06 0.91 -15.58
C GLY B 186 -12.20 1.29 -16.76
N ILE B 187 -12.01 0.33 -17.67
CA ILE B 187 -11.21 0.58 -18.86
C ILE B 187 -11.63 -0.39 -19.94
N ALA B 188 -11.63 0.08 -21.18
CA ALA B 188 -12.02 -0.77 -22.30
C ALA B 188 -11.48 -0.18 -23.60
N LEU B 189 -11.14 -1.07 -24.53
CA LEU B 189 -10.66 -0.65 -25.85
C LEU B 189 -11.80 -0.84 -26.83
N SER B 190 -11.89 0.04 -27.81
CA SER B 190 -12.92 -0.06 -28.83
C SER B 190 -12.53 -1.26 -29.70
N THR B 191 -13.42 -1.69 -30.58
CA THR B 191 -13.13 -2.84 -31.43
C THR B 191 -11.91 -2.65 -32.31
N ASP B 192 -11.66 -1.42 -32.76
CA ASP B 192 -10.50 -1.16 -33.60
C ASP B 192 -9.30 -0.73 -32.76
N GLU B 193 -9.47 -0.73 -31.44
CA GLU B 193 -8.41 -0.38 -30.50
C GLU B 193 -7.83 1.03 -30.68
N LYS B 194 -8.58 1.93 -31.30
CA LYS B 194 -8.11 3.29 -31.51
C LYS B 194 -8.72 4.23 -30.47
N VAL B 195 -9.66 3.71 -29.69
CA VAL B 195 -10.31 4.49 -28.64
C VAL B 195 -10.22 3.74 -27.33
N LEU B 196 -9.81 4.45 -26.28
CA LEU B 196 -9.68 3.86 -24.95
C LEU B 196 -10.67 4.58 -24.02
N TRP B 197 -11.52 3.81 -23.37
CA TRP B 197 -12.50 4.34 -22.43
C TRP B 197 -12.00 4.10 -21.01
N VAL B 198 -12.17 5.11 -20.14
CA VAL B 198 -11.74 4.99 -18.75
C VAL B 198 -12.77 5.64 -17.84
N THR B 199 -13.10 5.01 -16.72
CA THR B 199 -14.06 5.63 -15.82
C THR B 199 -13.29 6.15 -14.60
N GLU B 200 -13.74 7.29 -14.10
CA GLU B 200 -13.11 7.96 -12.95
C GLU B 200 -14.14 7.98 -11.84
N THR B 201 -13.99 7.05 -10.90
CA THR B 201 -14.95 6.89 -9.82
C THR B 201 -15.24 8.05 -8.88
N THR B 202 -14.20 8.63 -8.29
CA THR B 202 -14.40 9.70 -7.33
C THR B 202 -14.69 11.10 -7.87
N ALA B 203 -14.77 11.23 -9.19
CA ALA B 203 -15.10 12.52 -9.81
C ALA B 203 -16.29 12.34 -10.76
N ASN B 204 -16.83 11.12 -10.83
CA ASN B 204 -17.97 10.84 -11.68
C ASN B 204 -17.82 11.30 -13.13
N ARG B 205 -16.73 10.89 -13.77
CA ARG B 205 -16.49 11.28 -15.17
C ARG B 205 -16.14 10.10 -16.06
N LEU B 206 -16.53 10.21 -17.32
CA LEU B 206 -16.22 9.20 -18.32
C LEU B 206 -15.16 9.79 -19.24
N HIS B 207 -14.08 9.06 -19.45
CA HIS B 207 -12.99 9.49 -20.32
C HIS B 207 -13.00 8.73 -21.64
N ARG B 208 -12.79 9.45 -22.73
CA ARG B 208 -12.72 8.85 -24.06
C ARG B 208 -11.39 9.34 -24.61
N ILE B 209 -10.49 8.41 -24.90
CA ILE B 209 -9.16 8.75 -25.38
C ILE B 209 -8.84 8.18 -26.77
N ALA B 210 -8.70 9.07 -27.74
CA ALA B 210 -8.38 8.70 -29.11
C ALA B 210 -6.87 8.50 -29.19
N LEU B 211 -6.44 7.28 -29.56
CA LEU B 211 -5.03 6.96 -29.64
C LEU B 211 -4.46 6.92 -31.05
N GLU B 212 -3.17 7.22 -31.16
CA GLU B 212 -2.48 7.17 -32.44
C GLU B 212 -2.24 5.70 -32.71
N ASP B 213 -1.80 5.35 -33.92
CA ASP B 213 -1.56 3.96 -34.25
C ASP B 213 -0.54 3.25 -33.36
N ASP B 214 0.32 4.02 -32.69
CA ASP B 214 1.31 3.39 -31.82
C ASP B 214 0.68 2.91 -30.52
N GLY B 215 -0.60 3.24 -30.32
CA GLY B 215 -1.33 2.81 -29.14
C GLY B 215 -0.93 3.45 -27.83
N VAL B 216 0.05 4.37 -27.85
CA VAL B 216 0.48 5.02 -26.62
C VAL B 216 0.43 6.54 -26.69
N THR B 217 0.37 7.08 -27.90
CA THR B 217 0.31 8.53 -28.07
C THR B 217 -1.13 8.99 -28.26
N ILE B 218 -1.55 9.97 -27.46
CA ILE B 218 -2.90 10.49 -27.56
C ILE B 218 -2.97 11.44 -28.75
N GLN B 219 -3.99 11.29 -29.57
CA GLN B 219 -4.15 12.17 -30.72
C GLN B 219 -4.31 13.60 -30.21
N PRO B 220 -3.95 14.60 -31.02
CA PRO B 220 -4.08 15.99 -30.58
C PRO B 220 -5.49 16.27 -30.03
N PHE B 221 -5.57 16.79 -28.81
CA PHE B 221 -6.84 17.09 -28.16
C PHE B 221 -7.73 15.84 -28.16
N GLY B 222 -7.09 14.68 -28.16
CA GLY B 222 -7.81 13.42 -28.21
C GLY B 222 -8.39 12.83 -26.95
N ALA B 223 -8.00 13.35 -25.79
CA ALA B 223 -8.52 12.84 -24.52
C ALA B 223 -9.60 13.82 -24.09
N THR B 224 -10.84 13.34 -24.06
CA THR B 224 -11.97 14.17 -23.69
C THR B 224 -12.85 13.57 -22.61
N ILE B 225 -13.86 14.33 -22.20
CA ILE B 225 -14.81 13.91 -21.18
C ILE B 225 -16.19 14.00 -21.83
N PRO B 226 -16.64 12.91 -22.48
CA PRO B 226 -17.95 12.95 -23.14
C PRO B 226 -19.15 12.87 -22.20
N TYR B 227 -18.92 12.46 -20.95
CA TYR B 227 -20.04 12.32 -20.03
C TYR B 227 -19.68 12.55 -18.57
N TYR B 228 -20.57 13.26 -17.87
CA TYR B 228 -20.41 13.49 -16.45
C TYR B 228 -21.48 12.62 -15.79
N PHE B 229 -21.05 11.60 -15.06
CA PHE B 229 -21.98 10.72 -14.38
C PHE B 229 -22.57 11.49 -13.22
N THR B 230 -23.53 10.87 -12.53
CA THR B 230 -24.15 11.50 -11.38
C THR B 230 -24.51 10.42 -10.39
N GLY B 231 -24.60 10.79 -9.12
CA GLY B 231 -24.97 9.83 -8.09
C GLY B 231 -23.81 9.20 -7.34
N HIS B 232 -24.08 8.82 -6.09
CA HIS B 232 -23.09 8.17 -5.24
C HIS B 232 -23.10 6.69 -5.61
N GLU B 233 -21.93 6.05 -5.76
CA GLU B 233 -20.63 6.69 -5.56
C GLU B 233 -20.00 7.17 -6.86
N GLY B 234 -20.10 6.37 -7.90
CA GLY B 234 -19.52 6.75 -9.18
C GLY B 234 -19.40 5.56 -10.12
N PRO B 235 -18.87 5.76 -11.34
CA PRO B 235 -18.71 4.69 -12.32
C PRO B 235 -17.68 3.66 -11.89
N ASP B 236 -17.91 2.42 -12.26
CA ASP B 236 -17.02 1.33 -11.92
C ASP B 236 -16.52 0.67 -13.20
N SER B 237 -16.48 -0.66 -13.22
CA SER B 237 -15.99 -1.42 -14.36
C SER B 237 -16.86 -1.30 -15.61
N CYS B 238 -16.24 -1.55 -16.76
CA CYS B 238 -16.95 -1.47 -18.02
C CYS B 238 -16.46 -2.50 -19.05
N CYS B 239 -17.27 -2.69 -20.08
CA CYS B 239 -16.93 -3.58 -21.19
C CYS B 239 -17.69 -3.04 -22.39
N ILE B 240 -17.35 -3.51 -23.58
CA ILE B 240 -18.02 -3.06 -24.79
C ILE B 240 -18.75 -4.24 -25.43
N ASP B 241 -19.50 -3.97 -26.49
CA ASP B 241 -20.16 -5.04 -27.22
C ASP B 241 -19.63 -4.90 -28.65
N SER B 242 -20.02 -5.81 -29.54
CA SER B 242 -19.52 -5.76 -30.92
C SER B 242 -19.90 -4.53 -31.73
N ASP B 243 -20.86 -3.74 -31.23
CA ASP B 243 -21.28 -2.53 -31.93
C ASP B 243 -20.56 -1.32 -31.33
N ASP B 244 -19.57 -1.61 -30.49
CA ASP B 244 -18.78 -0.59 -29.82
C ASP B 244 -19.53 0.22 -28.78
N ASN B 245 -20.63 -0.33 -28.26
CA ASN B 245 -21.36 0.34 -27.20
C ASN B 245 -20.59 0.05 -25.92
N LEU B 246 -20.63 0.97 -24.96
CA LEU B 246 -19.92 0.79 -23.70
C LEU B 246 -20.91 0.58 -22.55
N TYR B 247 -20.67 -0.47 -21.77
CA TYR B 247 -21.53 -0.80 -20.63
C TYR B 247 -20.74 -0.48 -19.36
N VAL B 248 -21.28 0.43 -18.55
CA VAL B 248 -20.60 0.84 -17.33
C VAL B 248 -21.39 0.53 -16.06
N ALA B 249 -20.81 -0.29 -15.20
CA ALA B 249 -21.47 -0.63 -13.94
C ALA B 249 -21.29 0.60 -13.06
N MET B 250 -22.35 0.98 -12.34
CA MET B 250 -22.29 2.15 -11.47
C MET B 250 -22.25 1.73 -10.02
N TYR B 251 -21.07 1.88 -9.40
CA TYR B 251 -20.88 1.49 -8.02
C TYR B 251 -21.72 2.28 -7.02
N GLY B 252 -22.49 1.55 -6.22
CA GLY B 252 -23.34 2.17 -5.23
C GLY B 252 -24.65 2.68 -5.78
N GLN B 253 -24.89 2.46 -7.07
CA GLN B 253 -26.10 2.94 -7.72
C GLN B 253 -27.04 1.83 -8.18
N GLY B 254 -26.62 0.58 -8.03
CA GLY B 254 -27.49 -0.51 -8.46
C GLY B 254 -27.99 -0.38 -9.89
N ARG B 255 -27.08 -0.08 -10.81
CA ARG B 255 -27.46 0.04 -12.21
C ARG B 255 -26.24 0.01 -13.11
N VAL B 256 -26.51 -0.15 -14.40
CA VAL B 256 -25.47 -0.18 -15.43
C VAL B 256 -25.97 0.79 -16.49
N LEU B 257 -25.11 1.70 -16.90
CA LEU B 257 -25.47 2.66 -17.95
C LEU B 257 -24.79 2.20 -19.22
N VAL B 258 -25.46 2.41 -20.36
CA VAL B 258 -24.91 1.99 -21.64
C VAL B 258 -24.76 3.19 -22.57
N PHE B 259 -23.60 3.30 -23.20
CA PHE B 259 -23.30 4.40 -24.11
C PHE B 259 -22.98 3.87 -25.50
N ASN B 260 -23.21 4.68 -26.53
CA ASN B 260 -22.90 4.24 -27.88
C ASN B 260 -21.43 4.53 -28.17
N LYS B 261 -20.99 4.22 -29.38
CA LYS B 261 -19.60 4.42 -29.77
C LYS B 261 -19.08 5.85 -29.61
N ARG B 262 -19.99 6.82 -29.63
CA ARG B 262 -19.57 8.21 -29.47
C ARG B 262 -19.68 8.72 -28.03
N GLY B 263 -19.98 7.82 -27.10
CA GLY B 263 -20.07 8.22 -25.70
C GLY B 263 -21.38 8.83 -25.22
N TYR B 264 -22.44 8.66 -26.00
CA TYR B 264 -23.76 9.18 -25.64
C TYR B 264 -24.57 8.06 -24.99
N PRO B 265 -25.32 8.37 -23.92
CA PRO B 265 -26.12 7.33 -23.26
C PRO B 265 -27.28 6.83 -24.11
N ILE B 266 -27.43 5.51 -24.20
CA ILE B 266 -28.51 4.91 -24.99
C ILE B 266 -29.25 3.80 -24.25
N GLY B 267 -28.80 3.47 -23.05
CA GLY B 267 -29.48 2.41 -22.31
C GLY B 267 -29.23 2.44 -20.82
N GLN B 268 -30.10 1.79 -20.08
CA GLN B 268 -30.00 1.76 -18.62
C GLN B 268 -30.55 0.44 -18.10
N ILE B 269 -29.76 -0.22 -17.25
CA ILE B 269 -30.14 -1.50 -16.67
C ILE B 269 -30.17 -1.36 -15.17
N LEU B 270 -31.34 -1.58 -14.58
CA LEU B 270 -31.51 -1.45 -13.14
C LEU B 270 -31.38 -2.78 -12.40
N ILE B 271 -30.79 -2.72 -11.20
CA ILE B 271 -30.64 -3.91 -10.37
C ILE B 271 -31.81 -3.93 -9.39
N PRO B 272 -32.53 -5.05 -9.32
CA PRO B 272 -33.68 -5.21 -8.41
C PRO B 272 -33.37 -4.84 -6.96
N GLY B 273 -34.24 -4.04 -6.37
CA GLY B 273 -34.07 -3.64 -4.98
C GLY B 273 -33.31 -2.36 -4.71
N ARG B 274 -32.77 -1.76 -5.76
CA ARG B 274 -31.99 -0.52 -5.61
C ARG B 274 -32.75 0.59 -4.86
N ASP B 275 -34.04 0.75 -5.14
CA ASP B 275 -34.84 1.77 -4.49
C ASP B 275 -34.87 1.62 -2.97
N GLU B 276 -34.78 0.39 -2.50
CA GLU B 276 -34.79 0.11 -1.06
C GLU B 276 -33.39 0.06 -0.48
N GLY B 277 -32.38 0.37 -1.28
CA GLY B 277 -31.01 0.34 -0.80
C GLY B 277 -30.30 -0.99 -0.92
N HIS B 278 -30.93 -1.95 -1.59
CA HIS B 278 -30.34 -3.29 -1.76
C HIS B 278 -29.57 -3.46 -3.06
N MET B 279 -28.56 -4.32 -3.02
CA MET B 279 -27.76 -4.64 -4.20
C MET B 279 -27.22 -3.43 -4.97
N LEU B 280 -26.83 -2.39 -4.24
CA LEU B 280 -26.31 -1.18 -4.86
C LEU B 280 -24.88 -1.31 -5.36
N ARG B 281 -24.16 -2.32 -4.87
CA ARG B 281 -22.78 -2.50 -5.29
C ARG B 281 -22.62 -3.25 -6.61
N SER B 282 -23.17 -2.66 -7.67
CA SER B 282 -23.08 -3.22 -9.01
C SER B 282 -21.71 -2.81 -9.52
N THR B 283 -20.82 -3.78 -9.70
CA THR B 283 -19.44 -3.50 -10.08
C THR B 283 -18.91 -3.89 -11.45
N HIS B 284 -19.50 -4.88 -12.10
CA HIS B 284 -18.94 -5.31 -13.38
C HIS B 284 -19.92 -5.96 -14.34
N PRO B 285 -19.82 -5.63 -15.65
CA PRO B 285 -20.69 -6.17 -16.70
C PRO B 285 -19.82 -7.00 -17.66
N GLN B 286 -20.37 -8.08 -18.22
CA GLN B 286 -19.59 -8.90 -19.15
C GLN B 286 -20.55 -9.82 -19.93
N PHE B 287 -20.28 -10.01 -21.22
CA PHE B 287 -21.11 -10.85 -22.07
C PHE B 287 -20.72 -12.31 -22.17
N ILE B 288 -21.72 -13.18 -22.20
CA ILE B 288 -21.45 -14.60 -22.38
C ILE B 288 -20.98 -14.63 -23.83
N PRO B 289 -19.78 -15.19 -24.09
CA PRO B 289 -19.21 -15.27 -25.43
C PRO B 289 -20.16 -15.77 -26.53
N GLY B 290 -20.15 -15.07 -27.65
CA GLY B 290 -20.98 -15.45 -28.78
C GLY B 290 -22.45 -15.09 -28.65
N THR B 291 -22.80 -14.34 -27.61
CA THR B 291 -24.20 -13.96 -27.41
C THR B 291 -24.31 -12.51 -26.96
N ASN B 292 -25.53 -12.00 -26.91
CA ASN B 292 -25.76 -10.64 -26.45
C ASN B 292 -26.29 -10.68 -25.02
N GLN B 293 -26.09 -11.82 -24.34
CA GLN B 293 -26.53 -11.95 -22.95
C GLN B 293 -25.46 -11.40 -22.02
N LEU B 294 -25.82 -10.34 -21.30
CA LEU B 294 -24.92 -9.66 -20.37
C LEU B 294 -25.12 -10.15 -18.94
N ILE B 295 -24.01 -10.36 -18.24
CA ILE B 295 -24.03 -10.78 -16.85
C ILE B 295 -23.52 -9.58 -16.05
N ILE B 296 -24.15 -9.29 -14.91
CA ILE B 296 -23.76 -8.17 -14.06
C ILE B 296 -23.68 -8.66 -12.62
N CYS B 297 -22.59 -8.36 -11.94
CA CYS B 297 -22.46 -8.79 -10.56
C CYS B 297 -22.70 -7.64 -9.58
N SER B 298 -23.35 -7.96 -8.47
CA SER B 298 -23.64 -6.99 -7.43
C SER B 298 -23.70 -7.73 -6.11
N ASN B 299 -23.75 -7.00 -5.01
CA ASN B 299 -23.83 -7.64 -3.71
C ASN B 299 -24.60 -6.74 -2.76
N ASP B 300 -25.15 -7.33 -1.71
CA ASP B 300 -25.95 -6.60 -0.74
C ASP B 300 -25.28 -6.49 0.63
N ILE B 301 -23.96 -6.37 0.64
CA ILE B 301 -23.20 -6.26 1.88
C ILE B 301 -23.75 -5.15 2.77
N GLU B 302 -24.09 -4.01 2.17
CA GLU B 302 -24.62 -2.87 2.91
C GLU B 302 -25.89 -3.15 3.70
N MET B 303 -26.65 -4.15 3.26
CA MET B 303 -27.90 -4.50 3.94
C MET B 303 -27.81 -5.89 4.58
N GLY B 304 -26.59 -6.42 4.64
CA GLY B 304 -26.39 -7.74 5.23
C GLY B 304 -26.95 -8.86 4.36
N GLY B 305 -27.04 -8.62 3.06
CA GLY B 305 -27.56 -9.62 2.15
C GLY B 305 -26.50 -10.43 1.44
N GLY B 306 -26.89 -11.12 0.37
CA GLY B 306 -25.95 -11.95 -0.37
C GLY B 306 -25.24 -11.34 -1.58
N SER B 307 -24.70 -12.21 -2.42
CA SER B 307 -23.95 -11.83 -3.62
C SER B 307 -24.63 -12.48 -4.83
N MET B 308 -25.04 -11.67 -5.78
CA MET B 308 -25.80 -12.16 -6.93
C MET B 308 -25.34 -11.72 -8.32
N LEU B 309 -25.57 -12.59 -9.30
CA LEU B 309 -25.27 -12.30 -10.69
C LEU B 309 -26.62 -12.09 -11.37
N TYR B 310 -26.76 -10.99 -12.08
CA TYR B 310 -28.00 -10.66 -12.77
C TYR B 310 -27.76 -10.70 -14.27
N THR B 311 -28.83 -10.70 -15.06
CA THR B 311 -28.69 -10.76 -16.51
C THR B 311 -29.79 -10.05 -17.31
N VAL B 312 -29.42 -9.63 -18.51
CA VAL B 312 -30.32 -8.99 -19.48
C VAL B 312 -29.65 -9.19 -20.84
N ASN B 313 -30.34 -8.83 -21.91
CA ASN B 313 -29.74 -8.94 -23.23
C ASN B 313 -29.37 -7.53 -23.66
N GLY B 314 -28.12 -7.36 -24.12
CA GLY B 314 -27.64 -6.07 -24.56
C GLY B 314 -28.00 -5.76 -26.01
N PHE B 315 -27.48 -4.65 -26.52
CA PHE B 315 -27.75 -4.23 -27.89
C PHE B 315 -27.15 -5.13 -28.97
N ALA B 316 -26.01 -5.73 -28.68
CA ALA B 316 -25.34 -6.59 -29.63
C ALA B 316 -24.54 -7.67 -28.91
N LYS B 317 -24.03 -8.63 -29.68
CA LYS B 317 -23.24 -9.71 -29.10
C LYS B 317 -21.95 -9.13 -28.52
N GLY B 318 -21.38 -9.83 -27.54
CA GLY B 318 -20.15 -9.37 -26.94
C GLY B 318 -19.02 -9.30 -27.95
N HIS B 319 -17.99 -8.54 -27.61
CA HIS B 319 -16.83 -8.38 -28.47
C HIS B 319 -15.79 -9.49 -28.27
N GLN B 320 -15.12 -9.88 -29.36
CA GLN B 320 -14.09 -10.92 -29.29
C GLN B 320 -12.82 -10.32 -28.69
N SER B 321 -12.74 -10.31 -27.37
CA SER B 321 -11.56 -9.78 -26.68
C SER B 321 -10.38 -10.73 -26.86
N PHE B 322 -9.22 -10.32 -26.32
CA PHE B 322 -7.97 -11.07 -26.45
C PHE B 322 -8.00 -12.57 -26.15
N GLN B 323 -8.71 -12.99 -25.10
CA GLN B 323 -8.75 -14.41 -24.75
C GLN B 323 -9.42 -15.28 -25.80
N PHE B 324 -10.09 -14.64 -26.77
CA PHE B 324 -10.79 -15.38 -27.82
C PHE B 324 -10.09 -15.31 -29.17
N GLN B 325 -9.08 -14.46 -29.29
CA GLN B 325 -8.39 -14.31 -30.57
C GLN B 325 -7.60 -15.55 -30.98
N LEU B 326 -7.50 -15.76 -32.30
CA LEU B 326 -6.82 -16.93 -32.84
C LEU B 326 -5.38 -16.66 -33.30
N GLU B 327 -4.81 -17.66 -33.98
CA GLU B 327 -3.44 -17.60 -34.51
C GLU B 327 -2.40 -17.61 -33.41
N GLN C 6 -39.44 35.82 -40.14
CA GLN C 6 -39.20 35.27 -41.51
C GLN C 6 -39.74 33.85 -41.58
N ASP C 7 -39.45 33.14 -42.67
CA ASP C 7 -39.93 31.76 -42.82
C ASP C 7 -38.98 30.78 -42.14
N LEU C 8 -37.79 31.26 -41.78
CA LEU C 8 -36.80 30.41 -41.13
C LEU C 8 -37.21 29.99 -39.72
N PRO C 9 -36.77 28.80 -39.29
CA PRO C 9 -37.09 28.33 -37.94
C PRO C 9 -36.59 29.42 -37.00
N THR C 10 -37.39 29.76 -35.99
CA THR C 10 -37.04 30.84 -35.07
C THR C 10 -37.14 30.48 -33.59
N LEU C 11 -36.30 31.12 -32.78
CA LEU C 11 -36.29 30.93 -31.33
C LEU C 11 -37.00 32.13 -30.70
N PHE C 12 -37.94 31.87 -29.80
CA PHE C 12 -38.71 32.94 -29.15
C PHE C 12 -38.58 32.87 -27.63
N TYR C 13 -38.91 33.98 -26.98
CA TYR C 13 -38.85 34.04 -25.52
C TYR C 13 -40.11 33.46 -24.90
N SER C 14 -40.37 32.19 -25.20
CA SER C 14 -41.53 31.47 -24.70
C SER C 14 -41.11 30.45 -23.65
N GLY C 15 -42.04 30.12 -22.75
CA GLY C 15 -41.77 29.15 -21.72
C GLY C 15 -40.55 29.46 -20.86
N LYS C 16 -39.79 28.43 -20.52
CA LYS C 16 -38.60 28.60 -19.70
C LYS C 16 -37.48 29.33 -20.41
N SER C 17 -37.65 29.59 -21.71
CA SER C 17 -36.64 30.32 -22.46
C SER C 17 -36.68 31.79 -22.06
N ASN C 18 -37.76 32.18 -21.38
CA ASN C 18 -37.93 33.56 -20.94
C ASN C 18 -37.60 33.76 -19.46
N SER C 19 -37.14 32.71 -18.81
CA SER C 19 -36.78 32.80 -17.40
C SER C 19 -35.33 33.24 -17.23
N ALA C 20 -35.05 33.95 -16.14
CA ALA C 20 -33.69 34.40 -15.88
C ALA C 20 -32.83 33.22 -15.45
N VAL C 21 -33.44 32.27 -14.75
CA VAL C 21 -32.72 31.10 -14.22
C VAL C 21 -33.53 29.81 -14.38
N PRO C 22 -33.80 29.42 -15.64
CA PRO C 22 -34.58 28.21 -15.92
C PRO C 22 -33.96 26.89 -15.47
N ILE C 23 -34.77 26.06 -14.82
CA ILE C 23 -34.35 24.75 -14.35
C ILE C 23 -34.86 23.85 -15.47
N ILE C 24 -33.96 23.38 -16.33
CA ILE C 24 -34.37 22.59 -17.47
C ILE C 24 -33.26 21.69 -18.00
N SER C 25 -33.64 20.60 -18.65
CA SER C 25 -32.69 19.65 -19.23
C SER C 25 -32.60 19.88 -20.74
N GLU C 26 -31.50 19.46 -21.35
CA GLU C 26 -31.31 19.67 -22.78
C GLU C 26 -32.41 19.11 -23.67
N SER C 27 -32.91 17.92 -23.36
CA SER C 27 -33.96 17.32 -24.19
C SER C 27 -35.25 18.12 -24.16
N GLU C 28 -35.40 18.96 -23.14
CA GLU C 28 -36.59 19.79 -22.94
C GLU C 28 -36.46 21.21 -23.51
N LEU C 29 -35.24 21.60 -23.88
CA LEU C 29 -35.02 22.95 -24.42
C LEU C 29 -35.82 23.26 -25.68
N GLN C 30 -36.17 24.53 -25.85
CA GLN C 30 -36.87 24.95 -27.04
C GLN C 30 -35.90 24.61 -28.16
N THR C 31 -36.31 23.73 -29.06
CA THR C 31 -35.44 23.28 -30.13
C THR C 31 -35.99 23.48 -31.53
N ILE C 32 -35.10 23.81 -32.46
CA ILE C 32 -35.46 24.00 -33.85
C ILE C 32 -34.36 23.35 -34.68
N THR C 33 -34.68 23.05 -35.94
CA THR C 33 -33.71 22.44 -36.84
C THR C 33 -33.32 23.45 -37.91
N ALA C 34 -32.02 23.70 -38.05
CA ALA C 34 -31.52 24.66 -39.01
C ALA C 34 -31.81 24.24 -40.46
N GLU C 35 -31.93 25.25 -41.32
CA GLU C 35 -32.18 25.04 -42.74
C GLU C 35 -30.88 25.23 -43.50
N PRO C 36 -30.65 24.43 -44.55
CA PRO C 36 -29.40 24.64 -45.29
C PRO C 36 -29.44 26.04 -45.90
N TRP C 37 -28.32 26.73 -45.91
CA TRP C 37 -28.26 28.08 -46.44
C TRP C 37 -27.37 28.19 -47.66
N LEU C 38 -26.14 27.70 -47.54
CA LEU C 38 -25.20 27.75 -48.65
C LEU C 38 -24.13 26.68 -48.56
N GLU C 39 -24.02 25.88 -49.61
CA GLU C 39 -23.01 24.82 -49.64
C GLU C 39 -21.70 25.43 -50.10
N ILE C 40 -20.68 25.33 -49.25
CA ILE C 40 -19.37 25.89 -49.58
C ILE C 40 -18.62 25.01 -50.58
N SER C 41 -18.79 23.70 -50.44
CA SER C 41 -18.13 22.75 -51.34
C SER C 41 -18.70 21.36 -51.19
N LYS C 42 -18.57 20.57 -52.25
CA LYS C 42 -19.05 19.19 -52.25
C LYS C 42 -18.01 18.36 -51.50
N LYS C 43 -16.81 18.93 -51.38
CA LYS C 43 -15.72 18.27 -50.68
C LYS C 43 -15.76 18.61 -49.20
N GLY C 44 -15.14 17.74 -48.39
CA GLY C 44 -15.12 17.96 -46.96
C GLY C 44 -14.06 18.96 -46.53
N LEU C 45 -14.51 20.06 -45.95
CA LEU C 45 -13.62 21.11 -45.48
C LEU C 45 -13.98 21.44 -44.04
N GLN C 46 -12.97 21.61 -43.20
CA GLN C 46 -13.18 21.92 -41.79
C GLN C 46 -13.50 23.41 -41.66
N LEU C 47 -14.73 23.78 -42.02
CA LEU C 47 -15.15 25.18 -41.95
C LEU C 47 -15.06 25.73 -40.54
N GLU C 48 -14.74 27.02 -40.44
CA GLU C 48 -14.59 27.70 -39.16
C GLU C 48 -14.40 29.20 -39.36
N GLY C 49 -14.39 29.94 -38.26
CA GLY C 49 -14.16 31.37 -38.28
C GLY C 49 -15.09 32.35 -38.97
N LEU C 50 -16.40 32.13 -38.87
CA LEU C 50 -17.36 33.04 -39.49
C LEU C 50 -17.21 34.45 -38.94
N ASN C 51 -17.26 35.45 -39.83
CA ASN C 51 -17.16 36.84 -39.41
C ASN C 51 -17.57 37.77 -40.56
N PHE C 52 -18.44 38.74 -40.26
CA PHE C 52 -18.90 39.69 -41.28
C PHE C 52 -18.16 41.01 -41.21
N ASP C 53 -17.94 41.63 -42.37
CA ASP C 53 -17.25 42.92 -42.42
C ASP C 53 -18.27 44.04 -42.33
N ARG C 54 -17.79 45.29 -42.35
CA ARG C 54 -18.69 46.44 -42.25
C ARG C 54 -19.76 46.44 -43.32
N GLN C 55 -19.45 45.88 -44.48
CA GLN C 55 -20.38 45.83 -45.59
C GLN C 55 -21.35 44.65 -45.53
N GLY C 56 -21.32 43.92 -44.42
CA GLY C 56 -22.22 42.79 -44.27
C GLY C 56 -21.82 41.55 -45.05
N GLN C 57 -20.60 41.52 -45.56
CA GLN C 57 -20.13 40.36 -46.32
C GLN C 57 -19.57 39.34 -45.34
N LEU C 58 -19.75 38.06 -45.65
CA LEU C 58 -19.28 36.99 -44.77
C LEU C 58 -17.94 36.39 -45.14
N PHE C 59 -17.06 36.33 -44.15
CA PHE C 59 -15.73 35.75 -44.31
C PHE C 59 -15.69 34.49 -43.44
N LEU C 60 -14.94 33.50 -43.89
CA LEU C 60 -14.76 32.27 -43.15
C LEU C 60 -13.57 31.53 -43.76
N LEU C 61 -13.22 30.39 -43.18
CA LEU C 61 -12.09 29.61 -43.67
C LEU C 61 -12.26 28.14 -43.34
N ASP C 62 -11.31 27.33 -43.82
CA ASP C 62 -11.33 25.91 -43.53
C ASP C 62 -9.95 25.67 -42.91
N VAL C 63 -9.93 24.93 -41.81
CA VAL C 63 -8.71 24.68 -41.07
C VAL C 63 -7.58 23.93 -41.78
N PHE C 64 -7.87 22.74 -42.29
CA PHE C 64 -6.85 21.92 -42.91
C PHE C 64 -6.23 22.38 -44.22
N GLU C 65 -6.94 23.19 -45.01
CA GLU C 65 -6.36 23.69 -46.25
C GLU C 65 -6.04 25.17 -46.14
N GLY C 66 -6.66 25.83 -45.16
CA GLY C 66 -6.41 27.25 -44.95
C GLY C 66 -7.00 28.21 -45.96
N ASN C 67 -8.06 27.81 -46.63
CA ASN C 67 -8.71 28.68 -47.60
C ASN C 67 -9.48 29.79 -46.90
N ILE C 68 -9.43 30.99 -47.45
CA ILE C 68 -10.17 32.12 -46.89
C ILE C 68 -11.30 32.40 -47.88
N PHE C 69 -12.53 32.32 -47.41
CA PHE C 69 -13.70 32.53 -48.26
C PHE C 69 -14.41 33.84 -47.93
N LYS C 70 -14.95 34.48 -48.96
CA LYS C 70 -15.73 35.71 -48.79
C LYS C 70 -17.05 35.48 -49.51
N ILE C 71 -18.14 35.57 -48.77
CA ILE C 71 -19.47 35.32 -49.32
C ILE C 71 -20.40 36.52 -49.26
N ASN C 72 -21.19 36.68 -50.31
CA ASN C 72 -22.16 37.75 -50.40
C ASN C 72 -23.46 37.11 -49.92
N PRO C 73 -23.93 37.48 -48.73
CA PRO C 73 -25.17 36.93 -48.16
C PRO C 73 -26.42 37.06 -49.04
N GLU C 74 -26.44 38.08 -49.89
CA GLU C 74 -27.59 38.30 -50.77
C GLU C 74 -27.58 37.47 -52.04
N THR C 75 -26.41 37.39 -52.68
CA THR C 75 -26.28 36.65 -53.94
C THR C 75 -25.73 35.24 -53.77
N LYS C 76 -25.23 34.95 -52.57
CA LYS C 76 -24.67 33.64 -52.26
C LYS C 76 -23.41 33.36 -53.08
N GLU C 77 -22.82 34.41 -53.64
CA GLU C 77 -21.60 34.28 -54.42
C GLU C 77 -20.45 33.92 -53.49
N ILE C 78 -19.62 32.96 -53.92
CA ILE C 78 -18.48 32.53 -53.12
C ILE C 78 -17.16 32.88 -53.79
N LYS C 79 -16.32 33.64 -53.08
CA LYS C 79 -15.01 34.03 -53.58
C LYS C 79 -13.95 33.47 -52.63
N ARG C 80 -12.77 33.21 -53.16
CA ARG C 80 -11.67 32.67 -52.35
C ARG C 80 -10.48 33.63 -52.55
N PRO C 81 -10.54 34.81 -51.92
CA PRO C 81 -9.48 35.83 -52.00
C PRO C 81 -8.05 35.33 -51.82
N PHE C 82 -7.80 34.61 -50.72
CA PHE C 82 -6.45 34.10 -50.50
C PHE C 82 -6.42 32.85 -49.61
N VAL C 83 -5.20 32.35 -49.40
CA VAL C 83 -4.98 31.17 -48.58
C VAL C 83 -4.01 31.52 -47.46
N SER C 84 -4.28 31.00 -46.28
CA SER C 84 -3.43 31.26 -45.13
C SER C 84 -2.03 30.70 -45.34
N HIS C 85 -1.02 31.51 -45.02
CA HIS C 85 0.37 31.10 -45.15
C HIS C 85 0.80 30.36 -43.88
N LYS C 86 -0.06 30.40 -42.87
CA LYS C 86 0.20 29.74 -41.60
C LYS C 86 -0.66 28.48 -41.52
N ALA C 87 -0.13 27.45 -40.88
CA ALA C 87 -0.86 26.19 -40.75
C ALA C 87 -2.04 26.20 -39.79
N ASN C 88 -3.10 25.54 -40.21
CA ASN C 88 -4.32 25.37 -39.43
C ASN C 88 -4.98 26.61 -38.82
N PRO C 89 -5.38 27.57 -39.66
CA PRO C 89 -6.04 28.77 -39.16
C PRO C 89 -7.42 28.34 -38.66
N ALA C 90 -7.93 28.96 -37.60
CA ALA C 90 -9.22 28.54 -37.04
C ALA C 90 -10.27 29.62 -36.84
N ALA C 91 -9.88 30.88 -36.95
CA ALA C 91 -10.83 31.96 -36.77
C ALA C 91 -10.42 33.24 -37.49
N ILE C 92 -11.42 34.04 -37.83
CA ILE C 92 -11.20 35.32 -38.49
C ILE C 92 -12.00 36.35 -37.70
N LYS C 93 -11.32 37.38 -37.22
CA LYS C 93 -12.00 38.45 -36.50
C LYS C 93 -11.57 39.73 -37.21
N ILE C 94 -12.57 40.49 -37.64
CA ILE C 94 -12.32 41.73 -38.37
C ILE C 94 -12.15 42.93 -37.45
N HIS C 95 -11.10 43.70 -37.72
CA HIS C 95 -10.78 44.88 -36.95
C HIS C 95 -11.62 46.05 -37.45
N LYS C 96 -11.85 47.01 -36.58
CA LYS C 96 -12.63 48.18 -36.95
C LYS C 96 -12.03 48.83 -38.20
N ASP C 97 -10.71 48.72 -38.35
CA ASP C 97 -10.05 49.32 -39.51
C ASP C 97 -10.10 48.48 -40.78
N GLY C 98 -10.87 47.40 -40.75
CA GLY C 98 -11.01 46.57 -41.95
C GLY C 98 -10.08 45.37 -42.07
N ARG C 99 -9.00 45.35 -41.28
CA ARG C 99 -8.06 44.23 -41.34
C ARG C 99 -8.68 42.95 -40.81
N LEU C 100 -8.24 41.83 -41.37
CA LEU C 100 -8.71 40.51 -40.93
C LEU C 100 -7.65 39.92 -40.02
N PHE C 101 -8.03 39.60 -38.80
CA PHE C 101 -7.09 38.98 -37.87
C PHE C 101 -7.37 37.50 -37.93
N VAL C 102 -6.35 36.71 -38.24
CA VAL C 102 -6.50 35.28 -38.37
C VAL C 102 -5.75 34.49 -37.30
N CYS C 103 -6.51 33.78 -36.46
CA CYS C 103 -5.93 32.95 -35.41
C CYS C 103 -5.60 31.59 -36.02
N TYR C 104 -4.41 31.07 -35.75
CA TYR C 104 -4.06 29.76 -36.28
C TYR C 104 -3.43 28.85 -35.23
N LEU C 105 -3.63 27.55 -35.40
CA LEU C 105 -3.13 26.55 -34.48
C LEU C 105 -1.73 26.01 -34.73
N GLY C 106 -1.21 26.26 -35.93
CA GLY C 106 0.13 25.77 -36.25
C GLY C 106 0.21 24.27 -36.20
N ASP C 107 1.20 23.74 -35.47
CA ASP C 107 1.39 22.30 -35.37
C ASP C 107 0.58 21.63 -34.26
N PHE C 108 -0.33 22.40 -33.64
CA PHE C 108 -1.18 21.91 -32.56
C PHE C 108 -0.40 21.70 -31.26
N LYS C 109 0.88 22.05 -31.28
CA LYS C 109 1.73 21.88 -30.10
C LYS C 109 2.19 23.22 -29.54
N SER C 110 2.69 24.10 -30.40
CA SER C 110 3.15 25.41 -29.94
C SER C 110 3.35 26.46 -31.02
N THR C 111 3.30 26.07 -32.29
CA THR C 111 3.56 27.03 -33.36
C THR C 111 2.36 27.82 -33.89
N GLY C 112 1.34 28.01 -33.05
CA GLY C 112 0.18 28.78 -33.48
C GLY C 112 0.44 30.25 -33.19
N GLY C 113 -0.48 31.10 -33.63
CA GLY C 113 -0.32 32.53 -33.41
C GLY C 113 -1.46 33.31 -34.02
N ILE C 114 -1.22 34.59 -34.30
CA ILE C 114 -2.23 35.44 -34.93
C ILE C 114 -1.58 36.39 -35.92
N PHE C 115 -2.06 36.40 -37.16
CA PHE C 115 -1.54 37.32 -38.14
C PHE C 115 -2.70 38.17 -38.64
N ALA C 116 -2.38 39.32 -39.22
CA ALA C 116 -3.41 40.21 -39.75
C ALA C 116 -3.10 40.44 -41.23
N ALA C 117 -4.12 40.77 -42.00
CA ALA C 117 -3.95 41.02 -43.42
C ALA C 117 -5.18 41.71 -43.99
N THR C 118 -5.08 42.19 -45.23
CA THR C 118 -6.20 42.83 -45.88
C THR C 118 -7.08 41.69 -46.36
N GLU C 119 -8.32 41.99 -46.73
CA GLU C 119 -9.24 40.95 -47.18
C GLU C 119 -8.71 40.26 -48.44
N ASN C 120 -7.68 40.81 -49.05
CA ASN C 120 -7.10 40.23 -50.26
C ASN C 120 -5.83 39.44 -49.97
N GLY C 121 -5.44 39.37 -48.70
CA GLY C 121 -4.25 38.63 -48.32
C GLY C 121 -2.96 39.44 -48.41
N ASP C 122 -3.08 40.76 -48.50
CA ASP C 122 -1.92 41.63 -48.58
C ASP C 122 -1.57 42.22 -47.22
N ASN C 123 -0.43 42.91 -47.15
CA ASN C 123 0.04 43.53 -45.93
C ASN C 123 0.04 42.54 -44.76
N LEU C 124 0.62 41.37 -44.99
CA LEU C 124 0.69 40.35 -43.96
C LEU C 124 1.54 40.83 -42.80
N GLN C 125 1.03 40.67 -41.59
CA GLN C 125 1.75 41.10 -40.40
C GLN C 125 1.48 40.18 -39.22
N ASP C 126 2.51 39.96 -38.41
CA ASP C 126 2.39 39.11 -37.25
C ASP C 126 1.95 39.91 -36.03
N ILE C 127 0.75 39.63 -35.54
CA ILE C 127 0.21 40.30 -34.36
C ILE C 127 0.82 39.55 -33.18
N ILE C 128 0.79 38.23 -33.28
CA ILE C 128 1.39 37.36 -32.27
C ILE C 128 2.22 36.32 -33.01
N GLU C 129 3.52 36.35 -32.77
CA GLU C 129 4.47 35.43 -33.40
C GLU C 129 4.14 33.97 -33.14
N ASP C 130 4.50 33.12 -34.10
CA ASP C 130 4.22 31.70 -33.97
C ASP C 130 5.30 30.88 -33.27
N LEU C 131 6.53 30.95 -33.76
CA LEU C 131 7.64 30.18 -33.18
C LEU C 131 8.15 30.67 -31.83
N SER C 132 7.98 31.95 -31.54
CA SER C 132 8.45 32.51 -30.28
C SER C 132 7.42 32.48 -29.16
N THR C 133 6.27 31.87 -29.42
CA THR C 133 5.23 31.78 -28.40
C THR C 133 4.79 30.34 -28.23
N ALA C 134 4.38 29.97 -27.03
CA ALA C 134 3.95 28.61 -26.77
C ALA C 134 2.50 28.39 -27.21
N TYR C 135 1.80 29.48 -27.50
CA TYR C 135 0.39 29.39 -27.88
C TYR C 135 0.03 28.81 -29.24
N CYS C 136 -1.16 28.21 -29.28
CA CYS C 136 -1.79 27.67 -30.47
C CYS C 136 -3.14 28.38 -30.29
N ILE C 137 -3.36 29.43 -31.08
CA ILE C 137 -4.56 30.24 -30.93
C ILE C 137 -5.74 29.87 -31.82
N ASP C 138 -6.86 29.55 -31.18
CA ASP C 138 -8.06 29.12 -31.88
C ASP C 138 -9.07 30.21 -32.21
N ASP C 139 -9.23 31.19 -31.32
CA ASP C 139 -10.20 32.24 -31.54
C ASP C 139 -9.84 33.50 -30.74
N MET C 140 -10.61 34.56 -30.93
CA MET C 140 -10.36 35.81 -30.24
C MET C 140 -11.60 36.69 -30.30
N VAL C 141 -11.61 37.75 -29.50
CA VAL C 141 -12.71 38.69 -29.51
C VAL C 141 -12.19 40.07 -29.12
N PHE C 142 -12.44 41.06 -29.97
CA PHE C 142 -12.00 42.43 -29.73
C PHE C 142 -12.89 43.14 -28.72
N ASP C 143 -12.31 43.97 -27.87
CA ASP C 143 -13.14 44.75 -26.95
C ASP C 143 -13.34 46.10 -27.67
N SER C 144 -14.09 47.01 -27.07
CA SER C 144 -14.35 48.29 -27.71
C SER C 144 -13.12 49.17 -27.88
N LYS C 145 -12.05 48.86 -27.16
CA LYS C 145 -10.82 49.65 -27.24
C LYS C 145 -9.86 49.15 -28.33
N GLY C 146 -10.17 48.01 -28.92
CA GLY C 146 -9.29 47.49 -29.96
C GLY C 146 -8.34 46.44 -29.40
N GLY C 147 -8.45 46.17 -28.11
CA GLY C 147 -7.63 45.14 -27.50
C GLY C 147 -8.41 43.87 -27.74
N PHE C 148 -7.86 42.71 -27.39
CA PHE C 148 -8.60 41.48 -27.61
C PHE C 148 -8.18 40.33 -26.72
N TYR C 149 -9.12 39.40 -26.52
CA TYR C 149 -8.88 38.22 -25.70
C TYR C 149 -8.77 37.07 -26.69
N PHE C 150 -7.85 36.15 -26.45
CA PHE C 150 -7.71 35.01 -27.35
C PHE C 150 -7.63 33.72 -26.57
N THR C 151 -8.00 32.63 -27.22
CA THR C 151 -7.98 31.33 -26.57
C THR C 151 -6.77 30.49 -26.97
N ASP C 152 -6.10 29.94 -25.97
CA ASP C 152 -4.93 29.09 -26.18
C ASP C 152 -5.47 27.66 -26.20
N PHE C 153 -5.48 27.11 -27.41
CA PHE C 153 -5.99 25.78 -27.75
C PHE C 153 -4.91 24.70 -27.56
N ARG C 154 -4.61 24.36 -26.31
CA ARG C 154 -3.61 23.34 -26.02
C ARG C 154 -4.02 22.42 -24.87
N GLY C 155 -3.44 21.22 -24.85
CA GLY C 155 -3.71 20.26 -23.80
C GLY C 155 -4.82 19.27 -24.13
N TYR C 156 -5.38 18.68 -23.08
CA TYR C 156 -6.48 17.74 -23.21
C TYR C 156 -7.16 17.59 -21.85
N SER C 157 -8.17 16.73 -21.77
CA SER C 157 -8.94 16.54 -20.54
C SER C 157 -8.22 16.79 -19.22
N THR C 158 -7.24 15.96 -18.88
CA THR C 158 -6.53 16.10 -17.62
C THR C 158 -5.19 16.84 -17.71
N ASN C 159 -4.94 17.48 -18.85
CA ASN C 159 -3.71 18.23 -19.06
C ASN C 159 -4.10 19.63 -19.53
N PRO C 160 -4.55 20.48 -18.59
CA PRO C 160 -5.00 21.86 -18.87
C PRO C 160 -3.92 22.87 -19.21
N LEU C 161 -3.29 22.71 -20.36
CA LEU C 161 -2.23 23.60 -20.80
C LEU C 161 -2.77 24.91 -21.35
N GLY C 162 -4.04 24.89 -21.76
CA GLY C 162 -4.67 26.06 -22.33
C GLY C 162 -5.07 27.18 -21.38
N GLY C 163 -5.65 28.22 -21.95
CA GLY C 163 -6.06 29.35 -21.14
C GLY C 163 -6.51 30.50 -22.03
N VAL C 164 -6.70 31.66 -21.42
CA VAL C 164 -7.14 32.84 -22.14
C VAL C 164 -6.22 34.01 -21.79
N TYR C 165 -5.85 34.79 -22.79
CA TYR C 165 -4.97 35.93 -22.59
C TYR C 165 -5.57 37.18 -23.20
N TYR C 166 -5.20 38.33 -22.66
CA TYR C 166 -5.68 39.60 -23.17
C TYR C 166 -4.53 40.38 -23.77
N VAL C 167 -4.77 40.94 -24.95
CA VAL C 167 -3.77 41.72 -25.66
C VAL C 167 -4.23 43.17 -25.68
N SER C 168 -3.35 44.06 -25.22
CA SER C 168 -3.65 45.48 -25.16
C SER C 168 -3.94 46.05 -26.54
N PRO C 169 -4.66 47.18 -26.60
CA PRO C 169 -5.01 47.81 -27.87
C PRO C 169 -3.80 48.05 -28.79
N ASP C 170 -2.66 48.39 -28.20
CA ASP C 170 -1.45 48.65 -29.00
C ASP C 170 -0.67 47.37 -29.28
N PHE C 171 -1.21 46.23 -28.83
CA PHE C 171 -0.60 44.93 -29.03
C PHE C 171 0.77 44.77 -28.38
N ARG C 172 1.12 45.70 -27.50
CA ARG C 172 2.41 45.65 -26.82
C ARG C 172 2.41 44.84 -25.54
N THR C 173 1.23 44.54 -25.01
CA THR C 173 1.14 43.79 -23.76
C THR C 173 0.22 42.57 -23.89
N VAL C 174 0.64 41.47 -23.28
CA VAL C 174 -0.14 40.24 -23.26
C VAL C 174 -0.24 39.86 -21.78
N THR C 175 -1.48 39.73 -21.30
CA THR C 175 -1.73 39.41 -19.91
C THR C 175 -2.61 38.18 -19.73
N PRO C 176 -2.20 37.25 -18.84
CA PRO C 176 -3.02 36.06 -18.63
C PRO C 176 -4.31 36.44 -17.92
N ILE C 177 -5.43 35.91 -18.38
CA ILE C 177 -6.73 36.19 -17.76
C ILE C 177 -7.09 34.99 -16.90
N ILE C 178 -7.10 33.81 -17.50
CA ILE C 178 -7.40 32.59 -16.78
C ILE C 178 -6.65 31.44 -17.43
N GLN C 179 -6.05 30.59 -16.60
CA GLN C 179 -5.28 29.47 -17.12
C GLN C 179 -5.81 28.14 -16.61
N ASN C 180 -5.07 27.07 -16.89
CA ASN C 180 -5.48 25.74 -16.48
C ASN C 180 -6.82 25.36 -17.08
N ILE C 181 -6.93 25.55 -18.39
CA ILE C 181 -8.12 25.19 -19.13
C ILE C 181 -7.74 24.10 -20.13
N SER C 182 -8.53 23.04 -20.17
CA SER C 182 -8.27 21.92 -21.06
C SER C 182 -8.75 22.20 -22.48
N VAL C 183 -7.94 22.98 -23.20
CA VAL C 183 -8.21 23.38 -24.57
C VAL C 183 -9.26 24.49 -24.61
N ALA C 184 -8.81 25.74 -24.49
CA ALA C 184 -9.71 26.89 -24.55
C ALA C 184 -10.09 27.02 -26.01
N ASN C 185 -11.38 27.17 -26.29
CA ASN C 185 -11.84 27.22 -27.67
C ASN C 185 -12.66 28.46 -28.01
N GLY C 186 -13.92 28.46 -27.63
CA GLY C 186 -14.78 29.58 -27.91
C GLY C 186 -14.56 30.71 -26.92
N ILE C 187 -14.86 31.93 -27.33
CA ILE C 187 -14.70 33.07 -26.45
C ILE C 187 -15.60 34.21 -26.91
N ALA C 188 -16.14 34.96 -25.96
CA ALA C 188 -17.02 36.06 -26.29
C ALA C 188 -17.15 37.02 -25.10
N LEU C 189 -17.41 38.29 -25.42
CA LEU C 189 -17.57 39.34 -24.42
C LEU C 189 -19.03 39.76 -24.37
N SER C 190 -19.53 40.02 -23.17
CA SER C 190 -20.91 40.47 -23.02
C SER C 190 -20.95 41.87 -23.65
N THR C 191 -22.15 42.40 -23.87
CA THR C 191 -22.28 43.73 -24.46
C THR C 191 -21.63 44.84 -23.64
N ASP C 192 -21.58 44.68 -22.32
CA ASP C 192 -20.95 45.70 -21.49
C ASP C 192 -19.51 45.34 -21.13
N GLU C 193 -19.04 44.23 -21.72
CA GLU C 193 -17.68 43.74 -21.50
C GLU C 193 -17.37 43.38 -20.06
N LYS C 194 -18.40 43.24 -19.24
CA LYS C 194 -18.23 42.89 -17.84
C LYS C 194 -18.10 41.38 -17.66
N VAL C 195 -18.53 40.63 -18.68
CA VAL C 195 -18.46 39.18 -18.62
C VAL C 195 -17.75 38.59 -19.83
N LEU C 196 -16.84 37.66 -19.57
CA LEU C 196 -16.10 37.00 -20.62
C LEU C 196 -16.51 35.53 -20.60
N TRP C 197 -16.93 35.02 -21.76
CA TRP C 197 -17.34 33.62 -21.88
C TRP C 197 -16.22 32.82 -22.54
N VAL C 198 -16.00 31.59 -22.06
CA VAL C 198 -14.98 30.73 -22.64
C VAL C 198 -15.45 29.28 -22.63
N THR C 199 -15.28 28.58 -23.74
CA THR C 199 -15.67 27.18 -23.78
C THR C 199 -14.41 26.32 -23.69
N GLU C 200 -14.51 25.24 -22.92
CA GLU C 200 -13.41 24.31 -22.70
C GLU C 200 -13.80 22.99 -23.36
N THR C 201 -13.28 22.76 -24.55
CA THR C 201 -13.64 21.58 -25.34
C THR C 201 -13.45 20.20 -24.74
N THR C 202 -12.24 19.88 -24.30
CA THR C 202 -11.95 18.54 -23.81
C THR C 202 -12.41 18.19 -22.40
N ALA C 203 -13.05 19.13 -21.70
CA ALA C 203 -13.57 18.86 -20.37
C ALA C 203 -15.08 19.17 -20.34
N ASN C 204 -15.61 19.57 -21.50
CA ASN C 204 -17.04 19.88 -21.63
C ASN C 204 -17.56 20.88 -20.59
N ARG C 205 -16.90 22.03 -20.47
CA ARG C 205 -17.34 23.03 -19.49
C ARG C 205 -17.49 24.43 -20.08
N LEU C 206 -18.43 25.19 -19.53
CA LEU C 206 -18.65 26.58 -19.95
C LEU C 206 -18.11 27.44 -18.83
N HIS C 207 -17.30 28.43 -19.18
CA HIS C 207 -16.72 29.34 -18.20
C HIS C 207 -17.37 30.71 -18.32
N ARG C 208 -17.72 31.30 -17.18
CA ARG C 208 -18.31 32.63 -17.17
C ARG C 208 -17.42 33.44 -16.23
N ILE C 209 -16.73 34.42 -16.78
CA ILE C 209 -15.78 35.22 -16.01
C ILE C 209 -16.16 36.69 -15.83
N ALA C 210 -16.44 37.09 -14.60
CA ALA C 210 -16.81 38.46 -14.27
C ALA C 210 -15.52 39.28 -14.13
N LEU C 211 -15.34 40.25 -15.02
CA LEU C 211 -14.15 41.08 -15.03
C LEU C 211 -14.36 42.49 -14.48
N GLU C 212 -13.31 43.04 -13.88
CA GLU C 212 -13.36 44.39 -13.36
C GLU C 212 -13.29 45.30 -14.59
N ASP C 213 -13.50 46.60 -14.39
CA ASP C 213 -13.46 47.54 -15.50
C ASP C 213 -12.14 47.56 -16.26
N ASP C 214 -11.04 47.20 -15.59
CA ASP C 214 -9.74 47.20 -16.24
C ASP C 214 -9.65 46.10 -17.29
N GLY C 215 -10.64 45.21 -17.31
CA GLY C 215 -10.68 44.14 -18.28
C GLY C 215 -9.69 43.00 -18.11
N VAL C 216 -8.86 43.05 -17.09
CA VAL C 216 -7.87 41.99 -16.88
C VAL C 216 -7.96 41.35 -15.50
N THR C 217 -8.56 42.05 -14.54
CA THR C 217 -8.69 41.52 -13.19
C THR C 217 -10.03 40.81 -12.98
N ILE C 218 -9.96 39.55 -12.55
CA ILE C 218 -11.17 38.80 -12.29
C ILE C 218 -11.75 39.25 -10.95
N GLN C 219 -13.04 39.56 -10.94
CA GLN C 219 -13.70 39.98 -9.70
C GLN C 219 -13.56 38.86 -8.69
N PRO C 220 -13.60 39.19 -7.38
CA PRO C 220 -13.47 38.15 -6.35
C PRO C 220 -14.40 36.98 -6.65
N PHE C 221 -13.83 35.77 -6.70
CA PHE C 221 -14.61 34.55 -6.96
C PHE C 221 -15.45 34.74 -8.22
N GLY C 222 -14.94 35.55 -9.15
CA GLY C 222 -15.66 35.86 -10.36
C GLY C 222 -15.62 34.92 -11.55
N ALA C 223 -14.72 33.94 -11.53
CA ALA C 223 -14.63 32.98 -12.63
C ALA C 223 -15.37 31.73 -12.18
N THR C 224 -16.46 31.41 -12.86
CA THR C 224 -17.28 30.26 -12.47
C THR C 224 -17.58 29.32 -13.63
N ILE C 225 -18.21 28.19 -13.30
CA ILE C 225 -18.61 27.20 -14.29
C ILE C 225 -20.12 27.06 -14.20
N PRO C 226 -20.86 27.89 -14.94
CA PRO C 226 -22.32 27.82 -14.89
C PRO C 226 -22.93 26.60 -15.58
N TYR C 227 -22.17 25.98 -16.49
CA TYR C 227 -22.71 24.85 -17.20
C TYR C 227 -21.70 23.76 -17.54
N TYR C 228 -22.14 22.52 -17.44
CA TYR C 228 -21.33 21.37 -17.79
C TYR C 228 -21.99 20.80 -19.03
N PHE C 229 -21.30 20.89 -20.15
CA PHE C 229 -21.83 20.36 -21.42
C PHE C 229 -21.78 18.85 -21.33
N THR C 230 -22.33 18.18 -22.34
CA THR C 230 -22.31 16.73 -22.39
C THR C 230 -22.19 16.29 -23.84
N GLY C 231 -21.66 15.08 -24.04
CA GLY C 231 -21.52 14.55 -25.38
C GLY C 231 -20.18 14.77 -26.07
N HIS C 232 -19.83 13.83 -26.95
CA HIS C 232 -18.60 13.91 -27.71
C HIS C 232 -18.87 14.87 -28.88
N GLU C 233 -17.95 15.79 -29.17
CA GLU C 233 -16.69 15.95 -28.45
C GLU C 233 -16.73 16.99 -27.34
N GLY C 234 -17.25 18.18 -27.65
CA GLY C 234 -17.31 19.23 -26.65
C GLY C 234 -17.69 20.56 -27.25
N PRO C 235 -17.78 21.62 -26.43
CA PRO C 235 -18.15 22.94 -26.97
C PRO C 235 -17.07 23.51 -27.87
N ASP C 236 -17.51 24.25 -28.90
CA ASP C 236 -16.58 24.87 -29.82
C ASP C 236 -16.75 26.39 -29.76
N SER C 237 -16.76 27.04 -30.91
CA SER C 237 -16.87 28.50 -30.99
C SER C 237 -18.21 29.06 -30.52
N CYS C 238 -18.21 30.35 -30.19
CA CYS C 238 -19.43 30.98 -29.72
C CYS C 238 -19.50 32.46 -30.05
N CYS C 239 -20.71 33.02 -29.96
CA CYS C 239 -20.94 34.43 -30.21
C CYS C 239 -22.16 34.79 -29.39
N ILE C 240 -22.45 36.08 -29.26
CA ILE C 240 -23.59 36.51 -28.48
C ILE C 240 -24.55 37.25 -29.39
N ASP C 241 -25.72 37.60 -28.86
CA ASP C 241 -26.66 38.41 -29.63
C ASP C 241 -26.82 39.68 -28.79
N SER C 242 -27.61 40.63 -29.29
CA SER C 242 -27.80 41.90 -28.59
C SER C 242 -28.47 41.81 -27.22
N ASP C 243 -29.05 40.66 -26.89
CA ASP C 243 -29.70 40.48 -25.59
C ASP C 243 -28.76 39.76 -24.64
N ASP C 244 -27.51 39.62 -25.07
CA ASP C 244 -26.47 38.96 -24.29
C ASP C 244 -26.63 37.44 -24.13
N ASN C 245 -27.37 36.83 -25.03
CA ASN C 245 -27.52 35.38 -25.01
C ASN C 245 -26.25 34.86 -25.68
N LEU C 246 -25.82 33.65 -25.31
CA LEU C 246 -24.61 33.06 -25.87
C LEU C 246 -24.96 31.86 -26.74
N TYR C 247 -24.42 31.84 -27.94
CA TYR C 247 -24.66 30.75 -28.89
C TYR C 247 -23.37 29.95 -28.97
N VAL C 248 -23.46 28.66 -28.65
CA VAL C 248 -22.29 27.79 -28.66
C VAL C 248 -22.40 26.62 -29.61
N ALA C 249 -21.54 26.60 -30.62
CA ALA C 249 -21.52 25.50 -31.58
C ALA C 249 -20.92 24.31 -30.83
N MET C 250 -21.51 23.13 -30.95
CA MET C 250 -21.02 21.95 -30.25
C MET C 250 -20.30 21.03 -31.23
N TYR C 251 -18.97 20.98 -31.12
CA TYR C 251 -18.18 20.16 -32.04
C TYR C 251 -18.43 18.66 -31.92
N GLY C 252 -18.79 18.05 -33.04
CA GLY C 252 -19.04 16.62 -33.08
C GLY C 252 -20.45 16.25 -32.65
N GLN C 253 -21.27 17.26 -32.35
CA GLN C 253 -22.64 17.01 -31.89
C GLN C 253 -23.71 17.46 -32.86
N GLY C 254 -23.31 18.15 -33.92
CA GLY C 254 -24.29 18.62 -34.90
C GLY C 254 -25.39 19.47 -34.27
N ARG C 255 -25.00 20.43 -33.44
CA ARG C 255 -25.97 21.32 -32.81
C ARG C 255 -25.31 22.56 -32.24
N VAL C 256 -26.14 23.53 -31.89
CA VAL C 256 -25.70 24.77 -31.27
C VAL C 256 -26.60 24.96 -30.06
N LEU C 257 -26.01 25.24 -28.91
CA LEU C 257 -26.79 25.48 -27.69
C LEU C 257 -26.79 26.97 -27.41
N VAL C 258 -27.92 27.46 -26.90
CA VAL C 258 -28.03 28.88 -26.59
C VAL C 258 -28.30 29.08 -25.11
N PHE C 259 -27.58 30.03 -24.52
CA PHE C 259 -27.71 30.32 -23.09
C PHE C 259 -28.10 31.78 -22.89
N ASN C 260 -28.75 32.10 -21.78
CA ASN C 260 -29.10 33.49 -21.53
C ASN C 260 -27.89 34.18 -20.88
N LYS C 261 -28.05 35.46 -20.55
CA LYS C 261 -26.94 36.23 -19.97
C LYS C 261 -26.34 35.69 -18.67
N ARG C 262 -27.11 34.89 -17.94
CA ARG C 262 -26.62 34.32 -16.70
C ARG C 262 -26.03 32.92 -16.91
N GLY C 263 -26.01 32.46 -18.15
CA GLY C 263 -25.44 31.16 -18.45
C GLY C 263 -26.35 29.95 -18.34
N TYR C 264 -27.67 30.17 -18.38
CA TYR C 264 -28.65 29.09 -18.31
C TYR C 264 -29.09 28.76 -19.73
N PRO C 265 -29.26 27.46 -20.05
CA PRO C 265 -29.68 27.09 -21.40
C PRO C 265 -31.12 27.52 -21.71
N ILE C 266 -31.31 28.13 -22.88
CA ILE C 266 -32.64 28.58 -23.30
C ILE C 266 -33.00 28.18 -24.73
N GLY C 267 -32.04 27.64 -25.47
CA GLY C 267 -32.33 27.26 -26.84
C GLY C 267 -31.43 26.17 -27.38
N GLN C 268 -31.87 25.53 -28.46
CA GLN C 268 -31.12 24.44 -29.05
C GLN C 268 -31.41 24.39 -30.55
N ILE C 269 -30.35 24.35 -31.35
CA ILE C 269 -30.48 24.32 -32.80
C ILE C 269 -29.81 23.06 -33.35
N LEU C 270 -30.59 22.22 -34.02
CA LEU C 270 -30.09 20.98 -34.57
C LEU C 270 -29.65 21.09 -36.02
N ILE C 271 -28.59 20.36 -36.36
CA ILE C 271 -28.09 20.34 -37.74
C ILE C 271 -28.68 19.09 -38.38
N PRO C 272 -29.36 19.25 -39.52
CA PRO C 272 -29.98 18.12 -40.22
C PRO C 272 -28.99 16.98 -40.46
N GLY C 273 -29.44 15.75 -40.20
CA GLY C 273 -28.60 14.58 -40.41
C GLY C 273 -27.75 14.12 -39.24
N ARG C 274 -27.75 14.88 -38.15
CA ARG C 274 -26.96 14.51 -36.97
C ARG C 274 -27.26 13.12 -36.44
N ASP C 275 -28.53 12.72 -36.46
CA ASP C 275 -28.93 11.41 -35.94
C ASP C 275 -28.25 10.26 -36.69
N GLU C 276 -27.97 10.49 -37.97
CA GLU C 276 -27.32 9.48 -38.81
C GLU C 276 -25.80 9.67 -38.86
N GLY C 277 -25.29 10.58 -38.02
CA GLY C 277 -23.86 10.83 -37.98
C GLY C 277 -23.34 11.80 -39.02
N HIS C 278 -24.22 12.52 -39.68
CA HIS C 278 -23.83 13.49 -40.71
C HIS C 278 -23.75 14.92 -40.19
N MET C 279 -22.84 15.69 -40.77
CA MET C 279 -22.67 17.10 -40.41
C MET C 279 -22.51 17.36 -38.91
N LEU C 280 -21.81 16.47 -38.22
CA LEU C 280 -21.61 16.63 -36.79
C LEU C 280 -20.57 17.69 -36.42
N ARG C 281 -19.74 18.08 -37.38
CA ARG C 281 -18.71 19.08 -37.10
C ARG C 281 -19.17 20.53 -37.14
N SER C 282 -20.16 20.84 -36.31
CA SER C 282 -20.71 22.20 -36.20
C SER C 282 -19.70 22.98 -35.35
N THR C 283 -19.01 23.92 -36.00
CA THR C 283 -17.96 24.69 -35.35
C THR C 283 -18.14 26.16 -35.01
N HIS C 284 -19.00 26.88 -35.73
CA HIS C 284 -19.12 28.31 -35.47
C HIS C 284 -20.48 28.94 -35.80
N PRO C 285 -20.95 29.85 -34.94
CA PRO C 285 -22.23 30.55 -35.12
C PRO C 285 -21.92 32.04 -35.29
N GLN C 286 -22.69 32.74 -36.13
CA GLN C 286 -22.45 34.16 -36.35
C GLN C 286 -23.68 34.79 -36.99
N PHE C 287 -24.02 36.01 -36.56
CA PHE C 287 -25.18 36.72 -37.08
C PHE C 287 -24.91 37.61 -38.29
N ILE C 288 -25.89 37.68 -39.19
CA ILE C 288 -25.81 38.56 -40.34
C ILE C 288 -26.05 39.92 -39.67
N PRO C 289 -25.10 40.85 -39.82
CA PRO C 289 -25.20 42.20 -39.24
C PRO C 289 -26.57 42.87 -39.39
N GLY C 290 -27.05 43.45 -38.29
CA GLY C 290 -28.32 44.14 -38.31
C GLY C 290 -29.56 43.25 -38.34
N THR C 291 -29.36 41.95 -38.25
CA THR C 291 -30.48 41.02 -38.28
C THR C 291 -30.34 39.97 -37.17
N ASN C 292 -31.38 39.17 -37.00
CA ASN C 292 -31.36 38.10 -36.00
C ASN C 292 -31.16 36.77 -36.73
N GLN C 293 -30.76 36.84 -37.99
CA GLN C 293 -30.52 35.62 -38.76
C GLN C 293 -29.13 35.08 -38.45
N LEU C 294 -29.10 33.88 -37.89
CA LEU C 294 -27.85 33.23 -37.50
C LEU C 294 -27.34 32.27 -38.57
N ILE C 295 -26.03 32.29 -38.79
CA ILE C 295 -25.39 31.39 -39.75
C ILE C 295 -24.55 30.41 -38.93
N ILE C 296 -24.55 29.15 -39.33
CA ILE C 296 -23.79 28.12 -38.63
C ILE C 296 -23.07 27.24 -39.64
N CYS C 297 -21.76 27.07 -39.48
CA CYS C 297 -21.02 26.23 -40.41
C CYS C 297 -20.77 24.84 -39.83
N SER C 298 -20.82 23.84 -40.70
CA SER C 298 -20.57 22.46 -40.30
C SER C 298 -20.05 21.73 -41.53
N ASN C 299 -19.52 20.52 -41.35
CA ASN C 299 -19.03 19.77 -42.49
C ASN C 299 -19.25 18.28 -42.26
N ASP C 300 -19.23 17.51 -43.34
CA ASP C 300 -19.46 16.08 -43.25
C ASP C 300 -18.23 15.25 -43.61
N ILE C 301 -17.05 15.75 -43.25
CA ILE C 301 -15.80 15.04 -43.50
C ILE C 301 -15.88 13.60 -42.99
N GLU C 302 -16.43 13.44 -41.79
CA GLU C 302 -16.54 12.12 -41.17
C GLU C 302 -17.32 11.10 -41.99
N MET C 303 -18.27 11.57 -42.79
CA MET C 303 -19.07 10.67 -43.62
C MET C 303 -18.75 10.80 -45.10
N GLY C 304 -17.67 11.50 -45.41
CA GLY C 304 -17.28 11.69 -46.79
C GLY C 304 -18.14 12.69 -47.53
N GLY C 305 -18.88 13.50 -46.77
CA GLY C 305 -19.76 14.50 -47.37
C GLY C 305 -19.10 15.84 -47.59
N GLY C 306 -19.92 16.86 -47.84
CA GLY C 306 -19.40 18.21 -48.10
C GLY C 306 -19.33 19.16 -46.93
N SER C 307 -19.32 20.47 -47.25
CA SER C 307 -19.25 21.54 -46.26
C SER C 307 -20.44 22.45 -46.46
N MET C 308 -21.22 22.68 -45.40
CA MET C 308 -22.43 23.48 -45.52
C MET C 308 -22.66 24.55 -44.45
N LEU C 309 -23.33 25.62 -44.85
CA LEU C 309 -23.69 26.71 -43.94
C LEU C 309 -25.18 26.54 -43.71
N TYR C 310 -25.60 26.58 -42.46
CA TYR C 310 -27.01 26.44 -42.11
C TYR C 310 -27.50 27.73 -41.48
N THR C 311 -28.81 27.88 -41.34
CA THR C 311 -29.33 29.12 -40.79
C THR C 311 -30.67 28.99 -40.04
N VAL C 312 -30.87 29.91 -39.09
CA VAL C 312 -32.08 29.99 -38.28
C VAL C 312 -32.11 31.42 -37.75
N ASN C 313 -33.22 31.81 -37.14
CA ASN C 313 -33.32 33.14 -36.55
C ASN C 313 -33.14 32.96 -35.05
N GLY C 314 -32.25 33.76 -34.46
CA GLY C 314 -32.02 33.68 -33.02
C GLY C 314 -33.01 34.50 -32.22
N PHE C 315 -32.75 34.64 -30.92
CA PHE C 315 -33.64 35.39 -30.02
C PHE C 315 -33.66 36.89 -30.27
N ALA C 316 -32.55 37.42 -30.74
CA ALA C 316 -32.44 38.86 -30.98
C ALA C 316 -31.40 39.13 -32.07
N LYS C 317 -31.32 40.39 -32.49
CA LYS C 317 -30.37 40.78 -33.51
C LYS C 317 -28.93 40.59 -33.01
N GLY C 318 -28.02 40.33 -33.94
CA GLY C 318 -26.63 40.16 -33.57
C GLY C 318 -26.07 41.42 -32.92
N HIS C 319 -25.03 41.24 -32.11
CA HIS C 319 -24.39 42.35 -31.42
C HIS C 319 -23.45 43.10 -32.36
N GLN C 320 -23.41 44.43 -32.24
CA GLN C 320 -22.53 45.21 -33.09
C GLN C 320 -21.12 45.13 -32.51
N SER C 321 -20.39 44.10 -32.91
CA SER C 321 -19.03 43.88 -32.44
C SER C 321 -18.07 44.95 -32.97
N PHE C 322 -16.80 44.83 -32.58
CA PHE C 322 -15.76 45.80 -32.95
C PHE C 322 -15.70 46.28 -34.40
N GLN C 323 -15.75 45.37 -35.37
CA GLN C 323 -15.66 45.75 -36.78
C GLN C 323 -16.75 46.69 -37.23
N PHE C 324 -17.84 46.77 -36.48
CA PHE C 324 -18.95 47.63 -36.83
C PHE C 324 -18.85 48.96 -36.08
N GLN C 325 -17.69 49.21 -35.51
CA GLN C 325 -17.43 50.43 -34.75
C GLN C 325 -18.36 50.51 -33.55
N GLN D 5 40.97 46.62 0.45
CA GLN D 5 42.08 46.05 1.26
C GLN D 5 43.36 45.95 0.42
N GLN D 6 44.42 46.59 0.89
CA GLN D 6 45.69 46.58 0.18
C GLN D 6 46.44 45.25 0.27
N ASP D 7 45.87 44.30 1.02
CA ASP D 7 46.50 42.99 1.17
C ASP D 7 45.87 41.92 0.28
N LEU D 8 44.81 42.30 -0.43
CA LEU D 8 44.12 41.37 -1.32
C LEU D 8 44.94 41.07 -2.56
N PRO D 9 44.74 39.87 -3.15
CA PRO D 9 45.48 39.51 -4.36
C PRO D 9 45.19 40.64 -5.34
N THR D 10 46.23 41.15 -5.99
CA THR D 10 46.09 42.28 -6.91
C THR D 10 46.67 42.03 -8.30
N LEU D 11 46.04 42.64 -9.29
CA LEU D 11 46.50 42.54 -10.68
C LEU D 11 47.25 43.83 -11.00
N PHE D 12 48.46 43.71 -11.54
CA PHE D 12 49.29 44.86 -11.86
C PHE D 12 49.63 44.94 -13.35
N TYR D 13 50.02 46.12 -13.80
CA TYR D 13 50.40 46.30 -15.19
C TYR D 13 51.86 45.91 -15.37
N SER D 14 52.13 44.61 -15.23
CA SER D 14 53.47 44.07 -15.39
C SER D 14 53.51 43.06 -16.51
N GLY D 15 54.71 42.78 -17.03
CA GLY D 15 54.85 41.83 -18.11
C GLY D 15 53.95 42.14 -19.29
N LYS D 16 53.40 41.09 -19.91
CA LYS D 16 52.52 41.27 -21.06
C LYS D 16 51.16 41.85 -20.70
N SER D 17 50.91 42.05 -19.40
CA SER D 17 49.64 42.64 -18.98
C SER D 17 49.68 44.13 -19.25
N ASN D 18 50.88 44.63 -19.55
CA ASN D 18 51.06 46.04 -19.83
C ASN D 18 51.19 46.34 -21.32
N SER D 19 50.97 45.33 -22.15
CA SER D 19 51.07 45.49 -23.60
C SER D 19 49.72 45.84 -24.22
N ALA D 20 49.74 46.59 -25.32
CA ALA D 20 48.52 46.98 -26.00
C ALA D 20 47.90 45.76 -26.69
N VAL D 21 48.76 44.92 -27.26
CA VAL D 21 48.33 43.74 -28.00
C VAL D 21 49.17 42.50 -27.67
N PRO D 22 49.12 42.04 -26.41
CA PRO D 22 49.88 40.86 -25.98
C PRO D 22 49.56 39.55 -26.66
N ILE D 23 50.61 38.84 -27.06
CA ILE D 23 50.49 37.53 -27.69
C ILE D 23 50.73 36.58 -26.51
N ILE D 24 49.65 36.01 -26.00
CA ILE D 24 49.76 35.18 -24.82
C ILE D 24 48.67 34.11 -24.73
N SER D 25 48.96 33.02 -24.04
CA SER D 25 48.00 31.92 -23.83
C SER D 25 47.41 32.07 -22.44
N GLU D 26 46.20 31.54 -22.22
CA GLU D 26 45.56 31.67 -20.92
C GLU D 26 46.39 31.12 -19.76
N SER D 27 47.11 30.02 -19.99
CA SER D 27 47.91 29.41 -18.94
C SER D 27 49.04 30.31 -18.44
N GLU D 28 49.50 31.24 -19.26
CA GLU D 28 50.58 32.12 -18.84
C GLU D 28 50.12 33.52 -18.46
N LEU D 29 48.82 33.74 -18.44
CA LEU D 29 48.28 35.05 -18.07
C LEU D 29 48.63 35.35 -16.61
N GLN D 30 48.75 36.63 -16.28
CA GLN D 30 49.02 37.03 -14.90
C GLN D 30 47.79 36.50 -14.17
N THR D 31 48.01 35.61 -13.21
CA THR D 31 46.91 34.97 -12.49
C THR D 31 46.96 35.11 -10.97
N ILE D 32 45.79 35.31 -10.36
CA ILE D 32 45.67 35.41 -8.91
C ILE D 32 44.44 34.61 -8.50
N THR D 33 44.38 34.24 -7.23
CA THR D 33 43.26 33.48 -6.70
C THR D 33 42.45 34.38 -5.77
N ALA D 34 41.16 34.46 -6.01
CA ALA D 34 40.27 35.30 -5.22
C ALA D 34 40.15 34.84 -3.78
N GLU D 35 39.89 35.80 -2.89
CA GLU D 35 39.73 35.55 -1.47
C GLU D 35 38.25 35.59 -1.10
N PRO D 36 37.82 34.69 -0.20
CA PRO D 36 36.41 34.68 0.21
C PRO D 36 36.11 36.05 0.82
N TRP D 37 34.98 36.63 0.44
CA TRP D 37 34.61 37.94 0.96
C TRP D 37 33.38 37.89 1.86
N LEU D 38 32.32 37.25 1.37
CA LEU D 38 31.08 37.15 2.13
C LEU D 38 30.22 35.99 1.67
N GLU D 39 29.86 35.10 2.59
CA GLU D 39 29.02 33.97 2.27
C GLU D 39 27.56 34.42 2.31
N ILE D 40 26.88 34.29 1.18
CA ILE D 40 25.47 34.71 1.10
C ILE D 40 24.56 33.66 1.74
N SER D 41 24.89 32.40 1.53
CA SER D 41 24.10 31.30 2.07
C SER D 41 24.89 30.00 2.05
N LYS D 42 24.54 29.09 2.95
CA LYS D 42 25.21 27.80 2.99
C LYS D 42 24.49 26.89 2.00
N LYS D 43 23.29 27.32 1.60
CA LYS D 43 22.49 26.60 0.63
C LYS D 43 22.94 27.04 -0.75
N GLY D 44 22.61 26.26 -1.77
CA GLY D 44 23.01 26.60 -3.12
C GLY D 44 22.04 27.53 -3.83
N LEU D 45 22.51 28.75 -4.12
CA LEU D 45 21.71 29.75 -4.81
C LEU D 45 22.48 30.22 -6.04
N GLN D 46 21.78 30.38 -7.15
CA GLN D 46 22.42 30.81 -8.39
C GLN D 46 22.63 32.32 -8.37
N LEU D 47 23.62 32.78 -7.61
CA LEU D 47 23.91 34.21 -7.50
C LEU D 47 24.21 34.86 -8.86
N GLU D 48 23.72 36.08 -9.03
CA GLU D 48 23.91 36.85 -10.26
C GLU D 48 23.55 38.31 -10.03
N GLY D 49 23.79 39.12 -11.06
CA GLY D 49 23.42 40.54 -11.04
C GLY D 49 23.94 41.51 -10.00
N LEU D 50 25.24 41.49 -9.76
CA LEU D 50 25.85 42.40 -8.80
C LEU D 50 25.70 43.83 -9.30
N ASN D 51 25.38 44.76 -8.41
CA ASN D 51 25.23 46.16 -8.79
C ASN D 51 25.16 47.00 -7.53
N PHE D 52 25.98 48.05 -7.46
CA PHE D 52 26.00 48.93 -6.30
C PHE D 52 25.14 50.17 -6.51
N ASP D 53 24.50 50.65 -5.45
CA ASP D 53 23.68 51.84 -5.55
C ASP D 53 24.54 53.08 -5.31
N ARG D 54 23.94 54.24 -5.48
CA ARG D 54 24.64 55.51 -5.30
C ARG D 54 25.31 55.61 -3.94
N GLN D 55 24.78 54.90 -2.95
CA GLN D 55 25.34 54.91 -1.60
C GLN D 55 26.40 53.83 -1.38
N GLY D 56 26.82 53.18 -2.46
CA GLY D 56 27.83 52.15 -2.35
C GLY D 56 27.38 50.82 -1.77
N GLN D 57 26.07 50.62 -1.64
CA GLN D 57 25.57 49.36 -1.09
C GLN D 57 25.44 48.35 -2.23
N LEU D 58 25.68 47.07 -1.92
CA LEU D 58 25.63 46.03 -2.94
C LEU D 58 24.31 45.28 -3.07
N PHE D 59 23.78 45.27 -4.29
CA PHE D 59 22.54 44.56 -4.60
C PHE D 59 22.91 43.37 -5.49
N LEU D 60 22.15 42.29 -5.36
CA LEU D 60 22.34 41.11 -6.17
C LEU D 60 21.12 40.22 -5.98
N LEU D 61 21.10 39.08 -6.65
CA LEU D 61 19.97 38.17 -6.57
C LEU D 61 20.39 36.75 -6.88
N ASP D 62 19.43 35.83 -6.86
CA ASP D 62 19.70 34.45 -7.21
C ASP D 62 18.60 34.16 -8.23
N VAL D 63 18.98 33.47 -9.30
CA VAL D 63 18.06 33.18 -10.39
C VAL D 63 16.85 32.28 -10.13
N PHE D 64 17.10 31.11 -9.56
CA PHE D 64 16.04 30.14 -9.35
C PHE D 64 15.00 30.43 -8.27
N GLU D 65 15.35 31.23 -7.27
CA GLU D 65 14.39 31.59 -6.23
C GLU D 65 13.95 33.05 -6.39
N GLY D 66 14.81 33.84 -7.02
CA GLY D 66 14.48 35.24 -7.25
C GLY D 66 14.64 36.20 -6.10
N ASN D 67 15.41 35.82 -5.08
CA ASN D 67 15.63 36.70 -3.94
C ASN D 67 16.47 37.90 -4.34
N ILE D 68 16.13 39.06 -3.80
CA ILE D 68 16.90 40.28 -4.06
C ILE D 68 17.61 40.55 -2.75
N PHE D 69 18.94 40.71 -2.80
CA PHE D 69 19.73 40.96 -1.60
C PHE D 69 20.36 42.34 -1.62
N LYS D 70 20.49 42.94 -0.43
CA LYS D 70 21.13 44.24 -0.30
C LYS D 70 22.19 44.06 0.78
N ILE D 71 23.45 44.25 0.41
CA ILE D 71 24.55 44.05 1.33
C ILE D 71 25.31 45.34 1.65
N ASN D 72 25.71 45.47 2.91
CA ASN D 72 26.49 46.61 3.37
C ASN D 72 27.94 46.13 3.27
N PRO D 73 28.71 46.66 2.30
CA PRO D 73 30.11 46.27 2.10
C PRO D 73 31.01 46.45 3.32
N GLU D 74 30.66 47.39 4.19
CA GLU D 74 31.48 47.64 5.37
C GLU D 74 31.19 46.70 6.54
N THR D 75 29.91 46.57 6.89
CA THR D 75 29.51 45.71 8.00
C THR D 75 29.22 44.27 7.56
N LYS D 76 29.04 44.07 6.26
CA LYS D 76 28.77 42.75 5.71
C LYS D 76 27.35 42.29 6.05
N GLU D 77 26.51 43.21 6.51
CA GLU D 77 25.14 42.85 6.86
C GLU D 77 24.38 42.51 5.57
N ILE D 78 23.60 41.43 5.63
CA ILE D 78 22.82 40.99 4.47
C ILE D 78 21.33 41.12 4.74
N LYS D 79 20.63 41.76 3.81
CA LYS D 79 19.18 41.92 3.92
C LYS D 79 18.53 41.40 2.64
N ARG D 80 17.27 40.98 2.74
CA ARG D 80 16.54 40.47 1.58
C ARG D 80 15.26 41.31 1.45
N PRO D 81 15.36 42.49 0.81
CA PRO D 81 14.28 43.45 0.57
C PRO D 81 12.99 42.86 0.01
N PHE D 82 13.12 42.17 -1.12
CA PHE D 82 11.96 41.55 -1.75
C PHE D 82 12.36 40.38 -2.64
N VAL D 83 11.35 39.76 -3.24
CA VAL D 83 11.54 38.62 -4.12
C VAL D 83 10.94 38.94 -5.48
N SER D 84 11.62 38.55 -6.55
CA SER D 84 11.13 38.82 -7.88
C SER D 84 9.79 38.14 -8.12
N HIS D 85 8.87 38.84 -8.77
CA HIS D 85 7.55 38.30 -9.07
C HIS D 85 7.60 37.69 -10.46
N LYS D 86 8.77 37.84 -11.11
CA LYS D 86 8.99 37.29 -12.44
C LYS D 86 9.99 36.16 -12.31
N ALA D 87 9.78 35.09 -13.05
CA ALA D 87 10.65 33.92 -12.99
C ALA D 87 12.06 34.13 -13.54
N ASN D 88 13.01 33.54 -12.82
CA ASN D 88 14.42 33.54 -13.20
C ASN D 88 15.11 34.86 -13.54
N PRO D 89 15.10 35.81 -12.59
CA PRO D 89 15.75 37.09 -12.84
C PRO D 89 17.25 36.82 -12.90
N ALA D 90 18.00 37.57 -13.71
CA ALA D 90 19.43 37.30 -13.83
C ALA D 90 20.36 38.50 -13.68
N ALA D 91 19.80 39.70 -13.58
CA ALA D 91 20.64 40.87 -13.43
C ALA D 91 19.88 42.04 -12.84
N ILE D 92 20.63 42.89 -12.13
CA ILE D 92 20.09 44.10 -11.54
C ILE D 92 20.96 45.27 -12.00
N LYS D 93 20.34 46.25 -12.65
CA LYS D 93 21.06 47.44 -13.08
C LYS D 93 20.29 48.60 -12.50
N ILE D 94 20.97 49.42 -11.71
CA ILE D 94 20.34 50.56 -11.06
C ILE D 94 20.35 51.82 -11.93
N HIS D 95 19.19 52.46 -12.00
CA HIS D 95 19.00 53.66 -12.79
C HIS D 95 19.53 54.87 -12.04
N LYS D 96 19.80 55.94 -12.76
CA LYS D 96 20.31 57.17 -12.15
C LYS D 96 19.32 57.66 -11.09
N ASP D 97 18.03 57.41 -11.30
CA ASP D 97 17.01 57.86 -10.36
C ASP D 97 16.79 56.91 -9.18
N GLY D 98 17.64 55.90 -9.06
CA GLY D 98 17.54 54.98 -7.93
C GLY D 98 16.77 53.69 -8.13
N ARG D 99 15.94 53.63 -9.17
CA ARG D 99 15.17 52.41 -9.42
C ARG D 99 16.07 51.26 -9.77
N LEU D 100 15.62 50.05 -9.44
CA LEU D 100 16.34 48.84 -9.76
C LEU D 100 15.68 48.26 -11.00
N PHE D 101 16.47 48.03 -12.05
CA PHE D 101 15.95 47.42 -13.26
C PHE D 101 16.36 45.96 -13.22
N VAL D 102 15.38 45.07 -13.26
CA VAL D 102 15.64 43.65 -13.17
C VAL D 102 15.37 42.89 -14.47
N CYS D 103 16.41 42.26 -15.00
CA CYS D 103 16.31 41.48 -16.22
C CYS D 103 15.94 40.05 -15.81
N TYR D 104 14.98 39.44 -16.48
CA TYR D 104 14.62 38.07 -16.15
C TYR D 104 14.45 37.20 -17.38
N LEU D 105 14.74 35.92 -17.20
CA LEU D 105 14.69 34.94 -18.27
C LEU D 105 13.37 34.23 -18.49
N GLY D 106 12.47 34.33 -17.51
CA GLY D 106 11.18 33.67 -17.65
C GLY D 106 11.31 32.17 -17.81
N ASP D 107 10.63 31.62 -18.82
CA ASP D 107 10.66 30.17 -19.05
C ASP D 107 11.84 29.69 -19.88
N PHE D 108 12.81 30.57 -20.12
CA PHE D 108 14.00 30.22 -20.90
C PHE D 108 13.72 30.05 -22.39
N LYS D 109 12.47 30.25 -22.81
CA LYS D 109 12.09 30.12 -24.21
C LYS D 109 11.72 31.47 -24.80
N SER D 110 10.85 32.21 -24.12
CA SER D 110 10.45 33.52 -24.63
C SER D 110 9.75 34.43 -23.62
N THR D 111 9.44 33.93 -22.43
CA THR D 111 8.72 34.76 -21.47
C THR D 111 9.55 35.64 -20.55
N GLY D 112 10.71 36.08 -21.02
CA GLY D 112 11.56 36.95 -20.21
C GLY D 112 11.25 38.41 -20.52
N GLY D 113 11.87 39.31 -19.77
CA GLY D 113 11.65 40.73 -19.99
C GLY D 113 12.41 41.54 -18.95
N ILE D 114 11.98 42.77 -18.71
CA ILE D 114 12.62 43.63 -17.73
C ILE D 114 11.59 44.44 -16.96
N PHE D 115 11.67 44.40 -15.63
CA PHE D 115 10.76 45.20 -14.83
C PHE D 115 11.61 46.10 -13.94
N ALA D 116 10.99 47.17 -13.44
CA ALA D 116 11.70 48.09 -12.56
C ALA D 116 10.94 48.20 -11.25
N ALA D 117 11.64 48.58 -10.19
CA ALA D 117 11.02 48.72 -8.89
C ALA D 117 11.95 49.50 -7.97
N THR D 118 11.44 49.90 -6.81
CA THR D 118 12.27 50.60 -5.85
C THR D 118 13.06 49.49 -5.18
N GLU D 119 14.07 49.86 -4.39
CA GLU D 119 14.87 48.86 -3.72
C GLU D 119 14.08 48.02 -2.73
N ASN D 120 12.86 48.44 -2.42
CA ASN D 120 12.03 47.69 -1.48
C ASN D 120 10.99 46.82 -2.18
N GLY D 121 10.98 46.87 -3.51
CA GLY D 121 10.05 46.06 -4.26
C GLY D 121 8.71 46.73 -4.56
N ASP D 122 8.64 48.04 -4.33
CA ASP D 122 7.41 48.78 -4.59
C ASP D 122 7.44 49.43 -5.97
N ASN D 123 6.30 49.95 -6.39
CA ASN D 123 6.18 50.60 -7.69
C ASN D 123 6.67 49.75 -8.85
N LEU D 124 6.21 48.51 -8.92
CA LEU D 124 6.61 47.62 -10.00
C LEU D 124 6.21 48.23 -11.34
N GLN D 125 7.14 48.20 -12.29
CA GLN D 125 6.90 48.74 -13.62
C GLN D 125 7.43 47.79 -14.68
N ASP D 126 6.68 47.59 -15.76
CA ASP D 126 7.13 46.73 -16.84
C ASP D 126 7.85 47.63 -17.84
N ILE D 127 9.16 47.39 -18.03
CA ILE D 127 9.95 48.17 -18.97
C ILE D 127 9.89 47.46 -20.31
N ILE D 128 10.18 46.16 -20.29
CA ILE D 128 10.08 45.33 -21.49
C ILE D 128 9.14 44.22 -21.07
N GLU D 129 8.01 44.11 -21.77
CA GLU D 129 7.00 43.10 -21.46
C GLU D 129 7.54 41.68 -21.64
N ASP D 130 6.92 40.72 -20.96
CA ASP D 130 7.37 39.35 -21.02
C ASP D 130 6.63 38.44 -22.01
N LEU D 131 5.31 38.34 -21.87
CA LEU D 131 4.53 37.47 -22.74
C LEU D 131 4.31 38.00 -24.16
N SER D 132 4.48 39.30 -24.34
CA SER D 132 4.27 39.91 -25.65
C SER D 132 5.57 40.01 -26.46
N THR D 133 6.69 39.61 -25.87
CA THR D 133 7.98 39.67 -26.55
C THR D 133 8.65 38.30 -26.60
N ALA D 134 9.54 38.11 -27.56
CA ALA D 134 10.24 36.85 -27.70
C ALA D 134 11.46 36.77 -26.80
N TYR D 135 11.88 37.90 -26.26
CA TYR D 135 13.07 37.96 -25.43
C TYR D 135 13.07 37.24 -24.08
N CYS D 136 14.27 36.75 -23.73
CA CYS D 136 14.58 36.14 -22.46
C CYS D 136 15.81 37.01 -22.17
N ILE D 137 15.64 38.01 -21.33
CA ILE D 137 16.71 38.96 -21.05
C ILE D 137 17.59 38.64 -19.86
N ASP D 138 18.88 38.50 -20.13
CA ASP D 138 19.85 38.15 -19.11
C ASP D 138 20.58 39.31 -18.45
N ASP D 139 20.90 40.34 -19.21
CA ASP D 139 21.61 41.47 -18.63
C ASP D 139 21.39 42.75 -19.45
N MET D 140 21.91 43.86 -18.96
CA MET D 140 21.76 45.14 -19.63
C MET D 140 22.81 46.12 -19.14
N VAL D 141 22.95 47.22 -19.86
CA VAL D 141 23.88 48.28 -19.48
C VAL D 141 23.31 49.61 -19.95
N PHE D 142 23.20 50.56 -19.03
CA PHE D 142 22.66 51.90 -19.30
C PHE D 142 23.70 52.81 -19.95
N ASP D 143 23.26 53.63 -20.91
CA ASP D 143 24.18 54.57 -21.51
C ASP D 143 23.97 55.87 -20.73
N SER D 144 24.77 56.90 -21.02
CA SER D 144 24.65 58.16 -20.29
C SER D 144 23.34 58.91 -20.50
N LYS D 145 22.54 58.50 -21.48
CA LYS D 145 21.27 59.15 -21.77
C LYS D 145 20.09 58.49 -21.07
N GLY D 146 20.32 57.36 -20.43
CA GLY D 146 19.23 56.68 -19.75
C GLY D 146 18.69 55.54 -20.59
N GLY D 147 19.20 55.40 -21.80
CA GLY D 147 18.76 54.31 -22.67
C GLY D 147 19.59 53.10 -22.25
N PHE D 148 19.37 51.95 -22.85
CA PHE D 148 20.16 50.78 -22.48
C PHE D 148 20.19 49.68 -23.52
N TYR D 149 21.25 48.88 -23.45
CA TYR D 149 21.44 47.74 -24.33
C TYR D 149 21.19 46.51 -23.49
N PHE D 150 20.47 45.53 -24.03
CA PHE D 150 20.23 44.31 -23.27
C PHE D 150 20.55 43.07 -24.11
N THR D 151 20.81 41.96 -23.43
CA THR D 151 21.15 40.71 -24.09
C THR D 151 19.98 39.72 -24.10
N ASP D 152 19.68 39.20 -25.29
CA ASP D 152 18.61 38.23 -25.46
C ASP D 152 19.27 36.86 -25.31
N PHE D 153 18.99 36.23 -24.17
CA PHE D 153 19.55 34.94 -23.75
C PHE D 153 18.74 33.78 -24.32
N ARG D 154 18.89 33.52 -25.63
CA ARG D 154 18.13 32.43 -26.24
C ARG D 154 18.91 31.61 -27.26
N GLY D 155 18.47 30.36 -27.46
CA GLY D 155 19.11 29.47 -28.41
C GLY D 155 20.19 28.60 -27.83
N TYR D 156 21.10 28.16 -28.69
CA TYR D 156 22.24 27.33 -28.31
C TYR D 156 23.28 27.38 -29.42
N SER D 157 24.35 26.61 -29.26
CA SER D 157 25.46 26.61 -30.22
C SER D 157 25.13 26.87 -31.69
N THR D 158 24.42 25.95 -32.33
CA THR D 158 24.11 26.10 -33.76
C THR D 158 22.74 26.72 -34.06
N ASN D 159 22.08 27.25 -33.02
CA ASN D 159 20.77 27.87 -33.16
C ASN D 159 20.86 29.24 -32.49
N PRO D 160 21.47 30.21 -33.19
CA PRO D 160 21.66 31.59 -32.71
C PRO D 160 20.43 32.48 -32.67
N LEU D 161 19.52 32.18 -31.75
CA LEU D 161 18.30 32.95 -31.61
C LEU D 161 18.50 34.25 -30.85
N GLY D 162 19.60 34.34 -30.12
CA GLY D 162 19.89 35.52 -29.31
C GLY D 162 20.43 36.73 -30.04
N GLY D 163 20.74 37.77 -29.27
CA GLY D 163 21.25 38.99 -29.85
C GLY D 163 21.26 40.12 -28.84
N VAL D 164 21.49 41.33 -29.33
CA VAL D 164 21.54 42.51 -28.47
C VAL D 164 20.62 43.60 -29.02
N TYR D 165 19.87 44.24 -28.13
CA TYR D 165 18.94 45.29 -28.55
C TYR D 165 19.12 46.55 -27.72
N TYR D 166 18.82 47.69 -28.32
CA TYR D 166 18.93 48.97 -27.62
C TYR D 166 17.56 49.54 -27.33
N VAL D 167 17.36 49.97 -26.10
CA VAL D 167 16.08 50.56 -25.69
C VAL D 167 16.28 52.05 -25.45
N SER D 168 15.47 52.86 -26.12
CA SER D 168 15.56 54.31 -25.98
C SER D 168 15.27 54.76 -24.54
N PRO D 169 15.73 55.96 -24.16
CA PRO D 169 15.51 56.51 -22.82
C PRO D 169 14.06 56.47 -22.33
N ASP D 170 13.11 56.71 -23.23
CA ASP D 170 11.71 56.70 -22.87
C ASP D 170 11.15 55.28 -22.83
N PHE D 171 12.00 54.31 -23.14
CA PHE D 171 11.65 52.90 -23.13
C PHE D 171 10.54 52.50 -24.09
N ARG D 172 10.22 53.34 -25.07
CA ARG D 172 9.16 53.02 -26.01
C ARG D 172 9.65 52.48 -27.35
N THR D 173 10.94 52.58 -27.59
CA THR D 173 11.50 52.10 -28.85
C THR D 173 12.63 51.11 -28.62
N VAL D 174 12.58 49.99 -29.36
CA VAL D 174 13.59 48.95 -29.25
C VAL D 174 14.21 48.74 -30.63
N THR D 175 15.53 48.86 -30.69
CA THR D 175 16.26 48.71 -31.94
C THR D 175 17.29 47.58 -31.88
N PRO D 176 17.20 46.61 -32.80
CA PRO D 176 18.17 45.51 -32.81
C PRO D 176 19.55 46.08 -33.12
N ILE D 177 20.56 45.65 -32.37
CA ILE D 177 21.92 46.12 -32.61
C ILE D 177 22.68 45.05 -33.38
N ILE D 178 22.67 43.84 -32.86
CA ILE D 178 23.33 42.72 -33.51
C ILE D 178 22.55 41.45 -33.17
N GLN D 179 22.33 40.61 -34.17
CA GLN D 179 21.59 39.38 -33.95
C GLN D 179 22.37 38.13 -34.34
N ASN D 180 21.71 36.98 -34.31
CA ASN D 180 22.33 35.71 -34.63
C ASN D 180 23.49 35.39 -33.67
N ILE D 181 23.21 35.54 -32.39
CA ILE D 181 24.18 35.23 -31.36
C ILE D 181 23.65 34.04 -30.56
N SER D 182 24.50 33.04 -30.35
CA SER D 182 24.10 31.85 -29.63
C SER D 182 24.10 32.06 -28.12
N VAL D 183 23.04 32.71 -27.66
CA VAL D 183 22.84 33.03 -26.25
C VAL D 183 23.73 34.20 -25.82
N ALA D 184 23.23 35.42 -26.04
CA ALA D 184 23.95 36.62 -25.64
C ALA D 184 23.84 36.66 -24.12
N ASN D 185 24.94 36.96 -23.45
CA ASN D 185 24.95 36.94 -21.98
C ASN D 185 25.46 38.24 -21.36
N GLY D 186 26.78 38.40 -21.33
CA GLY D 186 27.36 39.59 -20.76
C GLY D 186 27.33 40.76 -21.73
N ILE D 187 27.29 41.96 -21.19
CA ILE D 187 27.28 43.15 -22.02
C ILE D 187 27.86 44.32 -21.26
N ALA D 188 28.60 45.17 -21.95
CA ALA D 188 29.20 46.33 -21.31
C ALA D 188 29.57 47.39 -22.33
N LEU D 189 29.51 48.65 -21.91
CA LEU D 189 29.88 49.77 -22.76
C LEU D 189 31.24 50.29 -22.32
N SER D 190 32.06 50.69 -23.28
CA SER D 190 33.37 51.25 -22.96
C SER D 190 33.08 52.57 -22.25
N THR D 191 34.10 53.18 -21.65
CA THR D 191 33.89 54.44 -20.96
C THR D 191 33.37 55.53 -21.89
N ASP D 192 33.80 55.52 -23.15
CA ASP D 192 33.31 56.54 -24.09
C ASP D 192 32.01 56.10 -24.77
N GLU D 193 31.54 54.92 -24.39
CA GLU D 193 30.30 54.36 -24.92
C GLU D 193 30.26 54.19 -26.43
N LYS D 194 31.43 54.11 -27.06
CA LYS D 194 31.53 53.94 -28.50
C LYS D 194 31.85 52.49 -28.86
N VAL D 195 32.05 51.66 -27.85
CA VAL D 195 32.35 50.25 -28.04
C VAL D 195 31.43 49.45 -27.14
N LEU D 196 30.83 48.41 -27.71
CA LEU D 196 29.93 47.55 -26.95
C LEU D 196 30.56 46.16 -26.91
N TRP D 197 30.69 45.60 -25.71
CA TRP D 197 31.25 44.26 -25.53
C TRP D 197 30.09 43.32 -25.22
N VAL D 198 30.11 42.14 -25.83
CA VAL D 198 29.04 41.16 -25.60
C VAL D 198 29.63 39.75 -25.54
N THR D 199 29.17 38.93 -24.60
CA THR D 199 29.68 37.57 -24.53
C THR D 199 28.61 36.61 -25.04
N GLU D 200 29.06 35.59 -25.76
CA GLU D 200 28.18 34.58 -26.34
C GLU D 200 28.52 33.27 -25.65
N THR D 201 27.68 32.87 -24.71
CA THR D 201 27.91 31.68 -23.91
C THR D 201 28.06 30.32 -24.59
N THR D 202 27.08 29.94 -25.41
CA THR D 202 27.13 28.61 -26.03
C THR D 202 28.02 28.42 -27.26
N ALA D 203 28.74 29.46 -27.65
CA ALA D 203 29.66 29.37 -28.77
C ALA D 203 31.06 29.80 -28.30
N ASN D 204 31.15 30.16 -27.02
CA ASN D 204 32.42 30.59 -26.44
C ASN D 204 33.11 31.71 -27.22
N ARG D 205 32.40 32.80 -27.48
CA ARG D 205 33.00 33.91 -28.21
C ARG D 205 32.81 35.27 -27.55
N LEU D 206 33.79 36.15 -27.73
CA LEU D 206 33.72 37.50 -27.21
C LEU D 206 33.47 38.40 -28.42
N HIS D 207 32.48 39.29 -28.30
CA HIS D 207 32.13 40.21 -29.38
C HIS D 207 32.53 41.63 -29.01
N ARG D 208 33.08 42.36 -29.98
CA ARG D 208 33.46 43.75 -29.79
C ARG D 208 32.72 44.47 -30.91
N ILE D 209 31.89 45.45 -30.55
CA ILE D 209 31.10 46.17 -31.53
C ILE D 209 31.36 47.67 -31.51
N ALA D 210 31.97 48.18 -32.57
CA ALA D 210 32.25 49.61 -32.69
C ALA D 210 30.98 50.29 -33.18
N LEU D 211 30.46 51.21 -32.38
CA LEU D 211 29.24 51.92 -32.72
C LEU D 211 29.45 53.32 -33.29
N GLU D 212 28.53 53.75 -34.14
CA GLU D 212 28.59 55.08 -34.71
C GLU D 212 28.11 56.01 -33.59
N ASP D 213 28.23 57.32 -33.79
CA ASP D 213 27.83 58.26 -32.76
C ASP D 213 26.35 58.17 -32.38
N ASP D 214 25.52 57.61 -33.24
CA ASP D 214 24.09 57.49 -32.92
C ASP D 214 23.82 56.38 -31.90
N GLY D 215 24.85 55.60 -31.61
CA GLY D 215 24.72 54.53 -30.64
C GLY D 215 23.93 53.30 -31.07
N VAL D 216 23.50 53.26 -32.32
CA VAL D 216 22.73 52.13 -32.80
C VAL D 216 23.25 51.53 -34.11
N THR D 217 24.00 52.33 -34.86
CA THR D 217 24.54 51.87 -36.13
C THR D 217 25.96 51.32 -35.93
N ILE D 218 26.18 50.09 -36.40
CA ILE D 218 27.50 49.48 -36.27
C ILE D 218 28.40 50.09 -37.33
N GLN D 219 29.60 50.49 -36.95
CA GLN D 219 30.54 51.07 -37.92
C GLN D 219 30.81 50.01 -38.98
N PRO D 220 31.23 50.43 -40.18
CA PRO D 220 31.51 49.45 -41.25
C PRO D 220 32.47 48.37 -40.75
N PHE D 221 32.08 47.11 -40.93
CA PHE D 221 32.90 45.98 -40.49
C PHE D 221 33.28 46.16 -39.03
N GLY D 222 32.42 46.84 -38.27
CA GLY D 222 32.68 47.14 -36.88
C GLY D 222 32.35 46.11 -35.81
N ALA D 223 31.65 45.05 -36.16
CA ALA D 223 31.31 44.01 -35.19
C ALA D 223 32.28 42.86 -35.45
N THR D 224 33.16 42.59 -34.49
CA THR D 224 34.16 41.54 -34.66
C THR D 224 34.23 40.54 -33.51
N ILE D 225 35.10 39.55 -33.66
CA ILE D 225 35.30 38.52 -32.64
C ILE D 225 36.77 38.58 -32.24
N PRO D 226 37.11 39.43 -31.26
CA PRO D 226 38.50 39.55 -30.82
C PRO D 226 39.03 38.36 -30.02
N TYR D 227 38.13 37.56 -29.46
CA TYR D 227 38.57 36.44 -28.66
C TYR D 227 37.64 35.25 -28.70
N TYR D 228 38.25 34.06 -28.71
CA TYR D 228 37.51 32.81 -28.66
C TYR D 228 37.83 32.20 -27.31
N PHE D 229 36.82 32.11 -26.45
CA PHE D 229 36.99 31.54 -25.13
C PHE D 229 37.13 30.02 -25.29
N THR D 230 37.44 29.35 -24.20
CA THR D 230 37.56 27.90 -24.22
C THR D 230 37.07 27.35 -22.89
N GLY D 231 36.65 26.08 -22.90
CA GLY D 231 36.17 25.43 -21.70
C GLY D 231 34.67 25.46 -21.48
N HIS D 232 34.16 24.46 -20.79
CA HIS D 232 32.73 24.36 -20.47
C HIS D 232 32.53 25.25 -19.23
N GLU D 233 31.46 26.06 -19.19
CA GLU D 233 30.46 26.14 -20.26
C GLU D 233 30.70 27.26 -21.26
N GLY D 234 31.03 28.44 -20.76
CA GLY D 234 31.27 29.57 -21.64
C GLY D 234 31.30 30.86 -20.86
N PRO D 235 31.48 32.00 -21.54
CA PRO D 235 31.53 33.31 -20.88
C PRO D 235 30.17 33.75 -20.34
N ASP D 236 30.19 34.45 -19.21
CA ASP D 236 28.97 34.93 -18.57
C ASP D 236 29.01 36.45 -18.53
N SER D 237 28.55 37.03 -17.42
CA SER D 237 28.49 38.48 -17.24
C SER D 237 29.85 39.18 -17.23
N CYS D 238 29.83 40.47 -17.54
CA CYS D 238 31.06 41.25 -17.57
C CYS D 238 30.84 42.68 -17.11
N CYS D 239 31.94 43.35 -16.79
CA CYS D 239 31.91 44.76 -16.37
C CYS D 239 33.27 45.30 -16.78
N ILE D 240 33.42 46.62 -16.78
CA ILE D 240 34.70 47.22 -17.15
C ILE D 240 35.26 47.97 -15.96
N ASP D 241 36.47 48.50 -16.11
CA ASP D 241 37.06 49.32 -15.06
C ASP D 241 37.35 50.67 -15.72
N SER D 242 37.83 51.63 -14.95
CA SER D 242 38.12 52.96 -15.49
C SER D 242 39.18 53.01 -16.58
N ASP D 243 39.96 51.94 -16.73
CA ASP D 243 41.00 51.89 -17.77
C ASP D 243 40.46 51.16 -19.00
N ASP D 244 39.15 50.94 -19.02
CA ASP D 244 38.49 50.24 -20.12
C ASP D 244 38.86 48.78 -20.28
N ASN D 245 39.30 48.16 -19.20
CA ASN D 245 39.61 46.73 -19.25
C ASN D 245 38.25 46.05 -19.05
N LEU D 246 38.12 44.83 -19.56
CA LEU D 246 36.87 44.09 -19.44
C LEU D 246 37.08 42.86 -18.58
N TYR D 247 36.21 42.68 -17.59
CA TYR D 247 36.28 41.55 -16.68
C TYR D 247 35.12 40.63 -17.04
N VAL D 248 35.43 39.40 -17.40
CA VAL D 248 34.42 38.44 -17.82
C VAL D 248 34.37 37.20 -16.92
N ALA D 249 33.24 37.01 -16.25
CA ALA D 249 33.06 35.84 -15.40
C ALA D 249 32.82 34.67 -16.34
N MET D 250 33.48 33.54 -16.07
CA MET D 250 33.34 32.36 -16.91
C MET D 250 32.46 31.32 -16.24
N TYR D 251 31.25 31.16 -16.76
CA TYR D 251 30.30 30.22 -16.18
C TYR D 251 30.73 28.77 -16.30
N GLY D 252 30.78 28.10 -15.13
CA GLY D 252 31.18 26.70 -15.09
C GLY D 252 32.69 26.50 -15.12
N GLN D 253 33.44 27.60 -15.07
CA GLN D 253 34.90 27.53 -15.12
C GLN D 253 35.59 27.99 -13.85
N GLY D 254 34.81 28.52 -12.90
CA GLY D 254 35.40 29.00 -11.66
C GLY D 254 36.53 29.99 -11.86
N ARG D 255 36.31 30.98 -12.72
CA ARG D 255 37.32 31.99 -12.98
C ARG D 255 36.75 33.21 -13.69
N VAL D 256 37.55 34.27 -13.71
CA VAL D 256 37.19 35.51 -14.37
C VAL D 256 38.40 35.87 -15.24
N LEU D 257 38.14 36.18 -16.51
CA LEU D 257 39.22 36.55 -17.42
C LEU D 257 39.15 38.07 -17.60
N VAL D 258 40.31 38.69 -17.72
CA VAL D 258 40.37 40.14 -17.89
C VAL D 258 41.08 40.50 -19.19
N PHE D 259 40.47 41.40 -19.95
CA PHE D 259 41.00 41.84 -21.23
C PHE D 259 41.26 43.35 -21.20
N ASN D 260 42.18 43.83 -22.03
CA ASN D 260 42.44 45.25 -22.07
C ASN D 260 41.46 45.92 -23.04
N LYS D 261 41.58 47.23 -23.20
CA LYS D 261 40.65 47.97 -24.06
C LYS D 261 40.56 47.47 -25.50
N ARG D 262 41.58 46.77 -25.98
CA ARG D 262 41.57 46.25 -27.34
C ARG D 262 41.08 44.80 -27.40
N GLY D 263 40.67 44.26 -26.26
CA GLY D 263 40.15 42.90 -26.25
C GLY D 263 41.16 41.77 -26.12
N TYR D 264 42.39 42.09 -25.72
CA TYR D 264 43.44 41.09 -25.52
C TYR D 264 43.47 40.72 -24.04
N PRO D 265 43.67 39.44 -23.73
CA PRO D 265 43.70 38.96 -22.34
C PRO D 265 44.94 39.45 -21.58
N ILE D 266 44.72 40.02 -20.40
CA ILE D 266 45.82 40.53 -19.58
C ILE D 266 45.75 40.06 -18.12
N GLY D 267 44.67 39.40 -17.75
CA GLY D 267 44.54 38.94 -16.37
C GLY D 267 43.63 37.75 -16.19
N GLN D 268 43.81 37.04 -15.09
CA GLN D 268 43.00 35.86 -14.80
C GLN D 268 42.82 35.71 -13.30
N ILE D 269 41.56 35.56 -12.88
CA ILE D 269 41.22 35.43 -11.47
C ILE D 269 40.58 34.06 -11.23
N LEU D 270 41.18 33.28 -10.34
CA LEU D 270 40.68 31.94 -10.05
C LEU D 270 39.83 31.88 -8.79
N ILE D 271 38.80 31.04 -8.83
CA ILE D 271 37.93 30.85 -7.68
C ILE D 271 38.41 29.60 -6.97
N PRO D 272 38.65 29.70 -5.65
CA PRO D 272 39.11 28.56 -4.86
C PRO D 272 38.22 27.33 -5.02
N GLY D 273 38.84 26.17 -5.13
CA GLY D 273 38.11 24.92 -5.26
C GLY D 273 37.77 24.47 -6.67
N ARG D 274 38.03 25.31 -7.67
CA ARG D 274 37.71 24.96 -9.05
C ARG D 274 38.33 23.64 -9.53
N ASP D 275 39.58 23.40 -9.17
CA ASP D 275 40.24 22.16 -9.60
C ASP D 275 39.50 20.91 -9.14
N GLU D 276 38.83 21.02 -7.99
CA GLU D 276 38.07 19.89 -7.45
C GLU D 276 36.61 19.92 -7.87
N GLY D 277 36.25 20.89 -8.72
CA GLY D 277 34.89 20.99 -9.20
C GLY D 277 33.96 21.85 -8.38
N HIS D 278 34.50 22.55 -7.39
CA HIS D 278 33.70 23.42 -6.52
C HIS D 278 33.65 24.87 -7.00
N MET D 279 32.53 25.53 -6.69
CA MET D 279 32.34 26.95 -7.03
C MET D 279 32.62 27.31 -8.49
N LEU D 280 32.25 26.41 -9.41
CA LEU D 280 32.49 26.66 -10.82
C LEU D 280 31.52 27.68 -11.43
N ARG D 281 30.38 27.88 -10.79
CA ARG D 281 29.39 28.81 -11.32
C ARG D 281 29.65 30.28 -11.02
N SER D 282 30.80 30.76 -11.49
CA SER D 282 31.20 32.16 -11.33
C SER D 282 30.44 32.91 -12.42
N THR D 283 29.51 33.77 -12.01
CA THR D 283 28.65 34.48 -12.94
C THR D 283 28.76 35.97 -13.13
N HIS D 284 29.28 36.70 -12.15
CA HIS D 284 29.30 38.16 -12.30
C HIS D 284 30.39 38.88 -11.52
N PRO D 285 31.03 39.87 -12.15
CA PRO D 285 32.08 40.67 -11.52
C PRO D 285 31.58 42.11 -11.37
N GLN D 286 31.98 42.81 -10.31
CA GLN D 286 31.55 44.19 -10.13
C GLN D 286 32.42 44.89 -9.08
N PHE D 287 32.75 46.15 -9.34
CA PHE D 287 33.60 46.94 -8.44
C PHE D 287 32.89 47.70 -7.35
N ILE D 288 33.51 47.76 -6.18
CA ILE D 288 32.96 48.55 -5.09
C ILE D 288 33.24 49.97 -5.58
N PRO D 289 32.20 50.80 -5.71
CA PRO D 289 32.32 52.18 -6.18
C PRO D 289 33.50 52.95 -5.57
N GLY D 290 34.23 53.68 -6.43
CA GLY D 290 35.36 54.47 -5.98
C GLY D 290 36.61 53.69 -5.59
N THR D 291 36.63 52.39 -5.88
CA THR D 291 37.78 51.57 -5.55
C THR D 291 38.11 50.60 -6.65
N ASN D 292 39.25 49.91 -6.53
CA ASN D 292 39.64 48.93 -7.52
C ASN D 292 39.38 47.53 -6.94
N GLN D 293 38.55 47.46 -5.89
CA GLN D 293 38.24 46.17 -5.29
C GLN D 293 37.08 45.52 -6.04
N LEU D 294 37.37 44.37 -6.63
CA LEU D 294 36.38 43.62 -7.40
C LEU D 294 35.67 42.56 -6.58
N ILE D 295 34.37 42.44 -6.79
CA ILE D 295 33.56 41.44 -6.12
C ILE D 295 33.10 40.47 -7.20
N ILE D 296 33.17 39.18 -6.90
CA ILE D 296 32.77 38.13 -7.84
C ILE D 296 31.85 37.13 -7.13
N CYS D 297 30.70 36.84 -7.73
CA CYS D 297 29.80 35.88 -7.10
C CYS D 297 29.87 34.51 -7.79
N SER D 298 29.80 33.47 -6.97
CA SER D 298 29.82 32.11 -7.49
C SER D 298 29.02 31.24 -6.52
N ASN D 299 28.71 30.02 -6.93
CA ASN D 299 27.97 29.11 -6.08
C ASN D 299 28.41 27.67 -6.32
N ASP D 300 28.15 26.81 -5.34
CA ASP D 300 28.56 25.42 -5.41
C ASP D 300 27.37 24.46 -5.51
N ILE D 301 26.31 24.88 -6.18
CA ILE D 301 25.13 24.04 -6.35
C ILE D 301 25.49 22.66 -6.92
N GLU D 302 26.44 22.64 -7.84
CA GLU D 302 26.85 21.38 -8.47
C GLU D 302 27.42 20.36 -7.50
N MET D 303 28.00 20.83 -6.41
CA MET D 303 28.59 19.94 -5.41
C MET D 303 27.78 19.95 -4.12
N GLY D 304 26.59 20.54 -4.16
CA GLY D 304 25.75 20.61 -2.98
C GLY D 304 26.28 21.59 -1.96
N GLY D 305 27.04 22.57 -2.43
CA GLY D 305 27.62 23.58 -1.56
C GLY D 305 26.85 24.87 -1.45
N GLY D 306 27.50 25.91 -0.93
CA GLY D 306 26.86 27.18 -0.74
C GLY D 306 27.01 28.24 -1.82
N SER D 307 26.75 29.48 -1.42
CA SER D 307 26.80 30.63 -2.32
C SER D 307 27.74 31.66 -1.71
N MET D 308 28.80 31.99 -2.46
CA MET D 308 29.83 32.89 -1.94
C MET D 308 30.24 34.05 -2.84
N LEU D 309 30.63 35.15 -2.20
CA LEU D 309 31.14 36.32 -2.91
C LEU D 309 32.64 36.31 -2.66
N TYR D 310 33.42 36.50 -3.72
CA TYR D 310 34.87 36.52 -3.60
C TYR D 310 35.40 37.89 -3.97
N THR D 311 36.67 38.14 -3.70
CA THR D 311 37.23 39.46 -3.99
C THR D 311 38.72 39.48 -4.30
N VAL D 312 39.12 40.48 -5.09
CA VAL D 312 40.51 40.72 -5.48
C VAL D 312 40.58 42.19 -5.88
N ASN D 313 41.77 42.70 -6.09
CA ASN D 313 41.92 44.08 -6.55
C ASN D 313 42.20 44.04 -8.05
N GLY D 314 41.43 44.80 -8.81
CA GLY D 314 41.63 44.84 -10.25
C GLY D 314 42.69 45.83 -10.68
N PHE D 315 42.88 45.96 -11.99
CA PHE D 315 43.88 46.86 -12.57
C PHE D 315 43.63 48.34 -12.28
N ALA D 316 42.36 48.72 -12.18
CA ALA D 316 42.01 50.11 -11.94
C ALA D 316 40.70 50.22 -11.19
N LYS D 317 40.34 51.43 -10.79
CA LYS D 317 39.10 51.67 -10.07
C LYS D 317 37.91 51.42 -10.99
N GLY D 318 36.79 51.04 -10.40
CA GLY D 318 35.59 50.78 -11.19
C GLY D 318 35.16 52.02 -11.96
N HIS D 319 34.43 51.80 -13.04
CA HIS D 319 33.92 52.88 -13.87
C HIS D 319 32.64 53.41 -13.23
N GLN D 320 32.46 54.72 -13.24
CA GLN D 320 31.24 55.30 -12.68
C GLN D 320 30.13 55.17 -13.70
N SER D 321 29.41 54.05 -13.60
CA SER D 321 28.29 53.78 -14.50
C SER D 321 27.12 54.72 -14.25
N PHE D 322 26.04 54.52 -14.99
CA PHE D 322 24.85 55.36 -14.94
C PHE D 322 24.24 55.69 -13.57
N GLN D 323 24.22 54.73 -12.64
CA GLN D 323 23.61 54.99 -11.34
C GLN D 323 24.39 56.01 -10.51
N PHE D 324 25.62 56.31 -10.94
CA PHE D 324 26.46 57.26 -10.22
C PHE D 324 26.47 58.64 -10.87
N GLN D 325 25.87 58.75 -12.05
CA GLN D 325 25.82 60.02 -12.77
C GLN D 325 25.08 61.10 -11.98
N LEU D 326 25.45 62.36 -12.23
CA LEU D 326 24.82 63.49 -11.55
C LEU D 326 23.67 64.03 -12.39
N GLN E 6 23.35 -36.46 50.09
CA GLN E 6 24.78 -36.86 49.90
C GLN E 6 25.72 -35.65 49.95
N ASP E 7 26.72 -35.66 49.08
CA ASP E 7 27.70 -34.58 49.02
C ASP E 7 27.35 -33.54 47.96
N LEU E 8 26.10 -33.55 47.51
CA LEU E 8 25.65 -32.61 46.49
C LEU E 8 25.61 -31.18 47.03
N PRO E 9 25.81 -30.19 46.15
CA PRO E 9 25.78 -28.79 46.60
C PRO E 9 24.41 -28.63 47.26
N THR E 10 24.38 -27.94 48.39
CA THR E 10 23.13 -27.80 49.14
C THR E 10 22.79 -26.37 49.56
N LEU E 11 21.49 -26.08 49.62
CA LEU E 11 21.01 -24.77 50.05
C LEU E 11 20.57 -24.92 51.51
N PHE E 12 21.03 -24.00 52.36
CA PHE E 12 20.70 -24.04 53.79
C PHE E 12 20.00 -22.76 54.22
N TYR E 13 19.32 -22.83 55.37
CA TYR E 13 18.64 -21.66 55.91
C TYR E 13 19.62 -20.79 56.69
N SER E 14 20.62 -20.29 55.97
CA SER E 14 21.65 -19.44 56.57
C SER E 14 21.52 -17.99 56.11
N GLY E 15 22.04 -17.08 56.94
CA GLY E 15 21.99 -15.66 56.60
C GLY E 15 20.61 -15.18 56.23
N LYS E 16 20.54 -14.32 55.22
CA LYS E 16 19.27 -13.77 54.78
C LYS E 16 18.34 -14.81 54.13
N SER E 17 18.84 -16.02 53.92
CA SER E 17 18.00 -17.06 53.34
C SER E 17 17.04 -17.53 54.43
N ASN E 18 17.31 -17.15 55.67
CA ASN E 18 16.45 -17.55 56.78
C ASN E 18 15.46 -16.45 57.20
N SER E 19 15.53 -15.29 56.56
CA SER E 19 14.64 -14.18 56.88
C SER E 19 13.30 -14.33 56.17
N ALA E 20 12.23 -13.84 56.81
CA ALA E 20 10.91 -13.91 56.21
C ALA E 20 10.81 -12.92 55.04
N VAL E 21 11.52 -11.81 55.16
CA VAL E 21 11.49 -10.75 54.15
C VAL E 21 12.89 -10.16 53.88
N PRO E 22 13.81 -10.99 53.35
CA PRO E 22 15.16 -10.52 53.06
C PRO E 22 15.30 -9.41 52.03
N ILE E 23 16.09 -8.40 52.37
CA ILE E 23 16.39 -7.27 51.49
C ILE E 23 17.73 -7.67 50.89
N ILE E 24 17.71 -8.15 49.65
CA ILE E 24 18.93 -8.63 49.03
C ILE E 24 18.88 -8.58 47.50
N SER E 25 20.06 -8.53 46.88
CA SER E 25 20.17 -8.51 45.42
C SER E 25 20.56 -9.90 44.93
N GLU E 26 20.27 -10.20 43.67
CA GLU E 26 20.58 -11.52 43.14
C GLU E 26 22.05 -11.92 43.25
N SER E 27 22.95 -10.97 43.04
CA SER E 27 24.38 -11.27 43.11
C SER E 27 24.82 -11.64 44.53
N GLU E 28 24.00 -11.28 45.52
CA GLU E 28 24.31 -11.55 46.93
C GLU E 28 23.62 -12.81 47.47
N LEU E 29 22.71 -13.38 46.70
CA LEU E 29 21.98 -14.58 47.11
C LEU E 29 22.88 -15.77 47.39
N GLN E 30 22.43 -16.63 48.31
CA GLN E 30 23.17 -17.85 48.62
C GLN E 30 23.14 -18.61 47.29
N THR E 31 24.31 -18.84 46.72
CA THR E 31 24.40 -19.50 45.41
C THR E 31 25.24 -20.76 45.38
N ILE E 32 24.79 -21.74 44.59
CA ILE E 32 25.52 -22.98 44.41
C ILE E 32 25.45 -23.34 42.94
N THR E 33 26.35 -24.21 42.50
CA THR E 33 26.39 -24.63 41.11
C THR E 33 25.97 -26.10 41.01
N ALA E 34 24.96 -26.35 40.18
CA ALA E 34 24.45 -27.70 40.01
C ALA E 34 25.49 -28.67 39.46
N GLU E 35 25.33 -29.94 39.83
CA GLU E 35 26.21 -31.01 39.39
C GLU E 35 25.52 -31.79 38.29
N PRO E 36 26.27 -32.20 37.24
CA PRO E 36 25.64 -32.96 36.17
C PRO E 36 25.11 -34.26 36.78
N TRP E 37 23.89 -34.64 36.42
CA TRP E 37 23.29 -35.84 36.97
C TRP E 37 23.08 -36.96 35.94
N LEU E 38 22.55 -36.61 34.79
CA LEU E 38 22.29 -37.60 33.73
C LEU E 38 22.11 -36.93 32.38
N GLU E 39 22.98 -37.27 31.44
CA GLU E 39 22.87 -36.70 30.09
C GLU E 39 21.78 -37.45 29.34
N ILE E 40 20.77 -36.74 28.88
CA ILE E 40 19.66 -37.35 28.15
C ILE E 40 20.06 -37.70 26.73
N SER E 41 20.88 -36.84 26.12
CA SER E 41 21.34 -37.07 24.75
C SER E 41 22.50 -36.15 24.37
N LYS E 42 23.30 -36.60 23.41
CA LYS E 42 24.43 -35.82 22.93
C LYS E 42 23.86 -34.75 22.01
N LYS E 43 22.68 -35.04 21.46
CA LYS E 43 22.00 -34.12 20.57
C LYS E 43 21.20 -33.11 21.39
N GLY E 44 20.96 -31.94 20.79
CA GLY E 44 20.22 -30.90 21.48
C GLY E 44 18.72 -31.08 21.44
N LEU E 45 18.13 -31.30 22.61
CA LEU E 45 16.68 -31.47 22.75
C LEU E 45 16.17 -30.44 23.74
N GLN E 46 15.01 -29.87 23.47
CA GLN E 46 14.42 -28.87 24.35
C GLN E 46 13.72 -29.56 25.52
N LEU E 47 14.50 -30.09 26.46
CA LEU E 47 13.96 -30.79 27.60
C LEU E 47 13.00 -29.92 28.41
N GLU E 48 11.94 -30.54 28.94
CA GLU E 48 10.93 -29.85 29.73
C GLU E 48 10.03 -30.88 30.41
N GLY E 49 9.11 -30.37 31.23
CA GLY E 49 8.11 -31.20 31.90
C GLY E 49 8.50 -32.30 32.87
N LEU E 50 9.44 -32.03 33.77
CA LEU E 50 9.86 -33.03 34.75
C LEU E 50 8.70 -33.37 35.68
N ASN E 51 8.52 -34.66 35.96
CA ASN E 51 7.46 -35.09 36.86
C ASN E 51 7.69 -36.56 37.25
N PHE E 52 7.61 -36.86 38.55
CA PHE E 52 7.82 -38.22 39.02
C PHE E 52 6.49 -38.94 39.25
N ASP E 53 6.45 -40.24 38.97
CA ASP E 53 5.23 -41.01 39.18
C ASP E 53 5.20 -41.54 40.61
N ARG E 54 4.10 -42.19 40.99
CA ARG E 54 3.92 -42.72 42.34
C ARG E 54 5.05 -43.68 42.76
N GLN E 55 5.78 -44.22 41.80
CA GLN E 55 6.87 -45.15 42.09
C GLN E 55 8.25 -44.48 42.11
N GLY E 56 8.25 -43.15 42.11
CA GLY E 56 9.50 -42.41 42.14
C GLY E 56 10.27 -42.38 40.83
N GLN E 57 9.63 -42.81 39.74
CA GLN E 57 10.28 -42.81 38.44
C GLN E 57 10.10 -41.44 37.78
N LEU E 58 11.13 -40.98 37.09
CA LEU E 58 11.09 -39.67 36.45
C LEU E 58 10.63 -39.65 35.01
N PHE E 59 9.68 -38.77 34.71
CA PHE E 59 9.17 -38.61 33.36
C PHE E 59 9.52 -37.19 32.91
N LEU E 60 9.75 -37.02 31.62
CA LEU E 60 10.03 -35.71 31.04
C LEU E 60 9.89 -35.83 29.54
N LEU E 61 10.09 -34.73 28.83
CA LEU E 61 9.95 -34.74 27.38
C LEU E 61 10.79 -33.63 26.75
N ASP E 62 10.76 -33.57 25.42
CA ASP E 62 11.46 -32.52 24.70
C ASP E 62 10.36 -31.90 23.83
N VAL E 63 10.35 -30.58 23.77
CA VAL E 63 9.32 -29.86 23.03
C VAL E 63 9.25 -30.05 21.51
N PHE E 64 10.38 -29.88 20.83
CA PHE E 64 10.38 -29.94 19.38
C PHE E 64 10.23 -31.31 18.70
N GLU E 65 10.61 -32.38 19.38
CA GLU E 65 10.45 -33.72 18.81
C GLU E 65 9.30 -34.44 19.50
N GLY E 66 8.96 -34.00 20.71
CA GLY E 66 7.85 -34.59 21.43
C GLY E 66 8.12 -35.95 22.07
N ASN E 67 9.38 -36.30 22.25
CA ASN E 67 9.73 -37.58 22.87
C ASN E 67 9.32 -37.56 24.35
N ILE E 68 8.86 -38.70 24.83
CA ILE E 68 8.49 -38.84 26.25
C ILE E 68 9.54 -39.79 26.81
N PHE E 69 10.19 -39.39 27.91
CA PHE E 69 11.22 -40.20 28.53
C PHE E 69 10.84 -40.65 29.93
N LYS E 70 11.23 -41.88 30.29
CA LYS E 70 10.98 -42.39 31.63
C LYS E 70 12.33 -42.83 32.16
N ILE E 71 12.75 -42.23 33.27
CA ILE E 71 14.05 -42.54 33.84
C ILE E 71 13.96 -43.15 35.24
N ASN E 72 14.87 -44.08 35.52
CA ASN E 72 14.95 -44.73 36.81
C ASN E 72 16.03 -43.95 37.54
N PRO E 73 15.65 -43.15 38.55
CA PRO E 73 16.60 -42.34 39.32
C PRO E 73 17.73 -43.13 39.98
N GLU E 74 17.45 -44.40 40.28
CA GLU E 74 18.43 -45.26 40.92
C GLU E 74 19.51 -45.77 39.97
N THR E 75 19.08 -46.44 38.91
CA THR E 75 20.00 -47.00 37.92
C THR E 75 20.35 -46.06 36.78
N LYS E 76 19.59 -44.98 36.66
CA LYS E 76 19.79 -43.99 35.59
C LYS E 76 19.42 -44.55 34.23
N GLU E 77 18.60 -45.60 34.22
CA GLU E 77 18.16 -46.21 32.97
C GLU E 77 17.25 -45.21 32.27
N ILE E 78 17.38 -45.10 30.96
CA ILE E 78 16.55 -44.17 30.19
C ILE E 78 15.71 -44.90 29.16
N LYS E 79 14.40 -44.68 29.21
CA LYS E 79 13.48 -45.29 28.25
C LYS E 79 12.68 -44.19 27.57
N ARG E 80 12.19 -44.49 26.37
CA ARG E 80 11.40 -43.54 25.60
C ARG E 80 10.13 -44.30 25.21
N PRO E 81 9.20 -44.44 26.17
CA PRO E 81 7.93 -45.15 25.97
C PRO E 81 7.12 -44.74 24.75
N PHE E 82 7.02 -43.44 24.49
CA PHE E 82 6.27 -42.98 23.32
C PHE E 82 6.59 -41.55 22.91
N VAL E 83 5.95 -41.11 21.83
CA VAL E 83 6.15 -39.77 21.30
C VAL E 83 4.79 -39.06 21.23
N SER E 84 4.80 -37.78 21.55
CA SER E 84 3.56 -37.00 21.53
C SER E 84 2.99 -36.89 20.12
N HIS E 85 1.68 -37.11 20.02
CA HIS E 85 0.98 -37.01 18.74
C HIS E 85 0.56 -35.56 18.51
N LYS E 86 0.75 -34.74 19.54
CA LYS E 86 0.42 -33.31 19.46
C LYS E 86 1.70 -32.50 19.44
N ALA E 87 1.71 -31.43 18.65
CA ALA E 87 2.89 -30.59 18.51
C ALA E 87 3.32 -29.79 19.73
N ASN E 88 4.62 -29.74 19.91
CA ASN E 88 5.27 -28.97 20.98
C ASN E 88 4.76 -29.14 22.41
N PRO E 89 4.82 -30.37 22.94
CA PRO E 89 4.36 -30.62 24.30
C PRO E 89 5.41 -29.96 25.21
N ALA E 90 4.98 -29.39 26.33
CA ALA E 90 5.92 -28.70 27.22
C ALA E 90 5.90 -29.11 28.68
N ALA E 91 4.93 -29.92 29.08
CA ALA E 91 4.87 -30.35 30.47
C ALA E 91 4.11 -31.63 30.67
N ILE E 92 4.50 -32.36 31.72
CA ILE E 92 3.85 -33.61 32.07
C ILE E 92 3.46 -33.52 33.54
N LYS E 93 2.18 -33.71 33.83
CA LYS E 93 1.71 -33.71 35.21
C LYS E 93 0.91 -35.00 35.36
N ILE E 94 1.36 -35.83 36.29
CA ILE E 94 0.73 -37.11 36.52
C ILE E 94 -0.44 -37.01 37.48
N HIS E 95 -1.54 -37.64 37.09
CA HIS E 95 -2.77 -37.66 37.85
C HIS E 95 -2.67 -38.71 38.97
N LYS E 96 -3.49 -38.56 39.99
CA LYS E 96 -3.48 -39.51 41.10
C LYS E 96 -3.78 -40.91 40.58
N ASP E 97 -4.53 -40.99 39.48
CA ASP E 97 -4.90 -42.29 38.93
C ASP E 97 -3.86 -42.89 38.00
N GLY E 98 -2.70 -42.25 37.89
CA GLY E 98 -1.62 -42.77 37.07
C GLY E 98 -1.45 -42.20 35.68
N ARG E 99 -2.51 -41.62 35.12
CA ARG E 99 -2.42 -41.06 33.77
C ARG E 99 -1.46 -39.89 33.70
N LEU E 100 -0.81 -39.74 32.55
CA LEU E 100 0.09 -38.62 32.34
C LEU E 100 -0.70 -37.55 31.60
N PHE E 101 -0.73 -36.34 32.14
CA PHE E 101 -1.42 -35.25 31.46
C PHE E 101 -0.32 -34.46 30.79
N VAL E 102 -0.46 -34.24 29.49
CA VAL E 102 0.55 -33.53 28.72
C VAL E 102 0.06 -32.23 28.14
N CYS E 103 0.71 -31.14 28.54
CA CYS E 103 0.35 -29.81 28.05
C CYS E 103 1.15 -29.58 26.77
N TYR E 104 0.50 -29.04 25.74
CA TYR E 104 1.21 -28.78 24.50
C TYR E 104 0.85 -27.41 23.91
N LEU E 105 1.82 -26.80 23.23
CA LEU E 105 1.66 -25.48 22.66
C LEU E 105 1.09 -25.43 21.24
N GLY E 106 1.11 -26.56 20.54
CA GLY E 106 0.59 -26.57 19.19
C GLY E 106 1.37 -25.65 18.27
N ASP E 107 0.66 -24.78 17.55
CA ASP E 107 1.31 -23.85 16.62
C ASP E 107 1.75 -22.53 17.25
N PHE E 108 1.68 -22.44 18.59
CA PHE E 108 2.08 -21.24 19.31
C PHE E 108 1.11 -20.08 19.13
N LYS E 109 0.07 -20.30 18.32
CA LYS E 109 -0.92 -19.25 18.08
C LYS E 109 -2.26 -19.57 18.75
N SER E 110 -2.74 -20.80 18.60
CA SER E 110 -4.00 -21.18 19.19
C SER E 110 -4.27 -22.70 19.26
N THR E 111 -3.48 -23.50 18.56
CA THR E 111 -3.75 -24.94 18.54
C THR E 111 -3.16 -25.81 19.64
N GLY E 112 -2.98 -25.23 20.83
CA GLY E 112 -2.46 -26.00 21.94
C GLY E 112 -3.59 -26.62 22.75
N GLY E 113 -3.26 -27.40 23.76
CA GLY E 113 -4.27 -28.03 24.58
C GLY E 113 -3.64 -28.98 25.59
N ILE E 114 -4.41 -29.94 26.06
CA ILE E 114 -3.90 -30.92 27.02
C ILE E 114 -4.49 -32.30 26.73
N PHE E 115 -3.63 -33.29 26.54
CA PHE E 115 -4.13 -34.64 26.33
C PHE E 115 -3.64 -35.49 27.49
N ALA E 116 -4.25 -36.66 27.65
CA ALA E 116 -3.86 -37.58 28.71
C ALA E 116 -3.56 -38.92 28.07
N ALA E 117 -2.79 -39.75 28.76
CA ALA E 117 -2.43 -41.06 28.24
C ALA E 117 -1.76 -41.88 29.33
N THR E 118 -1.59 -43.16 29.09
CA THR E 118 -0.91 -44.01 30.05
C THR E 118 0.57 -43.72 29.82
N GLU E 119 1.43 -44.22 30.69
CA GLU E 119 2.86 -43.99 30.55
C GLU E 119 3.43 -44.64 29.29
N ASN E 120 2.65 -45.51 28.65
CA ASN E 120 3.12 -46.17 27.44
C ASN E 120 2.53 -45.53 26.18
N GLY E 121 1.75 -44.47 26.39
CA GLY E 121 1.15 -43.77 25.27
C GLY E 121 -0.16 -44.36 24.80
N ASP E 122 -0.77 -45.20 25.62
CA ASP E 122 -2.05 -45.81 25.27
C ASP E 122 -3.20 -44.97 25.79
N ASN E 123 -4.41 -45.26 25.30
CA ASN E 123 -5.61 -44.56 25.71
C ASN E 123 -5.48 -43.04 25.61
N LEU E 124 -5.05 -42.56 24.44
CA LEU E 124 -4.90 -41.12 24.22
C LEU E 124 -6.26 -40.45 24.33
N GLN E 125 -6.34 -39.36 25.08
CA GLN E 125 -7.59 -38.64 25.24
C GLN E 125 -7.39 -37.13 25.36
N ASP E 126 -8.34 -36.37 24.82
CA ASP E 126 -8.27 -34.92 24.87
C ASP E 126 -8.95 -34.39 26.12
N ILE E 127 -8.15 -33.80 27.03
CA ILE E 127 -8.67 -33.22 28.26
C ILE E 127 -9.15 -31.82 27.87
N ILE E 128 -8.27 -31.07 27.21
CA ILE E 128 -8.61 -29.75 26.69
C ILE E 128 -8.33 -29.92 25.20
N GLU E 129 -9.37 -29.86 24.40
CA GLU E 129 -9.25 -30.01 22.95
C GLU E 129 -8.43 -28.85 22.37
N ASP E 130 -7.68 -29.13 21.31
CA ASP E 130 -6.81 -28.13 20.70
C ASP E 130 -7.40 -27.11 19.73
N LEU E 131 -8.10 -27.57 18.71
CA LEU E 131 -8.67 -26.68 17.70
C LEU E 131 -9.83 -25.78 18.10
N SER E 132 -10.70 -26.23 19.00
CA SER E 132 -11.85 -25.42 19.40
C SER E 132 -11.52 -24.44 20.52
N THR E 133 -10.28 -24.47 21.01
CA THR E 133 -9.86 -23.56 22.07
C THR E 133 -8.72 -22.69 21.58
N ALA E 134 -8.64 -21.47 22.08
CA ALA E 134 -7.59 -20.55 21.67
C ALA E 134 -6.29 -20.77 22.46
N TYR E 135 -6.37 -21.59 23.50
CA TYR E 135 -5.22 -21.86 24.36
C TYR E 135 -4.01 -22.56 23.74
N CYS E 136 -2.84 -22.20 24.26
CA CYS E 136 -1.57 -22.80 23.92
C CYS E 136 -1.09 -23.01 25.35
N ILE E 137 -1.23 -24.24 25.83
CA ILE E 137 -0.92 -24.56 27.21
C ILE E 137 0.50 -25.04 27.48
N ASP E 138 1.19 -24.34 28.37
CA ASP E 138 2.57 -24.66 28.69
C ASP E 138 2.76 -25.53 29.92
N ASP E 139 1.92 -25.35 30.94
CA ASP E 139 2.07 -26.12 32.16
C ASP E 139 0.76 -26.16 32.93
N MET E 140 0.75 -26.94 34.00
CA MET E 140 -0.45 -27.08 34.82
C MET E 140 -0.05 -27.58 36.22
N VAL E 141 -1.01 -27.56 37.13
CA VAL E 141 -0.80 -28.05 38.48
C VAL E 141 -2.16 -28.49 39.04
N PHE E 142 -2.21 -29.74 39.51
CA PHE E 142 -3.44 -30.30 40.07
C PHE E 142 -3.67 -29.86 41.51
N ASP E 143 -4.94 -29.62 41.86
CA ASP E 143 -5.25 -29.29 43.25
C ASP E 143 -5.63 -30.64 43.86
N SER E 144 -5.88 -30.69 45.16
CA SER E 144 -6.19 -31.95 45.82
C SER E 144 -7.49 -32.63 45.42
N LYS E 145 -8.34 -31.92 44.68
CA LYS E 145 -9.62 -32.49 44.27
C LYS E 145 -9.57 -33.07 42.87
N GLY E 146 -8.44 -32.91 42.18
CA GLY E 146 -8.32 -33.45 40.83
C GLY E 146 -8.54 -32.40 39.76
N GLY E 147 -8.86 -31.18 40.17
CA GLY E 147 -9.02 -30.11 39.21
C GLY E 147 -7.62 -29.58 38.97
N PHE E 148 -7.45 -28.62 38.07
CA PHE E 148 -6.12 -28.09 37.84
C PHE E 148 -6.10 -26.70 37.20
N TYR E 149 -5.01 -25.99 37.45
CA TYR E 149 -4.80 -24.65 36.90
C TYR E 149 -3.78 -24.81 35.79
N PHE E 150 -3.98 -24.14 34.65
CA PHE E 150 -3.00 -24.25 33.57
C PHE E 150 -2.63 -22.87 33.06
N THR E 151 -1.45 -22.78 32.45
CA THR E 151 -0.97 -21.51 31.92
C THR E 151 -1.15 -21.42 30.41
N ASP E 152 -1.70 -20.29 29.97
CA ASP E 152 -1.92 -20.03 28.56
C ASP E 152 -0.68 -19.25 28.11
N PHE E 153 0.15 -19.95 27.34
CA PHE E 153 1.42 -19.47 26.80
C PHE E 153 1.22 -18.72 25.49
N ARG E 154 0.67 -17.50 25.56
CA ARG E 154 0.42 -16.71 24.36
C ARG E 154 0.78 -15.24 24.51
N GLY E 155 1.05 -14.60 23.38
CA GLY E 155 1.39 -13.19 23.34
C GLY E 155 2.87 -12.89 23.44
N TYR E 156 3.18 -11.67 23.89
CA TYR E 156 4.55 -11.22 24.09
C TYR E 156 4.53 -10.01 25.01
N SER E 157 5.69 -9.44 25.26
CA SER E 157 5.81 -8.29 26.18
C SER E 157 4.62 -7.35 26.30
N THR E 158 4.32 -6.60 25.25
CA THR E 158 3.22 -5.63 25.27
C THR E 158 1.91 -6.15 24.72
N ASN E 159 1.80 -7.47 24.55
CA ASN E 159 0.59 -8.09 24.02
C ASN E 159 0.26 -9.25 24.94
N PRO E 160 -0.28 -8.96 26.12
CA PRO E 160 -0.66 -9.96 27.14
C PRO E 160 -1.88 -10.80 26.85
N LEU E 161 -1.76 -11.70 25.88
CA LEU E 161 -2.84 -12.58 25.48
C LEU E 161 -2.98 -13.74 26.44
N GLY E 162 -1.92 -14.01 27.19
CA GLY E 162 -1.90 -15.13 28.12
C GLY E 162 -2.70 -14.99 29.40
N GLY E 163 -2.63 -16.03 30.22
CA GLY E 163 -3.36 -16.02 31.47
C GLY E 163 -3.38 -17.38 32.12
N VAL E 164 -4.16 -17.50 33.19
CA VAL E 164 -4.28 -18.73 33.93
C VAL E 164 -5.74 -19.11 34.06
N TYR E 165 -6.03 -20.40 33.86
CA TYR E 165 -7.39 -20.90 33.93
C TYR E 165 -7.50 -22.13 34.81
N TYR E 166 -8.67 -22.33 35.40
CA TYR E 166 -8.91 -23.48 36.26
C TYR E 166 -9.88 -24.45 35.62
N VAL E 167 -9.51 -25.73 35.63
CA VAL E 167 -10.36 -26.77 35.06
C VAL E 167 -10.91 -27.60 36.21
N SER E 168 -12.23 -27.80 36.21
CA SER E 168 -12.88 -28.57 37.26
C SER E 168 -12.41 -30.03 37.26
N PRO E 169 -12.58 -30.72 38.40
CA PRO E 169 -12.18 -32.12 38.51
C PRO E 169 -12.75 -33.02 37.40
N ASP E 170 -13.97 -32.72 36.94
CA ASP E 170 -14.58 -33.53 35.90
C ASP E 170 -14.13 -33.09 34.50
N PHE E 171 -13.29 -32.06 34.45
CA PHE E 171 -12.74 -31.53 33.20
C PHE E 171 -13.78 -30.95 32.25
N ARG E 172 -14.97 -30.64 32.75
CA ARG E 172 -16.02 -30.11 31.89
C ARG E 172 -16.22 -28.60 31.98
N THR E 173 -15.62 -27.97 32.99
CA THR E 173 -15.75 -26.53 33.16
C THR E 173 -14.39 -25.85 33.26
N VAL E 174 -14.23 -24.76 32.52
CA VAL E 174 -12.99 -23.99 32.53
C VAL E 174 -13.33 -22.59 33.02
N THR E 175 -12.58 -22.12 34.01
CA THR E 175 -12.83 -20.79 34.58
C THR E 175 -11.57 -19.93 34.59
N PRO E 176 -11.65 -18.73 34.00
CA PRO E 176 -10.47 -17.86 33.99
C PRO E 176 -10.13 -17.45 35.43
N ILE E 177 -8.84 -17.46 35.77
CA ILE E 177 -8.41 -17.06 37.11
C ILE E 177 -7.81 -15.65 37.02
N ILE E 178 -6.84 -15.48 36.13
CA ILE E 178 -6.22 -14.19 35.93
C ILE E 178 -5.80 -14.10 34.47
N GLN E 179 -6.02 -12.94 33.86
CA GLN E 179 -5.67 -12.76 32.46
C GLN E 179 -4.75 -11.57 32.27
N ASN E 180 -4.50 -11.22 31.01
CA ASN E 180 -3.62 -10.10 30.69
C ASN E 180 -2.20 -10.35 31.19
N ILE E 181 -1.71 -11.55 30.88
CA ILE E 181 -0.35 -11.95 31.25
C ILE E 181 0.42 -12.18 29.95
N SER E 182 1.60 -11.60 29.86
CA SER E 182 2.44 -11.71 28.67
C SER E 182 3.19 -13.03 28.65
N VAL E 183 2.45 -14.08 28.29
CA VAL E 183 2.97 -15.44 28.20
C VAL E 183 3.11 -16.08 29.57
N ALA E 184 2.02 -16.68 30.04
CA ALA E 184 2.02 -17.37 31.34
C ALA E 184 2.82 -18.64 31.09
N ASN E 185 3.73 -18.96 32.00
CA ASN E 185 4.59 -20.12 31.83
C ASN E 185 4.55 -21.07 33.02
N GLY E 186 5.29 -20.73 34.06
CA GLY E 186 5.32 -21.57 35.24
C GLY E 186 4.11 -21.36 36.12
N ILE E 187 3.71 -22.41 36.83
CA ILE E 187 2.57 -22.31 37.73
C ILE E 187 2.76 -23.31 38.87
N ALA E 188 2.34 -22.90 40.07
CA ALA E 188 2.46 -23.77 41.23
C ALA E 188 1.50 -23.36 42.34
N LEU E 189 1.01 -24.34 43.07
CA LEU E 189 0.11 -24.09 44.20
C LEU E 189 0.90 -24.25 45.48
N SER E 190 0.61 -23.41 46.46
CA SER E 190 1.27 -23.50 47.76
C SER E 190 0.75 -24.79 48.40
N THR E 191 1.36 -25.23 49.51
CA THR E 191 0.92 -26.47 50.14
C THR E 191 -0.52 -26.43 50.62
N ASP E 192 -0.99 -25.28 51.08
CA ASP E 192 -2.37 -25.16 51.55
C ASP E 192 -3.29 -24.83 50.38
N GLU E 193 -2.69 -24.71 49.20
CA GLU E 193 -3.42 -24.42 47.96
C GLU E 193 -4.22 -23.12 47.98
N LYS E 194 -3.82 -22.18 48.85
CA LYS E 194 -4.49 -20.89 48.95
C LYS E 194 -3.70 -19.82 48.20
N VAL E 195 -2.51 -20.18 47.73
CA VAL E 195 -1.68 -19.26 46.97
C VAL E 195 -1.30 -19.89 45.64
N LEU E 196 -1.43 -19.12 44.58
CA LEU E 196 -1.08 -19.60 43.25
C LEU E 196 0.09 -18.77 42.72
N TRP E 197 1.17 -19.45 42.33
CA TRP E 197 2.34 -18.77 41.78
C TRP E 197 2.32 -18.91 40.27
N VAL E 198 2.65 -17.83 39.56
CA VAL E 198 2.67 -17.86 38.10
C VAL E 198 3.84 -17.03 37.58
N THR E 199 4.57 -17.56 36.60
CA THR E 199 5.68 -16.81 36.03
C THR E 199 5.26 -16.26 34.67
N GLU E 200 5.69 -15.04 34.38
CA GLU E 200 5.36 -14.34 33.12
C GLU E 200 6.67 -14.13 32.39
N THR E 201 6.94 -14.99 31.43
CA THR E 201 8.19 -14.97 30.68
C THR E 201 8.61 -13.70 29.94
N THR E 202 7.76 -13.19 29.05
CA THR E 202 8.14 -12.03 28.26
C THR E 202 8.06 -10.66 28.93
N ALA E 203 7.73 -10.63 30.21
CA ALA E 203 7.68 -9.36 30.95
C ALA E 203 8.56 -9.47 32.19
N ASN E 204 9.16 -10.64 32.39
CA ASN E 204 10.03 -10.88 33.55
C ASN E 204 9.39 -10.56 34.90
N ARG E 205 8.21 -11.12 35.15
CA ARG E 205 7.54 -10.87 36.43
C ARG E 205 7.07 -12.15 37.10
N LEU E 206 7.06 -12.12 38.43
CA LEU E 206 6.57 -13.25 39.23
C LEU E 206 5.22 -12.81 39.79
N HIS E 207 4.22 -13.67 39.65
CA HIS E 207 2.89 -13.37 40.15
C HIS E 207 2.56 -14.21 41.38
N ARG E 208 1.95 -13.59 42.37
CA ARG E 208 1.55 -14.29 43.59
C ARG E 208 0.06 -13.99 43.73
N ILE E 209 -0.76 -15.02 43.67
CA ILE E 209 -2.21 -14.82 43.74
C ILE E 209 -2.87 -15.52 44.94
N ALA E 210 -3.42 -14.71 45.84
CA ALA E 210 -4.11 -15.24 47.02
C ALA E 210 -5.54 -15.56 46.60
N LEU E 211 -5.92 -16.82 46.75
CA LEU E 211 -7.25 -17.28 46.37
C LEU E 211 -8.20 -17.48 47.55
N GLU E 212 -9.50 -17.32 47.29
CA GLU E 212 -10.53 -17.53 48.29
C GLU E 212 -10.66 -19.04 48.41
N ASP E 213 -11.45 -19.50 49.39
CA ASP E 213 -11.61 -20.94 49.59
C ASP E 213 -12.21 -21.68 48.39
N ASP E 214 -12.93 -20.98 47.53
CA ASP E 214 -13.53 -21.63 46.36
C ASP E 214 -12.48 -21.97 45.32
N GLY E 215 -11.25 -21.50 45.54
CA GLY E 215 -10.16 -21.79 44.62
C GLY E 215 -10.21 -21.09 43.26
N VAL E 216 -11.20 -20.24 43.04
CA VAL E 216 -11.32 -19.56 41.76
C VAL E 216 -11.44 -18.04 41.87
N THR E 217 -11.80 -17.56 43.06
CA THR E 217 -11.95 -16.13 43.28
C THR E 217 -10.69 -15.56 43.93
N ILE E 218 -10.18 -14.46 43.36
CA ILE E 218 -8.99 -13.81 43.89
C ILE E 218 -9.41 -12.97 45.10
N GLN E 219 -8.66 -13.08 46.19
CA GLN E 219 -8.95 -12.28 47.38
C GLN E 219 -8.79 -10.82 47.02
N PRO E 220 -9.46 -9.92 47.76
CA PRO E 220 -9.35 -8.50 47.47
C PRO E 220 -7.88 -8.07 47.38
N PHE E 221 -7.53 -7.43 46.26
CA PHE E 221 -6.16 -6.96 46.04
C PHE E 221 -5.18 -8.12 46.22
N GLY E 222 -5.68 -9.33 45.99
CA GLY E 222 -4.89 -10.54 46.18
C GLY E 222 -3.89 -10.99 45.13
N ALA E 223 -3.93 -10.42 43.93
CA ALA E 223 -2.99 -10.79 42.88
C ALA E 223 -1.95 -9.68 42.86
N THR E 224 -0.70 -10.05 43.16
CA THR E 224 0.37 -9.07 43.22
C THR E 224 1.60 -9.49 42.45
N ILE E 225 2.57 -8.59 42.39
CA ILE E 225 3.85 -8.85 41.72
C ILE E 225 4.94 -8.68 42.77
N PRO E 226 5.27 -9.75 43.50
CA PRO E 226 6.30 -9.67 44.54
C PRO E 226 7.73 -9.55 44.03
N TYR E 227 7.94 -9.91 42.76
CA TYR E 227 9.29 -9.88 42.21
C TYR E 227 9.37 -9.59 40.72
N TYR E 228 10.33 -8.75 40.35
CA TYR E 228 10.59 -8.44 38.95
C TYR E 228 11.88 -9.16 38.61
N PHE E 229 11.80 -10.15 37.74
CA PHE E 229 12.98 -10.89 37.32
C PHE E 229 13.81 -10.00 36.41
N THR E 230 15.00 -10.45 36.07
CA THR E 230 15.86 -9.68 35.19
C THR E 230 16.62 -10.66 34.30
N GLY E 231 17.06 -10.18 33.14
CA GLY E 231 17.82 -11.02 32.24
C GLY E 231 17.02 -11.69 31.14
N HIS E 232 17.68 -11.91 30.01
CA HIS E 232 17.07 -12.58 28.87
C HIS E 232 17.21 -14.08 29.14
N GLU E 233 16.16 -14.87 28.88
CA GLU E 233 14.89 -14.39 28.35
C GLU E 233 13.85 -14.05 29.41
N GLY E 234 13.65 -14.96 30.37
CA GLY E 234 12.68 -14.71 31.41
C GLY E 234 12.41 -15.95 32.24
N PRO E 235 11.52 -15.85 33.25
CA PRO E 235 11.20 -16.99 34.11
C PRO E 235 10.47 -18.10 33.35
N ASP E 236 10.77 -19.34 33.70
CA ASP E 236 10.14 -20.49 33.06
C ASP E 236 9.32 -21.28 34.09
N SER E 237 9.43 -22.60 34.04
CA SER E 237 8.67 -23.48 34.93
C SER E 237 9.10 -23.38 36.39
N CYS E 238 8.20 -23.77 37.28
CA CYS E 238 8.51 -23.75 38.70
C CYS E 238 7.83 -24.87 39.48
N CYS E 239 8.33 -25.09 40.70
CA CYS E 239 7.79 -26.10 41.59
C CYS E 239 8.06 -25.58 43.01
N ILE E 240 7.46 -26.21 44.00
CA ILE E 240 7.69 -25.78 45.39
C ILE E 240 8.29 -26.94 46.16
N ASP E 241 8.65 -26.68 47.42
CA ASP E 241 9.15 -27.73 48.28
C ASP E 241 8.19 -27.76 49.45
N SER E 242 8.37 -28.68 50.39
CA SER E 242 7.46 -28.79 51.53
C SER E 242 7.44 -27.57 52.46
N ASP E 243 8.42 -26.69 52.34
CA ASP E 243 8.47 -25.49 53.17
C ASP E 243 7.84 -24.30 52.44
N ASP E 244 7.18 -24.60 51.33
CA ASP E 244 6.53 -23.59 50.50
C ASP E 244 7.46 -22.62 49.78
N ASN E 245 8.72 -23.03 49.60
CA ASN E 245 9.67 -22.19 48.87
C ASN E 245 9.33 -22.47 47.40
N LEU E 246 9.60 -21.50 46.53
CA LEU E 246 9.31 -21.65 45.10
C LEU E 246 10.61 -21.68 44.30
N TYR E 247 10.75 -22.70 43.45
CA TYR E 247 11.92 -22.87 42.62
C TYR E 247 11.53 -22.51 41.19
N VAL E 248 12.21 -21.52 40.63
CA VAL E 248 11.90 -21.04 39.28
C VAL E 248 13.08 -21.17 38.31
N ALA E 249 12.92 -22.00 37.29
CA ALA E 249 13.96 -22.16 36.29
C ALA E 249 13.92 -20.91 35.43
N MET E 250 15.09 -20.36 35.09
CA MET E 250 15.13 -19.14 34.28
C MET E 250 15.57 -19.47 32.85
N TYR E 251 14.63 -19.38 31.92
CA TYR E 251 14.92 -19.69 30.53
C TYR E 251 15.93 -18.74 29.90
N GLY E 252 16.98 -19.32 29.31
CA GLY E 252 18.03 -18.54 28.67
C GLY E 252 19.04 -17.96 29.63
N GLN E 253 18.88 -18.24 30.92
CA GLN E 253 19.78 -17.70 31.93
C GLN E 253 20.66 -18.75 32.61
N GLY E 254 20.41 -20.02 32.32
CA GLY E 254 21.21 -21.07 32.92
C GLY E 254 21.26 -21.02 34.43
N ARG E 255 20.10 -20.89 35.06
CA ARG E 255 20.03 -20.83 36.52
C ARG E 255 18.60 -21.05 36.98
N VAL E 256 18.47 -21.27 38.29
CA VAL E 256 17.19 -21.46 38.93
C VAL E 256 17.21 -20.54 40.15
N LEU E 257 16.16 -19.74 40.32
CA LEU E 257 16.06 -18.84 41.46
C LEU E 257 15.10 -19.46 42.45
N VAL E 258 15.37 -19.28 43.74
CA VAL E 258 14.50 -19.85 44.77
C VAL E 258 13.96 -18.74 45.65
N PHE E 259 12.65 -18.77 45.92
CA PHE E 259 12.00 -17.76 46.74
C PHE E 259 11.34 -18.42 47.95
N ASN E 260 11.15 -17.67 49.03
CA ASN E 260 10.50 -18.25 50.19
C ASN E 260 8.99 -18.14 50.02
N LYS E 261 8.23 -18.57 51.02
CA LYS E 261 6.78 -18.54 50.91
C LYS E 261 6.16 -17.17 50.69
N ARG E 262 6.88 -16.10 51.03
CA ARG E 262 6.36 -14.75 50.83
C ARG E 262 6.80 -14.15 49.50
N GLY E 263 7.56 -14.92 48.73
CA GLY E 263 8.00 -14.43 47.43
C GLY E 263 9.30 -13.65 47.40
N TYR E 264 10.11 -13.77 48.44
CA TYR E 264 11.41 -13.10 48.50
C TYR E 264 12.49 -14.09 48.08
N PRO E 265 13.50 -13.63 47.31
CA PRO E 265 14.56 -14.52 46.87
C PRO E 265 15.45 -14.99 48.03
N ILE E 266 15.71 -16.30 48.09
CA ILE E 266 16.55 -16.86 49.15
C ILE E 266 17.59 -17.84 48.64
N GLY E 267 17.55 -18.17 47.36
CA GLY E 267 18.51 -19.12 46.82
C GLY E 267 18.75 -18.94 45.34
N GLN E 268 19.87 -19.47 44.85
CA GLN E 268 20.22 -19.36 43.45
C GLN E 268 21.06 -20.57 43.06
N ILE E 269 20.66 -21.25 41.99
CA ILE E 269 21.34 -22.44 41.51
C ILE E 269 21.84 -22.18 40.09
N LEU E 270 23.16 -22.28 39.89
CA LEU E 270 23.75 -22.03 38.58
C LEU E 270 24.00 -23.30 37.79
N ILE E 271 23.83 -23.20 36.47
CA ILE E 271 24.08 -24.34 35.59
C ILE E 271 25.48 -24.14 35.02
N PRO E 272 26.33 -25.18 35.12
CA PRO E 272 27.71 -25.10 34.62
C PRO E 272 27.79 -24.66 33.15
N GLY E 273 28.72 -23.76 32.86
CA GLY E 273 28.90 -23.29 31.50
C GLY E 273 28.12 -22.06 31.08
N ARG E 274 27.21 -21.59 31.92
CA ARG E 274 26.39 -20.43 31.59
C ARG E 274 27.19 -19.19 31.18
N ASP E 275 28.30 -18.94 31.87
CA ASP E 275 29.13 -17.76 31.57
C ASP E 275 29.66 -17.78 30.13
N GLU E 276 29.83 -18.98 29.58
CA GLU E 276 30.32 -19.13 28.21
C GLU E 276 29.18 -19.31 27.21
N GLY E 277 27.94 -19.16 27.69
CA GLY E 277 26.79 -19.30 26.81
C GLY E 277 26.27 -20.72 26.64
N HIS E 278 26.78 -21.65 27.43
CA HIS E 278 26.35 -23.04 27.35
C HIS E 278 25.23 -23.36 28.32
N MET E 279 24.38 -24.32 27.95
CA MET E 279 23.28 -24.78 28.80
C MET E 279 22.41 -23.68 29.40
N LEU E 280 22.13 -22.65 28.61
CA LEU E 280 21.32 -21.54 29.10
C LEU E 280 19.83 -21.85 29.15
N ARG E 281 19.41 -22.87 28.41
CA ARG E 281 17.99 -23.23 28.38
C ARG E 281 17.54 -24.10 29.53
N SER E 282 17.66 -23.56 30.74
CA SER E 282 17.24 -24.24 31.96
C SER E 282 15.74 -23.99 32.04
N THR E 283 14.96 -25.04 31.89
CA THR E 283 13.50 -24.92 31.85
C THR E 283 12.63 -25.47 32.97
N HIS E 284 13.09 -26.47 33.72
CA HIS E 284 12.22 -27.05 34.73
C HIS E 284 12.93 -27.66 35.93
N PRO E 285 12.39 -27.44 37.14
CA PRO E 285 12.96 -27.98 38.39
C PRO E 285 11.94 -28.98 38.97
N GLN E 286 12.42 -30.03 39.62
CA GLN E 286 11.51 -31.01 40.21
C GLN E 286 12.26 -31.87 41.21
N PHE E 287 11.62 -32.18 42.33
CA PHE E 287 12.21 -32.99 43.39
C PHE E 287 11.99 -34.48 43.26
N ILE E 288 13.00 -35.27 43.64
CA ILE E 288 12.85 -36.72 43.65
C ILE E 288 11.95 -36.92 44.88
N PRO E 289 10.81 -37.60 44.70
CA PRO E 289 9.86 -37.85 45.79
C PRO E 289 10.49 -38.33 47.10
N GLY E 290 10.04 -37.74 48.21
CA GLY E 290 10.54 -38.12 49.51
C GLY E 290 11.94 -37.64 49.85
N THR E 291 12.51 -36.77 49.01
CA THR E 291 13.85 -36.25 49.25
C THR E 291 13.92 -34.76 48.97
N ASN E 292 15.05 -34.16 49.31
CA ASN E 292 15.26 -32.74 49.06
C ASN E 292 16.19 -32.62 47.84
N GLN E 293 16.35 -33.71 47.09
CA GLN E 293 17.21 -33.67 45.92
C GLN E 293 16.43 -33.13 44.73
N LEU E 294 16.89 -32.00 44.20
CA LEU E 294 16.25 -31.35 43.07
C LEU E 294 16.91 -31.71 41.75
N ILE E 295 16.10 -31.92 40.72
CA ILE E 295 16.59 -32.22 39.39
C ILE E 295 16.23 -31.01 38.52
N ILE E 296 17.16 -30.61 37.64
CA ILE E 296 16.94 -29.47 36.76
C ILE E 296 17.35 -29.84 35.35
N CYS E 297 16.47 -29.62 34.38
CA CYS E 297 16.82 -29.94 33.01
C CYS E 297 17.20 -28.70 32.21
N SER E 298 18.20 -28.85 31.36
CA SER E 298 18.66 -27.76 30.51
C SER E 298 19.22 -28.39 29.23
N ASN E 299 19.49 -27.57 28.22
CA ASN E 299 20.03 -28.09 26.97
C ASN E 299 20.96 -27.06 26.35
N ASP E 300 21.85 -27.51 25.48
CA ASP E 300 22.82 -26.63 24.85
C ASP E 300 22.59 -26.47 23.35
N ILE E 301 21.33 -26.48 22.93
CA ILE E 301 20.98 -26.33 21.52
C ILE E 301 21.64 -25.09 20.90
N GLU E 302 21.66 -23.99 21.64
CA GLU E 302 22.25 -22.75 21.16
C GLU E 302 23.72 -22.86 20.80
N MET E 303 24.43 -23.80 21.41
CA MET E 303 25.85 -23.98 21.15
C MET E 303 26.12 -25.31 20.46
N GLY E 304 25.06 -25.99 20.03
CA GLY E 304 25.21 -27.26 19.34
C GLY E 304 25.58 -28.40 20.29
N GLY E 305 25.22 -28.24 21.57
CA GLY E 305 25.54 -29.26 22.55
C GLY E 305 24.40 -30.24 22.82
N GLY E 306 24.53 -30.99 23.91
CA GLY E 306 23.53 -31.98 24.25
C GLY E 306 22.43 -31.53 25.20
N SER E 307 21.77 -32.52 25.80
CA SER E 307 20.66 -32.27 26.74
C SER E 307 21.03 -32.95 28.05
N MET E 308 21.05 -32.16 29.13
CA MET E 308 21.47 -32.67 30.42
C MET E 308 20.56 -32.37 31.61
N LEU E 309 20.56 -33.29 32.58
CA LEU E 309 19.81 -33.13 33.81
C LEU E 309 20.84 -32.84 34.89
N TYR E 310 20.60 -31.80 35.68
CA TYR E 310 21.51 -31.41 36.74
C TYR E 310 20.84 -31.61 38.10
N THR E 311 21.64 -31.53 39.18
CA THR E 311 21.06 -31.73 40.49
C THR E 311 21.77 -31.01 41.63
N VAL E 312 20.99 -30.74 42.68
CA VAL E 312 21.46 -30.08 43.90
C VAL E 312 20.43 -30.47 44.97
N ASN E 313 20.70 -30.14 46.22
CA ASN E 313 19.75 -30.43 47.29
C ASN E 313 19.09 -29.09 47.64
N GLY E 314 17.77 -29.07 47.68
CA GLY E 314 17.05 -27.85 48.00
C GLY E 314 16.92 -27.61 49.50
N PHE E 315 16.17 -26.58 49.88
CA PHE E 315 15.99 -26.23 51.29
C PHE E 315 15.21 -27.26 52.09
N ALA E 316 14.29 -27.96 51.44
CA ALA E 316 13.48 -28.96 52.13
C ALA E 316 13.05 -30.05 51.15
N LYS E 317 12.40 -31.09 51.67
CA LYS E 317 11.94 -32.18 50.83
C LYS E 317 10.85 -31.70 49.88
N GLY E 318 10.70 -32.39 48.76
CA GLY E 318 9.69 -32.01 47.80
C GLY E 318 8.30 -32.14 48.39
N HIS E 319 7.35 -31.43 47.80
CA HIS E 319 5.96 -31.47 48.26
C HIS E 319 5.27 -32.67 47.65
N GLN E 320 4.44 -33.37 48.42
CA GLN E 320 3.73 -34.52 47.88
C GLN E 320 2.55 -34.00 47.07
N SER E 321 2.78 -33.77 45.79
CA SER E 321 1.74 -33.29 44.90
C SER E 321 0.67 -34.34 44.65
N PHE E 322 -0.31 -33.99 43.82
CA PHE E 322 -1.46 -34.85 43.51
C PHE E 322 -1.20 -36.31 43.10
N GLN E 323 -0.15 -36.58 42.33
CA GLN E 323 0.12 -37.95 41.90
C GLN E 323 0.47 -38.91 43.04
N PHE E 324 0.80 -38.35 44.20
CA PHE E 324 1.18 -39.15 45.36
C PHE E 324 0.02 -39.31 46.35
N GLN E 325 -1.09 -38.63 46.09
CA GLN E 325 -2.26 -38.69 46.95
C GLN E 325 -2.82 -40.10 47.04
N LEU E 326 -3.38 -40.45 48.20
CA LEU E 326 -3.96 -41.77 48.44
C LEU E 326 -5.40 -41.89 47.96
N GLN F 6 45.01 4.79 23.94
CA GLN F 6 44.23 5.99 24.34
C GLN F 6 44.21 6.15 25.85
N ASP F 7 44.38 7.38 26.32
CA ASP F 7 44.40 7.67 27.75
C ASP F 7 43.00 7.86 28.31
N LEU F 8 42.00 7.79 27.44
CA LEU F 8 40.61 7.97 27.88
C LEU F 8 40.13 6.80 28.72
N PRO F 9 39.18 7.05 29.63
CA PRO F 9 38.64 5.98 30.48
C PRO F 9 38.13 4.92 29.51
N THR F 10 38.41 3.66 29.79
CA THR F 10 38.02 2.59 28.89
C THR F 10 37.29 1.43 29.55
N LEU F 11 36.38 0.81 28.80
CA LEU F 11 35.63 -0.35 29.29
C LEU F 11 36.30 -1.61 28.72
N PHE F 12 36.64 -2.56 29.59
CA PHE F 12 37.29 -3.80 29.17
C PHE F 12 36.42 -5.01 29.49
N TYR F 13 36.70 -6.12 28.81
CA TYR F 13 35.96 -7.36 29.06
C TYR F 13 36.56 -8.07 30.27
N SER F 14 36.46 -7.42 31.43
CA SER F 14 36.98 -7.97 32.68
C SER F 14 35.86 -8.36 33.62
N GLY F 15 36.14 -9.27 34.55
CA GLY F 15 35.13 -9.69 35.50
C GLY F 15 33.82 -10.13 34.85
N LYS F 16 32.71 -9.74 35.46
CA LYS F 16 31.39 -10.11 34.95
C LYS F 16 31.01 -9.41 33.66
N SER F 17 31.85 -8.48 33.19
CA SER F 17 31.56 -7.79 31.93
C SER F 17 31.86 -8.74 30.79
N ASN F 18 32.56 -9.83 31.09
CA ASN F 18 32.92 -10.80 30.08
C ASN F 18 32.02 -12.04 30.11
N SER F 19 30.97 -11.99 30.94
CA SER F 19 30.04 -13.10 31.05
C SER F 19 28.88 -12.96 30.07
N ALA F 20 28.37 -14.10 29.59
CA ALA F 20 27.25 -14.08 28.66
C ALA F 20 25.98 -13.65 29.37
N VAL F 21 25.84 -14.08 30.62
CA VAL F 21 24.64 -13.79 31.40
C VAL F 21 24.99 -13.41 32.85
N PRO F 22 25.71 -12.30 33.04
CA PRO F 22 26.12 -11.85 34.37
C PRO F 22 25.00 -11.49 35.33
N ILE F 23 25.14 -11.97 36.57
CA ILE F 23 24.18 -11.70 37.64
C ILE F 23 24.85 -10.59 38.42
N ILE F 24 24.39 -9.36 38.22
CA ILE F 24 25.03 -8.21 38.85
C ILE F 24 24.07 -7.03 39.02
N SER F 25 24.38 -6.17 39.99
CA SER F 25 23.58 -4.97 40.27
C SER F 25 24.29 -3.76 39.69
N GLU F 26 23.55 -2.69 39.43
CA GLU F 26 24.16 -1.50 38.84
C GLU F 26 25.34 -0.91 39.61
N SER F 27 25.27 -0.91 40.93
CA SER F 27 26.35 -0.36 41.74
C SER F 27 27.65 -1.15 41.60
N GLU F 28 27.55 -2.40 41.17
CA GLU F 28 28.72 -3.27 41.00
C GLU F 28 29.26 -3.32 39.58
N LEU F 29 28.54 -2.74 38.62
CA LEU F 29 28.98 -2.74 37.24
C LEU F 29 30.34 -2.09 37.04
N GLN F 30 31.09 -2.59 36.07
CA GLN F 30 32.38 -1.99 35.75
C GLN F 30 32.00 -0.55 35.39
N THR F 31 32.53 0.42 36.13
CA THR F 31 32.18 1.81 35.93
C THR F 31 33.35 2.76 35.67
N ILE F 32 33.14 3.72 34.78
CA ILE F 32 34.13 4.73 34.45
C ILE F 32 33.42 6.07 34.33
N THR F 33 34.18 7.16 34.44
CA THR F 33 33.62 8.50 34.33
C THR F 33 34.11 9.12 33.04
N ALA F 34 33.17 9.67 32.26
CA ALA F 34 33.52 10.29 30.99
C ALA F 34 34.33 11.56 31.13
N GLU F 35 35.11 11.87 30.10
CA GLU F 35 35.95 13.06 30.07
C GLU F 35 35.31 14.09 29.15
N PRO F 36 35.39 15.38 29.52
CA PRO F 36 34.79 16.40 28.64
C PRO F 36 35.55 16.33 27.31
N TRP F 37 34.82 16.44 26.20
CA TRP F 37 35.44 16.36 24.89
C TRP F 37 35.30 17.65 24.11
N LEU F 38 34.10 18.22 24.13
CA LEU F 38 33.85 19.47 23.41
C LEU F 38 32.59 20.17 23.89
N GLU F 39 32.76 21.42 24.32
CA GLU F 39 31.62 22.21 24.78
C GLU F 39 30.95 22.84 23.56
N ILE F 40 29.68 22.52 23.37
CA ILE F 40 28.93 23.05 22.23
C ILE F 40 28.50 24.48 22.49
N SER F 41 28.17 24.77 23.75
CA SER F 41 27.72 26.11 24.11
C SER F 41 27.70 26.33 25.61
N LYS F 42 27.85 27.59 26.01
CA LYS F 42 27.80 27.95 27.42
C LYS F 42 26.32 28.05 27.79
N LYS F 43 25.49 28.17 26.77
CA LYS F 43 24.06 28.26 26.95
C LYS F 43 23.52 26.83 27.06
N GLY F 44 22.41 26.67 27.75
CA GLY F 44 21.82 25.34 27.90
C GLY F 44 21.00 24.95 26.70
N LEU F 45 21.46 23.94 25.97
CA LEU F 45 20.75 23.44 24.79
C LEU F 45 20.47 21.95 24.99
N GLN F 46 19.26 21.53 24.61
CA GLN F 46 18.87 20.14 24.75
C GLN F 46 19.52 19.31 23.63
N LEU F 47 20.83 19.07 23.75
CA LEU F 47 21.56 18.31 22.74
C LEU F 47 20.98 16.90 22.54
N GLU F 48 20.96 16.47 21.28
CA GLU F 48 20.43 15.16 20.91
C GLU F 48 20.85 14.79 19.48
N GLY F 49 20.47 13.59 19.06
CA GLY F 49 20.72 13.11 17.72
C GLY F 49 22.11 13.03 17.12
N LEU F 50 23.07 12.48 17.86
CA LEU F 50 24.43 12.35 17.37
C LEU F 50 24.47 11.39 16.17
N ASN F 51 25.20 11.77 15.13
CA ASN F 51 25.32 10.92 13.94
C ASN F 51 26.48 11.40 13.07
N PHE F 52 27.38 10.48 12.72
CA PHE F 52 28.54 10.82 11.90
C PHE F 52 28.29 10.55 10.42
N ASP F 53 28.75 11.45 9.56
CA ASP F 53 28.57 11.26 8.13
C ASP F 53 29.68 10.37 7.59
N ARG F 54 29.61 10.04 6.30
CA ARG F 54 30.59 9.17 5.66
C ARG F 54 32.03 9.65 5.82
N GLN F 55 32.21 10.96 5.99
CA GLN F 55 33.55 11.52 6.15
C GLN F 55 33.96 11.67 7.61
N GLY F 56 33.23 10.99 8.50
CA GLY F 56 33.56 11.04 9.92
C GLY F 56 33.25 12.34 10.63
N GLN F 57 32.51 13.24 9.99
CA GLN F 57 32.15 14.50 10.64
C GLN F 57 30.92 14.26 11.50
N LEU F 58 30.88 14.92 12.66
CA LEU F 58 29.77 14.73 13.58
C LEU F 58 28.63 15.73 13.47
N PHE F 59 27.41 15.20 13.34
CA PHE F 59 26.21 16.02 13.26
C PHE F 59 25.39 15.77 14.53
N LEU F 60 24.71 16.81 14.99
CA LEU F 60 23.83 16.70 16.15
C LEU F 60 22.92 17.92 16.13
N LEU F 61 21.99 17.99 17.08
CA LEU F 61 21.06 19.11 17.13
C LEU F 61 20.64 19.38 18.56
N ASP F 62 19.81 20.39 18.75
CA ASP F 62 19.26 20.69 20.07
C ASP F 62 17.76 20.74 19.83
N VAL F 63 17.02 20.09 20.71
CA VAL F 63 15.57 19.99 20.58
C VAL F 63 14.73 21.26 20.58
N PHE F 64 14.94 22.11 21.58
CA PHE F 64 14.13 23.33 21.71
C PHE F 64 14.40 24.49 20.77
N GLU F 65 15.62 24.61 20.25
CA GLU F 65 15.93 25.69 19.31
C GLU F 65 15.99 25.15 17.90
N GLY F 66 16.22 23.84 17.77
CA GLY F 66 16.26 23.21 16.46
C GLY F 66 17.53 23.41 15.65
N ASN F 67 18.61 23.86 16.29
CA ASN F 67 19.86 24.05 15.58
C ASN F 67 20.47 22.74 15.14
N ILE F 68 21.04 22.73 13.94
CA ILE F 68 21.71 21.54 13.42
C ILE F 68 23.20 21.90 13.48
N PHE F 69 23.99 21.06 14.15
CA PHE F 69 25.42 21.31 14.28
C PHE F 69 26.26 20.30 13.53
N LYS F 70 27.41 20.75 13.03
CA LYS F 70 28.35 19.88 12.32
C LYS F 70 29.71 20.12 12.96
N ILE F 71 30.27 19.08 13.55
CA ILE F 71 31.56 19.17 14.23
C ILE F 71 32.66 18.36 13.55
N ASN F 72 33.86 18.95 13.52
CA ASN F 72 35.02 18.28 12.96
C ASN F 72 35.72 17.65 14.17
N PRO F 73 35.68 16.31 14.27
CA PRO F 73 36.30 15.59 15.40
C PRO F 73 37.78 15.89 15.61
N GLU F 74 38.52 16.15 14.53
CA GLU F 74 39.95 16.43 14.63
C GLU F 74 40.25 17.84 15.14
N THR F 75 39.67 18.84 14.48
CA THR F 75 39.91 20.24 14.83
C THR F 75 38.97 20.79 15.90
N LYS F 76 37.88 20.07 16.15
CA LYS F 76 36.89 20.48 17.14
C LYS F 76 36.12 21.72 16.67
N GLU F 77 36.20 21.99 15.36
CA GLU F 77 35.49 23.13 14.79
C GLU F 77 33.99 22.87 14.82
N ILE F 78 33.23 23.86 15.27
CA ILE F 78 31.78 23.74 15.36
C ILE F 78 31.07 24.64 14.33
N LYS F 79 30.19 24.05 13.55
CA LYS F 79 29.43 24.81 12.55
C LYS F 79 27.94 24.54 12.75
N ARG F 80 27.12 25.52 12.36
CA ARG F 80 25.67 25.41 12.48
C ARG F 80 25.12 25.64 11.07
N PRO F 81 25.13 24.62 10.21
CA PRO F 81 24.65 24.67 8.83
C PRO F 81 23.23 25.20 8.64
N PHE F 82 22.28 24.68 9.41
CA PHE F 82 20.91 25.15 9.29
C PHE F 82 20.08 24.92 10.55
N VAL F 83 18.84 25.39 10.52
CA VAL F 83 17.93 25.25 11.65
C VAL F 83 16.69 24.50 11.18
N SER F 84 16.20 23.59 12.01
CA SER F 84 15.02 22.81 11.65
C SER F 84 13.80 23.70 11.46
N HIS F 85 13.03 23.43 10.42
CA HIS F 85 11.81 24.18 10.14
C HIS F 85 10.63 23.50 10.84
N LYS F 86 10.91 22.35 11.44
CA LYS F 86 9.89 21.60 12.16
C LYS F 86 10.23 21.66 13.65
N ALA F 87 9.22 21.79 14.49
CA ALA F 87 9.44 21.91 15.92
C ALA F 87 9.91 20.66 16.65
N ASN F 88 10.81 20.90 17.61
CA ASN F 88 11.35 19.86 18.47
C ASN F 88 11.98 18.62 17.82
N PRO F 89 12.99 18.82 16.96
CA PRO F 89 13.64 17.68 16.31
C PRO F 89 14.43 16.97 17.41
N ALA F 90 14.57 15.65 17.31
CA ALA F 90 15.27 14.91 18.36
C ALA F 90 16.33 13.92 17.89
N ALA F 91 16.40 13.68 16.60
CA ALA F 91 17.40 12.75 16.09
C ALA F 91 17.76 12.98 14.63
N ILE F 92 19.02 12.69 14.32
CA ILE F 92 19.55 12.81 12.96
C ILE F 92 20.12 11.45 12.57
N LYS F 93 19.62 10.88 11.50
CA LYS F 93 20.13 9.62 10.98
C LYS F 93 20.48 9.89 9.53
N ILE F 94 21.72 9.61 9.17
CA ILE F 94 22.19 9.87 7.82
C ILE F 94 22.02 8.67 6.90
N HIS F 95 21.47 8.94 5.71
CA HIS F 95 21.22 7.94 4.70
C HIS F 95 22.50 7.61 3.93
N LYS F 96 22.52 6.42 3.35
CA LYS F 96 23.67 5.97 2.56
C LYS F 96 23.98 6.99 1.46
N ASP F 97 22.95 7.70 0.99
CA ASP F 97 23.13 8.68 -0.07
C ASP F 97 23.50 10.08 0.42
N GLY F 98 23.80 10.20 1.71
CA GLY F 98 24.21 11.49 2.26
C GLY F 98 23.16 12.38 2.88
N ARG F 99 21.89 12.10 2.62
CA ARG F 99 20.82 12.92 3.18
C ARG F 99 20.71 12.76 4.68
N LEU F 100 20.27 13.82 5.34
CA LEU F 100 20.06 13.81 6.78
C LEU F 100 18.57 13.61 7.03
N PHE F 101 18.22 12.54 7.74
CA PHE F 101 16.83 12.30 8.07
C PHE F 101 16.67 12.80 9.50
N VAL F 102 15.76 13.76 9.67
CA VAL F 102 15.54 14.36 10.98
C VAL F 102 14.18 14.00 11.58
N CYS F 103 14.21 13.37 12.75
CA CYS F 103 12.98 13.00 13.44
C CYS F 103 12.57 14.17 14.33
N TYR F 104 11.28 14.48 14.36
CA TYR F 104 10.83 15.57 15.22
C TYR F 104 9.53 15.24 15.95
N LEU F 105 9.40 15.82 17.13
CA LEU F 105 8.25 15.59 18.01
C LEU F 105 7.09 16.54 17.83
N GLY F 106 7.30 17.65 17.12
CA GLY F 106 6.23 18.60 16.93
C GLY F 106 5.68 19.13 18.23
N ASP F 107 4.37 19.06 18.41
CA ASP F 107 3.72 19.55 19.63
C ASP F 107 3.65 18.52 20.76
N PHE F 108 4.37 17.42 20.62
CA PHE F 108 4.40 16.37 21.64
C PHE F 108 3.09 15.59 21.76
N LYS F 109 2.11 15.93 20.94
CA LYS F 109 0.82 15.24 20.98
C LYS F 109 0.55 14.47 19.69
N SER F 110 0.81 15.09 18.54
CA SER F 110 0.58 14.38 17.27
C SER F 110 1.22 15.00 16.04
N THR F 111 1.78 16.21 16.16
CA THR F 111 2.37 16.85 14.99
C THR F 111 3.85 16.58 14.70
N GLY F 112 4.32 15.41 15.10
CA GLY F 112 5.71 15.06 14.83
C GLY F 112 5.80 14.35 13.48
N GLY F 113 7.01 14.00 13.07
CA GLY F 113 7.21 13.32 11.80
C GLY F 113 8.68 13.18 11.45
N ILE F 114 8.97 13.00 10.17
CA ILE F 114 10.36 12.87 9.72
C ILE F 114 10.58 13.57 8.38
N PHE F 115 11.55 14.47 8.33
CA PHE F 115 11.86 15.14 7.08
C PHE F 115 13.30 14.82 6.72
N ALA F 116 13.64 15.00 5.45
CA ALA F 116 15.00 14.75 4.99
C ALA F 116 15.51 16.02 4.34
N ALA F 117 16.83 16.19 4.36
CA ALA F 117 17.44 17.38 3.76
C ALA F 117 18.92 17.14 3.53
N THR F 118 19.55 18.03 2.78
CA THR F 118 20.99 17.93 2.53
C THR F 118 21.59 18.47 3.81
N GLU F 119 22.90 18.29 3.99
CA GLU F 119 23.55 18.77 5.21
C GLU F 119 23.49 20.28 5.36
N ASN F 120 23.04 20.98 4.31
CA ASN F 120 22.92 22.44 4.37
C ASN F 120 21.48 22.88 4.54
N GLY F 121 20.58 21.92 4.72
CA GLY F 121 19.17 22.26 4.90
C GLY F 121 18.41 22.53 3.63
N ASP F 122 18.97 22.08 2.50
CA ASP F 122 18.30 22.29 1.22
C ASP F 122 17.55 21.01 0.83
N ASN F 123 16.72 21.11 -0.20
CA ASN F 123 15.94 19.99 -0.68
C ASN F 123 15.12 19.34 0.44
N LEU F 124 14.39 20.15 1.19
CA LEU F 124 13.58 19.64 2.28
C LEU F 124 12.51 18.70 1.73
N GLN F 125 12.41 17.51 2.33
CA GLN F 125 11.45 16.51 1.89
C GLN F 125 10.72 15.91 3.09
N ASP F 126 9.41 15.72 2.96
CA ASP F 126 8.66 15.10 4.04
C ASP F 126 8.70 13.59 3.80
N ILE F 127 9.32 12.86 4.71
CA ILE F 127 9.40 11.39 4.60
C ILE F 127 8.13 10.89 5.28
N ILE F 128 7.89 11.38 6.48
CA ILE F 128 6.69 11.06 7.24
C ILE F 128 6.07 12.43 7.54
N GLU F 129 4.90 12.70 6.97
CA GLU F 129 4.22 13.97 7.17
C GLU F 129 3.85 14.19 8.63
N ASP F 130 3.72 15.45 9.02
CA ASP F 130 3.41 15.78 10.41
C ASP F 130 1.93 15.90 10.79
N LEU F 131 1.18 16.73 10.06
CA LEU F 131 -0.23 16.93 10.38
C LEU F 131 -1.15 15.79 9.99
N SER F 132 -0.78 15.03 8.96
CA SER F 132 -1.59 13.92 8.50
C SER F 132 -1.34 12.62 9.25
N THR F 133 -0.38 12.63 10.18
CA THR F 133 -0.07 11.44 10.95
C THR F 133 -0.19 11.71 12.45
N ALA F 134 -0.40 10.66 13.24
CA ALA F 134 -0.54 10.82 14.67
C ALA F 134 0.81 10.73 15.40
N TYR F 135 1.85 10.36 14.66
CA TYR F 135 3.18 10.20 15.25
C TYR F 135 3.92 11.44 15.73
N CYS F 136 4.75 11.24 16.75
CA CYS F 136 5.66 12.24 17.30
C CYS F 136 6.89 11.33 17.32
N ILE F 137 7.76 11.49 16.33
CA ILE F 137 8.92 10.64 16.18
C ILE F 137 10.20 11.14 16.84
N ASP F 138 10.75 10.32 17.72
CA ASP F 138 11.96 10.67 18.46
C ASP F 138 13.27 10.17 17.87
N ASP F 139 13.25 8.97 17.28
CA ASP F 139 14.47 8.41 16.72
C ASP F 139 14.16 7.37 15.65
N MET F 140 15.20 6.89 15.00
CA MET F 140 15.05 5.90 13.93
C MET F 140 16.36 5.16 13.70
N VAL F 141 16.29 4.09 12.92
CA VAL F 141 17.48 3.32 12.58
C VAL F 141 17.24 2.65 11.24
N PHE F 142 18.16 2.87 10.30
CA PHE F 142 18.09 2.31 8.96
C PHE F 142 18.54 0.85 8.92
N ASP F 143 17.87 0.03 8.11
CA ASP F 143 18.33 -1.35 7.96
C ASP F 143 19.24 -1.30 6.73
N SER F 144 19.92 -2.40 6.41
CA SER F 144 20.83 -2.40 5.27
C SER F 144 20.14 -2.19 3.93
N LYS F 145 18.82 -2.24 3.92
CA LYS F 145 18.07 -2.07 2.68
C LYS F 145 17.59 -0.63 2.46
N GLY F 146 17.80 0.23 3.46
CA GLY F 146 17.38 1.59 3.32
C GLY F 146 16.02 1.86 3.95
N GLY F 147 15.39 0.82 4.48
CA GLY F 147 14.13 0.99 5.14
C GLY F 147 14.51 1.39 6.55
N PHE F 148 13.55 1.72 7.41
CA PHE F 148 13.93 2.08 8.77
C PHE F 148 12.83 1.91 9.80
N TYR F 149 13.24 1.75 11.05
CA TYR F 149 12.31 1.60 12.15
C TYR F 149 12.38 2.90 12.92
N PHE F 150 11.24 3.41 13.37
CA PHE F 150 11.25 4.66 14.13
C PHE F 150 10.43 4.50 15.40
N THR F 151 10.74 5.34 16.39
CA THR F 151 10.04 5.30 17.66
C THR F 151 8.99 6.39 17.74
N ASP F 152 7.78 5.99 18.13
CA ASP F 152 6.67 6.92 18.30
C ASP F 152 6.71 7.30 19.77
N PHE F 153 7.15 8.54 20.01
CA PHE F 153 7.35 9.16 21.31
C PHE F 153 6.04 9.77 21.85
N ARG F 154 5.11 8.93 22.28
CA ARG F 154 3.84 9.44 22.79
C ARG F 154 3.34 8.70 24.02
N GLY F 155 2.49 9.38 24.80
CA GLY F 155 1.92 8.80 26.01
C GLY F 155 2.72 9.09 27.27
N TYR F 156 2.53 8.23 28.26
CA TYR F 156 3.22 8.32 29.55
C TYR F 156 3.08 6.98 30.26
N SER F 157 3.63 6.88 31.47
CA SER F 157 3.62 5.63 32.22
C SER F 157 2.46 4.66 31.97
N THR F 158 1.26 5.05 32.36
CA THR F 158 0.09 4.19 32.21
C THR F 158 -0.76 4.44 30.97
N ASN F 159 -0.23 5.23 30.04
CA ASN F 159 -0.94 5.57 28.79
C ASN F 159 0.04 5.26 27.65
N PRO F 160 0.23 3.96 27.34
CA PRO F 160 1.14 3.49 26.30
C PRO F 160 0.72 3.76 24.85
N LEU F 161 0.67 5.04 24.48
CA LEU F 161 0.28 5.41 23.12
C LEU F 161 1.41 5.17 22.11
N GLY F 162 2.63 5.08 22.61
CA GLY F 162 3.79 4.89 21.75
C GLY F 162 3.97 3.52 21.12
N GLY F 163 5.04 3.39 20.34
CA GLY F 163 5.32 2.14 19.68
C GLY F 163 6.46 2.28 18.68
N VAL F 164 6.67 1.24 17.89
CA VAL F 164 7.71 1.23 16.88
C VAL F 164 7.13 0.82 15.54
N TYR F 165 7.51 1.54 14.50
CA TYR F 165 7.00 1.28 13.16
C TYR F 165 8.13 1.13 12.15
N TYR F 166 7.88 0.36 11.10
CA TYR F 166 8.87 0.14 10.05
C TYR F 166 8.43 0.83 8.76
N VAL F 167 9.36 1.52 8.12
CA VAL F 167 9.06 2.21 6.87
C VAL F 167 9.86 1.55 5.74
N SER F 168 9.17 1.18 4.67
CA SER F 168 9.83 0.54 3.54
C SER F 168 10.89 1.46 2.93
N PRO F 169 11.87 0.88 2.22
CA PRO F 169 12.96 1.62 1.58
C PRO F 169 12.52 2.75 0.66
N ASP F 170 11.36 2.58 0.02
CA ASP F 170 10.82 3.61 -0.89
C ASP F 170 9.98 4.62 -0.11
N PHE F 171 9.83 4.38 1.18
CA PHE F 171 9.08 5.25 2.09
C PHE F 171 7.58 5.33 1.79
N ARG F 172 7.06 4.37 1.04
CA ARG F 172 5.63 4.38 0.72
C ARG F 172 4.78 3.64 1.73
N THR F 173 5.38 2.72 2.46
CA THR F 173 4.62 1.92 3.42
C THR F 173 5.13 1.94 4.85
N VAL F 174 4.20 2.04 5.80
CA VAL F 174 4.52 2.03 7.22
C VAL F 174 3.82 0.83 7.83
N THR F 175 4.58 0.03 8.58
CA THR F 175 4.03 -1.17 9.21
C THR F 175 4.31 -1.19 10.70
N PRO F 176 3.27 -1.31 11.53
CA PRO F 176 3.50 -1.35 12.98
C PRO F 176 4.32 -2.59 13.33
N ILE F 177 5.30 -2.42 14.22
CA ILE F 177 6.14 -3.55 14.65
C ILE F 177 5.70 -3.98 16.03
N ILE F 178 5.63 -3.02 16.95
CA ILE F 178 5.18 -3.30 18.31
C ILE F 178 4.57 -2.03 18.87
N GLN F 179 3.43 -2.18 19.55
CA GLN F 179 2.74 -1.03 20.10
C GLN F 179 2.53 -1.14 21.61
N ASN F 180 1.75 -0.23 22.16
CA ASN F 180 1.48 -0.21 23.60
C ASN F 180 2.77 -0.02 24.40
N ILE F 181 3.54 0.98 23.99
CA ILE F 181 4.78 1.30 24.67
C ILE F 181 4.62 2.70 25.24
N SER F 182 5.00 2.88 26.49
CA SER F 182 4.89 4.17 27.16
C SER F 182 6.06 5.09 26.80
N VAL F 183 5.95 5.71 25.63
CA VAL F 183 6.94 6.62 25.08
C VAL F 183 8.17 5.87 24.57
N ALA F 184 8.10 5.41 23.33
CA ALA F 184 9.23 4.71 22.72
C ALA F 184 10.25 5.81 22.46
N ASN F 185 11.51 5.53 22.78
CA ASN F 185 12.56 6.53 22.65
C ASN F 185 13.75 6.04 21.83
N GLY F 186 14.62 5.27 22.47
CA GLY F 186 15.79 4.75 21.79
C GLY F 186 15.47 3.53 20.96
N ILE F 187 16.26 3.31 19.91
CA ILE F 187 16.05 2.16 19.06
C ILE F 187 17.35 1.82 18.34
N ALA F 188 17.62 0.53 18.20
CA ALA F 188 18.82 0.07 17.53
C ALA F 188 18.63 -1.33 16.99
N LEU F 189 19.32 -1.62 15.90
CA LEU F 189 19.28 -2.93 15.26
C LEU F 189 20.58 -3.64 15.59
N SER F 190 20.52 -4.95 15.81
CA SER F 190 21.73 -5.72 16.08
C SER F 190 22.49 -5.75 14.76
N THR F 191 23.74 -6.20 14.79
CA THR F 191 24.54 -6.24 13.56
C THR F 191 23.93 -7.13 12.49
N ASP F 192 23.22 -8.19 12.89
CA ASP F 192 22.59 -9.08 11.92
C ASP F 192 21.17 -8.61 11.62
N GLU F 193 20.79 -7.51 12.25
CA GLU F 193 19.47 -6.91 12.07
C GLU F 193 18.29 -7.83 12.34
N LYS F 194 18.53 -8.87 13.14
CA LYS F 194 17.47 -9.81 13.49
C LYS F 194 16.95 -9.53 14.90
N VAL F 195 17.57 -8.56 15.57
CA VAL F 195 17.17 -8.16 16.90
C VAL F 195 16.97 -6.65 16.95
N LEU F 196 15.83 -6.22 17.47
CA LEU F 196 15.53 -4.80 17.58
C LEU F 196 15.48 -4.42 19.06
N TRP F 197 16.24 -3.39 19.43
CA TRP F 197 16.27 -2.91 20.81
C TRP F 197 15.48 -1.62 20.89
N VAL F 198 14.63 -1.49 21.91
CA VAL F 198 13.81 -0.28 22.08
C VAL F 198 13.79 0.13 23.55
N THR F 199 13.92 1.42 23.83
CA THR F 199 13.85 1.86 25.21
C THR F 199 12.51 2.55 25.42
N GLU F 200 11.92 2.32 26.59
CA GLU F 200 10.61 2.88 26.94
C GLU F 200 10.86 3.80 28.12
N THR F 201 10.97 5.09 27.82
CA THR F 201 11.29 6.10 28.82
C THR F 201 10.43 6.19 30.08
N THR F 202 9.13 6.36 29.93
CA THR F 202 8.25 6.55 31.09
C THR F 202 7.86 5.33 31.91
N ALA F 203 8.35 4.16 31.54
CA ALA F 203 8.08 2.94 32.29
C ALA F 203 9.42 2.30 32.72
N ASN F 204 10.53 2.93 32.31
CA ASN F 204 11.86 2.43 32.66
C ASN F 204 12.07 0.97 32.27
N ARG F 205 11.82 0.64 31.00
CA ARG F 205 11.99 -0.73 30.54
C ARG F 205 12.78 -0.81 29.24
N LEU F 206 13.53 -1.90 29.09
CA LEU F 206 14.31 -2.17 27.89
C LEU F 206 13.59 -3.29 27.14
N HIS F 207 13.34 -3.07 25.86
CA HIS F 207 12.67 -4.07 25.03
C HIS F 207 13.66 -4.73 24.08
N ARG F 208 13.53 -6.04 23.93
CA ARG F 208 14.37 -6.83 23.03
C ARG F 208 13.40 -7.56 22.14
N ILE F 209 13.45 -7.28 20.84
CA ILE F 209 12.52 -7.91 19.89
C ILE F 209 13.21 -8.74 18.82
N ALA F 210 12.98 -10.05 18.86
CA ALA F 210 13.56 -10.97 17.88
C ALA F 210 12.63 -10.95 16.66
N LEU F 211 13.18 -10.57 15.52
CA LEU F 211 12.42 -10.47 14.28
C LEU F 211 12.64 -11.63 13.32
N GLU F 212 11.60 -11.95 12.55
CA GLU F 212 11.69 -13.00 11.55
C GLU F 212 12.52 -12.40 10.42
N ASP F 213 12.91 -13.23 9.45
CA ASP F 213 13.72 -12.75 8.33
C ASP F 213 13.07 -11.62 7.54
N ASP F 214 11.74 -11.54 7.55
CA ASP F 214 11.06 -10.47 6.81
C ASP F 214 11.28 -9.11 7.45
N GLY F 215 11.79 -9.11 8.68
CA GLY F 215 12.06 -7.86 9.38
C GLY F 215 10.88 -7.12 9.97
N VAL F 216 9.67 -7.68 9.85
CA VAL F 216 8.49 -7.01 10.40
C VAL F 216 7.66 -7.91 11.31
N THR F 217 7.86 -9.22 11.19
CA THR F 217 7.11 -10.16 12.01
C THR F 217 7.91 -10.55 13.25
N ILE F 218 7.31 -10.41 14.41
CA ILE F 218 7.98 -10.77 15.65
C ILE F 218 7.95 -12.28 15.78
N GLN F 219 9.09 -12.87 16.13
CA GLN F 219 9.16 -14.31 16.30
C GLN F 219 8.21 -14.68 17.42
N PRO F 220 7.77 -15.95 17.47
CA PRO F 220 6.85 -16.34 18.55
C PRO F 220 7.48 -15.99 19.90
N PHE F 221 6.70 -15.33 20.76
CA PHE F 221 7.15 -14.92 22.09
C PHE F 221 8.50 -14.21 21.98
N GLY F 222 8.73 -13.57 20.84
CA GLY F 222 9.99 -12.90 20.58
C GLY F 222 10.24 -11.49 21.10
N ALA F 223 9.20 -10.83 21.61
CA ALA F 223 9.36 -9.48 22.16
C ALA F 223 9.35 -9.64 23.68
N THR F 224 10.47 -9.31 24.31
CA THR F 224 10.62 -9.46 25.74
C THR F 224 11.16 -8.21 26.44
N ILE F 225 11.22 -8.28 27.77
CA ILE F 225 11.73 -7.19 28.59
C ILE F 225 12.91 -7.77 29.36
N PRO F 226 14.12 -7.72 28.80
CA PRO F 226 15.29 -8.26 29.48
C PRO F 226 15.80 -7.42 30.65
N TYR F 227 15.38 -6.16 30.71
CA TYR F 227 15.86 -5.30 31.78
C TYR F 227 14.88 -4.23 32.21
N TYR F 228 14.83 -4.00 33.51
CA TYR F 228 14.01 -2.95 34.08
C TYR F 228 14.99 -1.91 34.59
N PHE F 229 14.97 -0.74 33.99
CA PHE F 229 15.86 0.35 34.39
C PHE F 229 15.33 0.90 35.71
N THR F 230 16.08 1.82 36.29
CA THR F 230 15.67 2.46 37.53
C THR F 230 16.16 3.89 37.54
N GLY F 231 15.49 4.74 38.32
CA GLY F 231 15.89 6.13 38.43
C GLY F 231 15.15 7.10 37.51
N HIS F 232 15.00 8.33 37.98
CA HIS F 232 14.34 9.38 37.21
C HIS F 232 15.40 9.90 36.22
N GLU F 233 15.03 10.14 34.96
CA GLU F 233 13.68 9.93 34.45
C GLU F 233 13.47 8.55 33.81
N GLY F 234 14.40 8.15 32.95
CA GLY F 234 14.30 6.87 32.29
C GLY F 234 15.29 6.71 31.16
N PRO F 235 15.26 5.58 30.43
CA PRO F 235 16.20 5.37 29.32
C PRO F 235 15.91 6.28 28.13
N ASP F 236 16.98 6.70 27.45
CA ASP F 236 16.84 7.58 26.30
C ASP F 236 17.38 6.87 25.06
N SER F 237 18.12 7.60 24.24
CA SER F 237 18.68 7.07 22.99
C SER F 237 19.74 5.99 23.20
N CYS F 238 19.93 5.17 22.18
CA CYS F 238 20.90 4.11 22.25
C CYS F 238 21.58 3.82 20.91
N CYS F 239 22.70 3.10 20.98
CA CYS F 239 23.45 2.69 19.81
C CYS F 239 24.16 1.42 20.21
N ILE F 240 24.72 0.71 19.23
CA ILE F 240 25.43 -0.52 19.52
C ILE F 240 26.89 -0.36 19.08
N ASP F 241 27.70 -1.37 19.37
CA ASP F 241 29.08 -1.37 18.92
C ASP F 241 29.19 -2.63 18.08
N SER F 242 30.34 -2.86 17.45
CA SER F 242 30.52 -4.02 16.59
C SER F 242 30.40 -5.39 17.26
N ASP F 243 30.40 -5.42 18.60
CA ASP F 243 30.28 -6.68 19.34
C ASP F 243 28.83 -6.90 19.78
N ASP F 244 27.96 -6.05 19.26
CA ASP F 244 26.53 -6.09 19.56
C ASP F 244 26.15 -5.69 20.98
N ASN F 245 27.01 -4.93 21.63
CA ASN F 245 26.70 -4.44 22.97
C ASN F 245 25.82 -3.22 22.71
N LEU F 246 24.92 -2.93 23.66
CA LEU F 246 24.00 -1.80 23.53
C LEU F 246 24.34 -0.70 24.52
N TYR F 247 24.46 0.53 24.02
CA TYR F 247 24.77 1.67 24.86
C TYR F 247 23.51 2.52 25.00
N VAL F 248 23.02 2.66 26.22
CA VAL F 248 21.81 3.42 26.48
C VAL F 248 22.03 4.66 27.33
N ALA F 249 21.76 5.83 26.76
CA ALA F 249 21.89 7.08 27.51
C ALA F 249 20.69 7.14 28.44
N MET F 250 20.92 7.47 29.70
CA MET F 250 19.85 7.54 30.68
C MET F 250 19.47 8.99 30.97
N TYR F 251 18.32 9.40 30.44
CA TYR F 251 17.85 10.76 30.62
C TYR F 251 17.57 11.15 32.06
N GLY F 252 18.21 12.23 32.50
CA GLY F 252 18.02 12.72 33.86
C GLY F 252 18.89 12.02 34.89
N GLN F 253 19.69 11.06 34.45
CA GLN F 253 20.54 10.29 35.35
C GLN F 253 22.04 10.55 35.20
N GLY F 254 22.40 11.35 34.20
CA GLY F 254 23.80 11.66 33.97
C GLY F 254 24.67 10.43 33.85
N ARG F 255 24.24 9.47 33.02
CA ARG F 255 25.01 8.26 32.82
C ARG F 255 24.56 7.51 31.59
N VAL F 256 25.36 6.52 31.21
CA VAL F 256 25.08 5.66 30.08
C VAL F 256 25.28 4.24 30.58
N LEU F 257 24.32 3.36 30.32
CA LEU F 257 24.43 1.97 30.73
C LEU F 257 24.74 1.15 29.49
N VAL F 258 25.58 0.13 29.66
CA VAL F 258 25.97 -0.73 28.54
C VAL F 258 25.54 -2.17 28.80
N PHE F 259 24.96 -2.79 27.78
CA PHE F 259 24.47 -4.16 27.86
C PHE F 259 25.13 -5.03 26.79
N ASN F 260 25.25 -6.33 27.05
CA ASN F 260 25.83 -7.23 26.06
C ASN F 260 24.75 -7.67 25.07
N LYS F 261 25.15 -8.50 24.11
CA LYS F 261 24.24 -8.99 23.07
C LYS F 261 22.95 -9.62 23.59
N ARG F 262 23.00 -10.18 24.80
CA ARG F 262 21.83 -10.82 25.38
C ARG F 262 20.99 -9.90 26.27
N GLY F 263 21.39 -8.64 26.39
CA GLY F 263 20.62 -7.70 27.18
C GLY F 263 20.97 -7.59 28.65
N TYR F 264 22.12 -8.13 29.04
CA TYR F 264 22.58 -8.07 30.42
C TYR F 264 23.54 -6.89 30.58
N PRO F 265 23.47 -6.17 31.72
CA PRO F 265 24.36 -5.03 31.95
C PRO F 265 25.81 -5.44 32.14
N ILE F 266 26.72 -4.74 31.46
CA ILE F 266 28.14 -5.04 31.54
C ILE F 266 29.01 -3.80 31.72
N GLY F 267 28.42 -2.61 31.61
CA GLY F 267 29.21 -1.40 31.77
C GLY F 267 28.39 -0.21 32.20
N GLN F 268 29.08 0.80 32.73
CA GLN F 268 28.42 2.01 33.21
C GLN F 268 29.35 3.20 33.05
N ILE F 269 28.84 4.25 32.42
CA ILE F 269 29.61 5.47 32.17
C ILE F 269 28.94 6.65 32.86
N LEU F 270 29.66 7.28 33.78
CA LEU F 270 29.11 8.41 34.52
C LEU F 270 29.51 9.75 33.91
N ILE F 271 28.59 10.71 33.98
CA ILE F 271 28.86 12.05 33.48
C ILE F 271 29.27 12.88 34.70
N PRO F 272 30.44 13.54 34.63
CA PRO F 272 30.94 14.37 35.72
C PRO F 272 29.91 15.38 36.21
N GLY F 273 29.77 15.50 37.54
CA GLY F 273 28.84 16.45 38.11
C GLY F 273 27.46 15.92 38.46
N ARG F 274 27.15 14.70 38.02
CA ARG F 274 25.83 14.13 38.29
C ARG F 274 25.43 14.12 39.76
N ASP F 275 26.37 13.81 40.64
CA ASP F 275 26.08 13.78 42.08
C ASP F 275 25.55 15.10 42.60
N GLU F 276 25.97 16.20 41.98
CA GLU F 276 25.54 17.52 42.40
C GLU F 276 24.37 18.04 41.56
N GLY F 277 23.80 17.17 40.74
CA GLY F 277 22.67 17.55 39.92
C GLY F 277 23.01 18.24 38.60
N HIS F 278 24.27 18.19 38.21
CA HIS F 278 24.73 18.81 36.96
C HIS F 278 24.82 17.83 35.80
N MET F 279 24.57 18.32 34.58
CA MET F 279 24.67 17.52 33.37
C MET F 279 23.88 16.20 33.41
N LEU F 280 22.72 16.23 34.04
CA LEU F 280 21.90 15.02 34.15
C LEU F 280 21.21 14.61 32.86
N ARG F 281 21.05 15.57 31.94
CA ARG F 281 20.37 15.28 30.68
C ARG F 281 21.24 14.63 29.62
N SER F 282 21.74 13.44 29.95
CA SER F 282 22.56 12.64 29.04
C SER F 282 21.56 11.97 28.10
N THR F 283 21.58 12.38 26.83
CA THR F 283 20.60 11.88 25.87
C THR F 283 21.00 10.93 24.76
N HIS F 284 22.26 10.97 24.32
CA HIS F 284 22.64 10.15 23.18
C HIS F 284 24.10 9.71 23.13
N PRO F 285 24.35 8.45 22.75
CA PRO F 285 25.70 7.88 22.64
C PRO F 285 25.97 7.56 21.16
N GLN F 286 27.21 7.71 20.72
CA GLN F 286 27.55 7.42 19.33
C GLN F 286 29.07 7.31 19.17
N PHE F 287 29.52 6.35 18.38
CA PHE F 287 30.95 6.14 18.17
C PHE F 287 31.55 6.89 16.99
N ILE F 288 32.79 7.36 17.15
CA ILE F 288 33.49 8.02 16.07
C ILE F 288 33.75 6.84 15.12
N PRO F 289 33.34 6.95 13.85
CA PRO F 289 33.53 5.87 12.88
C PRO F 289 34.92 5.25 12.86
N GLY F 290 34.95 3.92 12.80
CA GLY F 290 36.21 3.20 12.76
C GLY F 290 37.00 3.14 14.05
N THR F 291 36.38 3.55 15.16
CA THR F 291 37.07 3.53 16.45
C THR F 291 36.13 3.06 17.55
N ASN F 292 36.68 2.89 18.75
CA ASN F 292 35.90 2.49 19.90
C ASN F 292 35.71 3.70 20.79
N GLN F 293 35.90 4.90 20.24
CA GLN F 293 35.73 6.12 21.02
C GLN F 293 34.28 6.55 20.96
N LEU F 294 33.63 6.54 22.12
CA LEU F 294 32.23 6.91 22.25
C LEU F 294 32.05 8.37 22.63
N ILE F 295 31.09 9.03 21.98
CA ILE F 295 30.78 10.41 22.28
C ILE F 295 29.40 10.39 22.93
N ILE F 296 29.23 11.20 23.97
CA ILE F 296 27.97 11.28 24.70
C ILE F 296 27.59 12.74 24.93
N CYS F 297 26.39 13.12 24.52
CA CYS F 297 25.96 14.50 24.72
C CYS F 297 25.06 14.64 25.93
N SER F 298 25.24 15.74 26.66
CA SER F 298 24.45 16.05 27.84
C SER F 298 24.40 17.57 27.97
N ASN F 299 23.56 18.06 28.86
CA ASN F 299 23.46 19.51 29.07
C ASN F 299 23.09 19.81 30.51
N ASP F 300 23.35 21.04 30.93
CA ASP F 300 23.09 21.46 32.29
C ASP F 300 22.03 22.55 32.36
N ILE F 301 21.01 22.45 31.50
CA ILE F 301 19.92 23.42 31.49
C ILE F 301 19.30 23.59 32.88
N GLU F 302 19.16 22.48 33.59
CA GLU F 302 18.55 22.49 34.92
C GLU F 302 19.29 23.33 35.96
N MET F 303 20.60 23.47 35.78
CA MET F 303 21.42 24.24 36.72
C MET F 303 21.93 25.55 36.12
N GLY F 304 21.38 25.92 34.97
CA GLY F 304 21.81 27.15 34.32
C GLY F 304 23.18 27.01 33.70
N GLY F 305 23.56 25.77 33.41
CA GLY F 305 24.86 25.51 32.81
C GLY F 305 24.84 25.38 31.29
N GLY F 306 25.92 24.85 30.74
CA GLY F 306 26.04 24.70 29.31
C GLY F 306 25.68 23.37 28.68
N SER F 307 26.17 23.16 27.46
CA SER F 307 25.91 21.95 26.69
C SER F 307 27.27 21.34 26.36
N MET F 308 27.47 20.09 26.76
CA MET F 308 28.76 19.45 26.57
C MET F 308 28.74 18.04 25.97
N LEU F 309 29.81 17.73 25.24
CA LEU F 309 29.98 16.41 24.65
C LEU F 309 31.07 15.73 25.47
N TYR F 310 30.80 14.53 25.95
CA TYR F 310 31.76 13.78 26.75
C TYR F 310 32.25 12.57 25.96
N THR F 311 33.31 11.94 26.43
CA THR F 311 33.86 10.78 25.73
C THR F 311 34.56 9.76 26.64
N VAL F 312 34.57 8.52 26.17
CA VAL F 312 35.22 7.39 26.83
C VAL F 312 35.42 6.37 25.70
N ASN F 313 36.14 5.29 26.00
CA ASN F 313 36.34 4.24 25.01
C ASN F 313 35.44 3.06 25.35
N GLY F 314 34.64 2.62 24.38
CA GLY F 314 33.72 1.51 24.60
C GLY F 314 34.39 0.15 24.52
N PHE F 315 33.60 -0.91 24.61
CA PHE F 315 34.13 -2.28 24.55
C PHE F 315 34.69 -2.66 23.19
N ALA F 316 34.16 -2.05 22.13
CA ALA F 316 34.61 -2.37 20.78
C ALA F 316 34.34 -1.22 19.83
N LYS F 317 34.85 -1.34 18.61
CA LYS F 317 34.66 -0.30 17.60
C LYS F 317 33.19 -0.14 17.26
N GLY F 318 32.80 1.07 16.89
CA GLY F 318 31.42 1.32 16.53
C GLY F 318 31.01 0.48 15.35
N HIS F 319 29.71 0.27 15.19
CA HIS F 319 29.17 -0.52 14.10
C HIS F 319 29.03 0.33 12.84
N GLN F 320 29.38 -0.23 11.69
CA GLN F 320 29.26 0.49 10.43
C GLN F 320 27.80 0.53 10.01
N SER F 321 27.08 1.54 10.48
CA SER F 321 25.67 1.69 10.17
C SER F 321 25.46 2.07 8.70
N PHE F 322 24.19 2.14 8.30
CA PHE F 322 23.78 2.43 6.92
C PHE F 322 24.49 3.56 6.16
N GLN F 323 24.81 4.66 6.83
CA GLN F 323 25.47 5.78 6.14
C GLN F 323 26.86 5.46 5.62
N PHE F 324 27.43 4.35 6.04
CA PHE F 324 28.77 3.96 5.59
C PHE F 324 28.71 2.81 4.59
N GLN F 325 27.50 2.38 4.24
CA GLN F 325 27.33 1.25 3.31
C GLN F 325 27.92 1.50 1.93
N LEU F 326 28.19 0.40 1.22
CA LEU F 326 28.74 0.43 -0.13
C LEU F 326 30.22 0.79 -0.10
CA CA G . -20.92 -46.12 5.02
CA CA H . -5.48 -41.64 9.71
C1 GOL I . -28.63 -53.42 13.38
O1 GOL I . -29.89 -52.82 13.69
C2 GOL I . -28.45 -54.71 14.20
O2 GOL I . -29.28 -55.74 13.67
C3 GOL I . -26.98 -55.15 14.17
O3 GOL I . -26.60 -55.44 12.82
C1 GOL J . -35.91 -71.99 -13.11
O1 GOL J . -36.89 -71.49 -14.03
C2 GOL J . -34.91 -70.88 -12.78
O2 GOL J . -35.60 -69.65 -12.51
C3 GOL J . -34.07 -71.29 -11.56
O3 GOL J . -34.83 -71.14 -10.37
CA CA K . -13.72 -2.04 -11.17
CA CA L . 2.22 -1.37 -6.18
C1 GOL M . -16.94 -8.33 -22.66
O1 GOL M . -17.86 -9.41 -22.54
C2 GOL M . -16.44 -8.22 -24.11
O2 GOL M . -17.50 -7.74 -24.95
C3 GOL M . -15.25 -7.27 -24.18
O3 GOL M . -15.64 -5.96 -23.73
C1 GOL N . -35.73 18.15 -29.18
O1 GOL N . -36.45 17.12 -29.86
C2 GOL N . -34.70 17.54 -28.22
O2 GOL N . -35.30 16.47 -27.47
C3 GOL N . -33.50 17.01 -29.02
O3 GOL N . -33.79 15.74 -29.60
CA CA O . -13.36 27.26 -32.49
CA CA P . 2.97 29.81 -30.79
C1 GOL Q . -21.81 37.79 -33.88
O1 GOL Q . -22.57 37.82 -35.09
C2 GOL Q . -22.05 39.10 -33.10
O2 GOL Q . -23.36 39.06 -32.52
C3 GOL Q . -20.99 39.25 -32.01
O3 GOL Q . -21.11 38.19 -31.06
C1 GOL R . -41.04 22.92 -11.54
O1 GOL R . -41.87 21.80 -11.87
C2 GOL R . -39.61 22.67 -12.01
O2 GOL R . -39.61 22.33 -13.40
C3 GOL R . -38.75 23.91 -11.78
O3 GOL R . -39.07 24.93 -12.74
CA CA S . 24.90 36.80 -16.96
CA CA T . 9.69 37.82 -23.58
C1 GOL U . 31.17 48.00 -12.54
O1 GOL U . 31.71 47.97 -11.21
C2 GOL U . 31.56 49.30 -13.23
O2 GOL U . 32.98 49.38 -13.37
C3 GOL U . 30.88 49.37 -14.61
O3 GOL U . 31.31 48.25 -15.41
C1 GOL V . 57.56 36.06 -28.94
O1 GOL V . 58.31 36.85 -28.01
C2 GOL V . 56.09 35.98 -28.52
O2 GOL V . 55.99 35.63 -27.14
C3 GOL V . 55.40 37.32 -28.79
O3 GOL V . 55.47 38.18 -27.65
CA CA W . 7.59 -24.08 31.18
CA CA X . -6.08 -24.50 21.57
C1 GOL Y . 7.74 -31.06 42.74
O1 GOL Y . 8.89 -31.88 42.95
C2 GOL Y . 6.87 -31.04 44.02
O2 GOL Y . 7.64 -30.53 45.12
C3 GOL Y . 5.63 -30.16 43.80
O3 GOL Y . 6.03 -28.83 43.46
C1 GOL Z . 20.93 -3.68 56.22
O1 GOL Z . 22.26 -3.20 56.01
C2 GOL Z . 20.30 -4.02 54.86
O2 GOL Z . 21.09 -5.00 54.19
C3 GOL Z . 18.87 -4.55 55.06
O3 GOL Z . 18.89 -5.89 55.54
CA CA AA . 16.12 10.06 22.25
CA CA BA . 2.40 13.43 13.19
C1 GOL CA . 26.79 4.19 16.20
O1 GOL CA . 28.08 4.77 16.41
C2 GOL CA . 26.92 2.86 15.45
O2 GOL CA . 27.71 1.96 16.21
C3 GOL CA . 25.52 2.26 15.20
O3 GOL CA . 24.92 1.90 16.44
C1 GOL DA . 27.83 -15.73 42.80
O1 GOL DA . 28.10 -15.43 44.18
C2 GOL DA . 26.74 -14.78 42.28
O2 GOL DA . 27.24 -13.44 42.28
C3 GOL DA . 26.33 -15.19 40.86
O3 GOL DA . 27.28 -14.72 39.91
#